data_7M2Z
#
_entry.id   7M2Z
#
loop_
_entity.id
_entity.type
_entity.pdbx_description
1 polymer 'Tubulin gamma chain'
2 polymer 'Spindle pole body component SPC98'
3 polymer 'Spindle pole body component SPC97'
4 non-polymer "GUANOSINE-5'-DIPHOSPHATE"
#
loop_
_entity_poly.entity_id
_entity_poly.type
_entity_poly.pdbx_seq_one_letter_code
_entity_poly.pdbx_strand_id
1 'polypeptide(L)'
;MGGEIITLQAGQCGNHVGKFLWSQLAKEHAIGTDGLSQLPDSSTERDDDTKPFFRENSRNKFTPRAIMMDSEPSVIADVE
NTFRGFFDPRNTWVASDGASAGNSWANGYDIGTRNQDDILNKIDKEIDSTDNFEGFQLLHSVAGGTGSGLGSNLLEALCD
RYPKKILTTYSVFPARSSEVVVQSYNTILALRRLIEDSDATVVFDNASLLNISGKVFRNPNIDLQHTNQLISTIISSVTN
SIRFPSYMYSSMSSIYSTLIPSPELHFLSPSFTPFTSDYIHDDIAHKGHSSYDVMLDLLDPSNSLVSTAMNNPTYFNVYN
TIIGNVEPRQISRAMTKLQQRIKFPSWSSSAMHVNIGRRSPYLPLQPNENEVSGMMLSNMSTVVNVFENACNTFDKVFAK
GAFLNNYNVGDLFQSMQNVQDEFAESREVVQSLMEDYVAAEQDSYLDDVLVDDENMVGELEEDLDADGDHKLV
;
B,A
2 'polypeptide(L)'
;MELEPTLFGIIEALAPQLLSQSHLQTFVSDVVNLLRSSTKSATQLGPLIDFYKLQSLDSPETTIMWHKIEKFLDALFGIQ
NTDDMVKYLSVFQSLLPSNYRAKIVQKSSGLNMENLANHEHLLSPVRAPSIYTEASFENMDRFSERRSMVSSPNRYVPSS
TYSSVTLRQLSNPYYVNTIPEEDILKYVSYTLLATTSALFPFDHEQIQIPSKIPNFESGLLHLIFEAGLLYQSLGYKVEK
FRMLNISPMKKALIIEISEELQNYTAFVNNLVSSGTVVSLKSLYREIYENIIRLRIYCRFTEHLEELSGDTFLIELNIFK
SHGDLTIRKIATNLFNSMISLYYEYLMNWLTKGLLRATYGEFFIAENTDTNGTDDDFIYHIPIEFNQERVPAFIPKELAY
KIFMIGKSYIFLEKYCKEVQWTNEFSKKYHVLYQSNSYRGISTNFFEIINDQYSEIVNHTNQILNQKFHYRDVVFALKNI
LLMGKSDFMDALIEKANDILATPSDSLPNYKLTRVLQEAVQLSSLRHLMNSPRNSSVINGLDARVLDLGHGSVGWDVFTL
DYILYPPLSLVLNVNRPFGRKEYLRIFNFLWRFKKNNYFYQKEMLKSNDIIRSFKKIRGYNPLIRDIINKLSRISILRTQ
FQQFNSKMESYYLNCIIEENFKEMTRKLQRTENKSQNQFDLIRLNNGTIELNGILTPKAEVLTKSSSSKPQKHAIEKTLN
IDELESVHNTFLTNILSHKLFATNTSEISVGDYSGQPYPTSLVLLLNSVYEFVKVYCNLNDIGYEIFIKMNLNDHEASNG
LLGKFNTNLKEIVSQYKNFKDRLYIFRADLKNDGDEELFLLSKSLR
;
C
3 'polypeptide(L)'
;MEIKEVDDRAELLRYTNNIPLLGKLVNHQPLWSTNPKLKSFSLEKISAPDQRRVQEALVVKDLLNVLIGLEGTYIRYFND
YEPSDPETPIEFKIAKKMDPSFKTFSRRIVRYGKQYMILTRAYEKWSDTSFGMVLQRFAYEIRRFLEDVYLKTLVERLER
DFNKVPNFSIRELEQIINETEVNKQMELLYNIYEEIFREIEERRTNQSSQEDFNNFMDSMKNESSLHLRLMVAFDTTVYP
VPKGGAILKIFQQKILENLGDRSSVMFLKKLLNNISQDYCTMLYEWLTQGILNDPYQEFMTYDDLEGKTDNIFDTRDRAW
DTQYFIRKDVLLRDCDSEEDKNLLFKMLRTGILLKVVRASLQIPTIPSNSSDITIQEINDFADLMEGSNLELYVDKCYSR
ANEIFLKLFFQGYDLINVLKHLQQIFLGYQSGHNVLKFLTKNMGELTKHYRNDNNANYDKLLQNFELERQSENPNNLMRQ
LLMIQFDTETLPQVLSHYLQIYPEVPENNSANDDSDPLMHANNFKNMNAILFDELSKERTGAYHGSNLELYTPKSAIYHL
KFDINIPYPLNIIISRTCMIKYQIILRYQLVLQYHSRLLDETWMDLNKTPSWKYRGYSHTVKRRIVRATRVLHAKMNHFI
KTIMEYFNQNVIDKEVYSLEKCYRNPTLAVAIQNELEGGLTNIMTNRCLSDLIPLQLQIFDIVYKFCKFIKSMRAKLCQL
DPVLYEKHKSGMMKTLNEGYRTNNGGQEDVGYQEDAALELIQKLIEYISNASSIFRKCLINFTQELSTEKFDFYDSSSVD
AAGIERVLYSIVPPRSASASSQR
;
D
#
# COMPACT_ATOMS: atom_id res chain seq x y z
N MET A 1 30.74 -0.97 34.37
CA MET A 1 31.65 -1.35 33.30
C MET A 1 31.02 -1.05 31.94
N GLY A 2 31.87 -0.93 30.92
CA GLY A 2 31.43 -0.46 29.63
C GLY A 2 31.92 0.94 29.38
N GLY A 3 32.98 1.07 28.58
CA GLY A 3 33.63 2.35 28.43
C GLY A 3 34.65 2.34 27.32
N GLU A 4 35.81 2.91 27.63
CA GLU A 4 36.81 3.19 26.61
C GLU A 4 37.64 1.96 26.27
N ILE A 5 38.06 1.91 25.00
CA ILE A 5 38.84 0.84 24.41
C ILE A 5 40.16 1.41 23.93
N ILE A 6 41.25 0.70 24.16
CA ILE A 6 42.55 1.06 23.63
C ILE A 6 42.99 -0.05 22.68
N THR A 7 43.36 0.30 21.45
CA THR A 7 43.73 -0.70 20.47
C THR A 7 45.23 -0.69 20.23
N LEU A 8 45.76 -1.86 19.86
CA LEU A 8 47.19 -2.04 19.65
C LEU A 8 47.44 -2.60 18.26
N GLN A 9 48.50 -2.10 17.62
CA GLN A 9 48.82 -2.44 16.23
C GLN A 9 50.18 -3.13 16.25
N ALA A 10 50.22 -4.39 15.82
CA ALA A 10 51.44 -5.18 16.03
C ALA A 10 52.49 -4.92 14.95
N GLY A 11 52.19 -5.26 13.70
CA GLY A 11 53.25 -5.30 12.71
C GLY A 11 52.92 -4.49 11.49
N GLN A 12 53.83 -4.53 10.52
CA GLN A 12 53.70 -3.69 9.33
C GLN A 12 52.40 -3.99 8.59
N CYS A 13 52.11 -5.27 8.36
CA CYS A 13 50.81 -5.60 7.80
C CYS A 13 49.70 -5.15 8.72
N GLY A 14 49.86 -5.38 10.02
CA GLY A 14 48.86 -4.92 10.97
C GLY A 14 48.71 -3.41 10.98
N ASN A 15 49.81 -2.70 10.79
CA ASN A 15 49.73 -1.24 10.80
C ASN A 15 49.03 -0.74 9.55
N HIS A 16 49.22 -1.41 8.41
CA HIS A 16 48.39 -1.13 7.24
C HIS A 16 46.92 -1.40 7.53
N VAL A 17 46.64 -2.52 8.20
CA VAL A 17 45.28 -2.85 8.57
C VAL A 17 44.68 -1.70 9.37
N GLY A 18 45.42 -1.20 10.34
CA GLY A 18 44.90 -0.14 11.19
C GLY A 18 44.70 1.16 10.44
N LYS A 19 45.60 1.47 9.52
CA LYS A 19 45.41 2.68 8.72
C LYS A 19 44.10 2.62 7.94
N PHE A 20 43.86 1.50 7.27
CA PHE A 20 42.58 1.34 6.57
C PHE A 20 41.41 1.34 7.54
N LEU A 21 41.56 0.69 8.68
CA LEU A 21 40.51 0.65 9.68
C LEU A 21 40.08 2.05 10.08
N TRP A 22 41.04 2.90 10.41
CA TRP A 22 40.67 4.19 10.93
C TRP A 22 40.19 5.10 9.81
N SER A 23 40.66 4.87 8.59
CA SER A 23 39.98 5.44 7.43
C SER A 23 38.49 5.16 7.50
N GLN A 24 38.12 3.88 7.53
CA GLN A 24 36.71 3.52 7.49
C GLN A 24 35.96 4.09 8.69
N LEU A 25 36.56 4.01 9.86
CA LEU A 25 35.93 4.50 11.08
C LEU A 25 35.63 5.98 10.99
N ALA A 26 36.62 6.81 10.65
CA ALA A 26 36.38 8.24 10.61
C ALA A 26 35.47 8.60 9.45
N LYS A 27 35.42 7.73 8.44
CA LYS A 27 34.44 7.93 7.37
C LYS A 27 33.03 7.75 7.89
N GLU A 28 32.84 6.78 8.80
CA GLU A 28 31.50 6.49 9.30
C GLU A 28 30.92 7.65 10.10
N HIS A 29 31.76 8.32 10.89
CA HIS A 29 31.30 9.37 11.80
C HIS A 29 31.45 10.76 11.20
N ALA A 30 31.81 10.84 9.91
CA ALA A 30 32.04 12.12 9.23
C ALA A 30 33.09 12.94 9.97
N ILE A 31 34.30 12.40 10.03
CA ILE A 31 35.40 13.05 10.73
C ILE A 31 36.41 13.51 9.68
N GLY A 32 36.88 14.75 9.82
CA GLY A 32 37.85 15.29 8.90
C GLY A 32 39.15 14.54 8.92
N THR A 33 39.70 14.36 7.73
CA THR A 33 40.94 13.61 7.55
C THR A 33 42.08 14.15 8.40
N ASP A 34 42.07 15.44 8.70
CA ASP A 34 43.03 16.03 9.61
C ASP A 34 42.56 15.97 11.06
N GLY A 35 41.39 15.41 11.32
CA GLY A 35 40.89 15.29 12.67
C GLY A 35 39.98 16.40 13.15
N LEU A 36 39.76 17.44 12.35
CA LEU A 36 38.80 18.48 12.70
C LEU A 36 37.42 18.11 12.21
N SER A 37 36.42 18.68 12.87
CA SER A 37 35.03 18.34 12.60
C SER A 37 34.68 18.60 11.14
N GLN A 38 34.09 17.60 10.50
CA GLN A 38 33.59 17.72 9.15
C GLN A 38 32.10 18.01 9.10
N LEU A 39 31.56 18.52 10.17
CA LEU A 39 30.14 18.83 10.17
C LEU A 39 29.90 20.30 10.50
N PRO A 40 29.00 20.96 9.78
CA PRO A 40 28.60 22.32 10.18
C PRO A 40 27.88 22.28 11.51
N ASP A 41 28.22 23.26 12.35
CA ASP A 41 27.69 23.33 13.71
C ASP A 41 26.25 23.83 13.75
N SER A 42 25.57 23.87 12.59
CA SER A 42 24.19 24.30 12.55
C SER A 42 23.32 23.42 13.44
N SER A 43 23.53 22.12 13.39
CA SER A 43 22.89 21.19 14.32
C SER A 43 23.78 21.02 15.53
N THR A 44 23.15 21.02 16.72
CA THR A 44 23.87 20.74 17.95
C THR A 44 23.59 19.35 18.50
N GLU A 45 22.62 18.62 17.94
CA GLU A 45 22.32 17.30 18.45
C GLU A 45 23.16 16.24 17.75
N ARG A 46 23.64 15.29 18.54
CA ARG A 46 24.40 14.16 18.03
C ARG A 46 23.86 12.90 18.67
N ASP A 47 23.72 11.86 17.85
CA ASP A 47 23.06 10.64 18.29
C ASP A 47 23.97 9.43 18.06
N ASP A 48 25.24 9.57 18.43
CA ASP A 48 26.13 8.42 18.59
C ASP A 48 27.26 8.82 19.53
N ASP A 49 28.06 7.83 19.90
CA ASP A 49 29.06 8.00 20.96
C ASP A 49 30.44 7.73 20.40
N THR A 50 31.32 8.71 20.48
CA THR A 50 32.71 8.54 20.11
C THR A 50 33.64 8.63 21.30
N LYS A 51 33.10 8.75 22.52
CA LYS A 51 33.94 8.71 23.72
C LYS A 51 34.73 7.41 23.90
N PRO A 52 34.20 6.22 23.57
CA PRO A 52 35.01 5.01 23.78
C PRO A 52 36.34 5.01 23.04
N PHE A 53 36.39 5.53 21.83
CA PHE A 53 37.61 5.45 21.02
C PHE A 53 38.46 6.71 21.03
N PHE A 54 37.85 7.90 21.10
CA PHE A 54 38.57 9.15 20.92
C PHE A 54 38.60 9.95 22.20
N ARG A 55 39.41 11.00 22.18
CA ARG A 55 39.44 12.01 23.23
C ARG A 55 39.32 13.37 22.57
N GLU A 56 38.95 14.39 23.34
CA GLU A 56 38.72 15.71 22.77
C GLU A 56 39.38 16.80 23.61
N ASN A 57 39.75 17.89 22.96
CA ASN A 57 40.39 19.03 23.59
C ASN A 57 39.49 20.25 23.55
N SER A 58 39.99 21.37 24.05
CA SER A 58 39.26 22.63 23.98
C SER A 58 39.10 23.13 22.55
N ARG A 59 39.90 22.61 21.62
CA ARG A 59 39.85 23.05 20.22
C ARG A 59 39.09 22.09 19.33
N ASN A 60 38.36 21.14 19.91
CA ASN A 60 37.47 20.24 19.17
C ASN A 60 38.22 19.40 18.14
N LYS A 61 39.49 19.13 18.39
CA LYS A 61 40.24 18.16 17.61
C LYS A 61 40.07 16.79 18.24
N PHE A 62 39.86 15.77 17.41
CA PHE A 62 39.74 14.41 17.89
C PHE A 62 41.12 13.80 18.03
N THR A 63 41.53 13.50 19.26
CA THR A 63 42.75 12.76 19.52
C THR A 63 42.42 11.28 19.49
N PRO A 64 42.92 10.54 18.51
CA PRO A 64 42.69 9.10 18.49
C PRO A 64 43.29 8.41 19.70
N ARG A 65 42.91 7.15 19.88
CA ARG A 65 43.57 6.28 20.85
C ARG A 65 44.07 5.06 20.10
N ALA A 66 45.39 4.88 20.07
CA ALA A 66 46.01 3.75 19.41
C ALA A 66 47.49 3.75 19.72
N ILE A 67 48.15 2.63 19.43
CA ILE A 67 49.60 2.51 19.54
C ILE A 67 50.09 1.74 18.32
N MET A 68 51.22 2.14 17.78
CA MET A 68 51.67 1.70 16.47
C MET A 68 53.07 1.10 16.65
N MET A 69 53.25 -0.17 16.27
CA MET A 69 54.43 -0.91 16.71
C MET A 69 55.26 -1.48 15.56
N ASP A 70 56.57 -1.21 15.62
CA ASP A 70 57.62 -1.95 14.91
C ASP A 70 58.95 -1.30 15.32
N SER A 71 60.05 -1.86 14.81
CA SER A 71 61.37 -1.24 14.92
C SER A 71 61.75 -0.43 13.70
N GLU A 72 60.93 -0.45 12.65
CA GLU A 72 61.22 0.23 11.39
C GLU A 72 60.25 1.38 11.21
N PRO A 73 60.70 2.63 11.25
CA PRO A 73 59.76 3.76 11.17
C PRO A 73 59.20 4.01 9.78
N SER A 74 59.37 3.09 8.83
CA SER A 74 58.84 3.31 7.50
C SER A 74 57.32 3.28 7.48
N VAL A 75 56.71 2.19 7.95
CA VAL A 75 55.26 2.05 7.84
C VAL A 75 54.54 3.03 8.75
N ILE A 76 55.07 3.24 9.96
CA ILE A 76 54.50 4.23 10.85
C ILE A 76 54.47 5.60 10.20
N ALA A 77 55.61 6.02 9.64
CA ALA A 77 55.68 7.34 9.04
C ALA A 77 54.81 7.42 7.79
N ASP A 78 54.69 6.32 7.05
CA ASP A 78 53.79 6.33 5.90
C ASP A 78 52.36 6.58 6.33
N VAL A 79 51.91 5.88 7.37
CA VAL A 79 50.55 6.09 7.86
C VAL A 79 50.39 7.52 8.34
N GLU A 80 51.36 8.03 9.09
CA GLU A 80 51.27 9.39 9.61
C GLU A 80 51.20 10.41 8.48
N ASN A 81 52.04 10.25 7.46
CA ASN A 81 52.06 11.21 6.37
C ASN A 81 50.84 11.04 5.48
N THR A 82 50.15 9.92 5.60
CA THR A 82 48.88 9.76 4.88
C THR A 82 47.86 10.77 5.35
N PHE A 83 47.84 11.04 6.66
CA PHE A 83 46.89 11.95 7.28
C PHE A 83 47.71 12.93 8.12
N ARG A 84 47.83 14.17 7.65
CA ARG A 84 48.72 15.12 8.32
C ARG A 84 48.23 15.47 9.73
N GLY A 85 46.96 15.21 10.02
CA GLY A 85 46.48 15.19 11.39
C GLY A 85 46.11 13.79 11.76
N PHE A 86 44.94 13.62 12.39
CA PHE A 86 44.30 12.32 12.54
C PHE A 86 45.11 11.35 13.41
N PHE A 87 46.22 11.83 13.99
CA PHE A 87 47.01 11.00 14.88
C PHE A 87 47.82 11.85 15.83
N ASP A 88 48.05 11.32 17.03
CA ASP A 88 48.96 11.96 17.98
C ASP A 88 50.34 11.38 17.73
N PRO A 89 51.36 12.21 17.49
CA PRO A 89 52.69 11.65 17.21
C PRO A 89 53.40 11.08 18.42
N ARG A 90 52.85 11.21 19.62
CA ARG A 90 53.52 10.73 20.82
C ARG A 90 53.11 9.33 21.24
N ASN A 91 52.27 8.66 20.45
CA ASN A 91 51.78 7.33 20.76
C ASN A 91 52.31 6.27 19.81
N THR A 92 53.40 6.55 19.11
CA THR A 92 54.10 5.57 18.31
C THR A 92 55.31 5.08 19.08
N TRP A 93 55.96 4.05 18.55
CA TRP A 93 57.13 3.51 19.24
C TRP A 93 57.97 2.65 18.30
N VAL A 94 59.28 2.85 18.37
CA VAL A 94 60.25 2.22 17.48
C VAL A 94 61.48 1.83 18.28
N ALA A 95 62.08 0.69 17.93
CA ALA A 95 63.31 0.25 18.57
C ALA A 95 64.53 0.63 17.73
N SER A 96 65.72 0.42 18.31
CA SER A 96 66.98 0.72 17.66
C SER A 96 67.94 -0.45 17.89
N ASP A 97 67.91 -1.42 16.99
CA ASP A 97 68.77 -2.59 17.06
C ASP A 97 68.69 -3.31 15.71
N GLY A 98 69.25 -4.52 15.66
CA GLY A 98 69.22 -5.32 14.46
C GLY A 98 67.81 -5.70 14.05
N ALA A 99 67.69 -6.12 12.79
CA ALA A 99 66.39 -6.44 12.23
C ALA A 99 66.45 -7.77 11.50
N SER A 100 65.50 -8.64 11.84
CA SER A 100 65.32 -9.91 11.14
C SER A 100 63.95 -10.45 11.53
N ALA A 101 63.47 -11.39 10.73
CA ALA A 101 62.17 -12.01 10.96
C ALA A 101 62.36 -13.39 11.59
N GLY A 102 61.26 -14.11 11.73
CA GLY A 102 61.31 -15.49 12.15
C GLY A 102 61.62 -15.71 13.61
N ASN A 103 62.71 -16.44 13.87
CA ASN A 103 63.15 -16.68 15.23
C ASN A 103 63.64 -15.42 15.93
N SER A 104 63.80 -14.30 15.20
CA SER A 104 63.97 -13.04 15.88
C SER A 104 62.78 -12.72 16.78
N TRP A 105 61.73 -13.55 16.72
CA TRP A 105 60.73 -13.65 17.76
C TRP A 105 61.41 -13.51 19.11
N ALA A 106 62.41 -14.37 19.32
CA ALA A 106 63.17 -14.36 20.56
C ALA A 106 63.83 -13.01 20.81
N ASN A 107 64.49 -12.47 19.79
CA ASN A 107 65.03 -11.13 19.96
C ASN A 107 63.91 -10.13 20.13
N GLY A 108 62.82 -10.29 19.37
CA GLY A 108 61.67 -9.44 19.55
C GLY A 108 61.12 -9.53 20.96
N TYR A 109 61.03 -10.76 21.48
CA TYR A 109 60.74 -10.96 22.89
C TYR A 109 61.67 -10.11 23.74
N ASP A 110 62.97 -10.19 23.47
CA ASP A 110 63.95 -9.41 24.20
C ASP A 110 63.68 -7.93 24.05
N ILE A 111 63.17 -7.50 22.88
CA ILE A 111 62.78 -6.10 22.72
C ILE A 111 61.97 -5.66 23.93
N GLY A 112 60.93 -6.41 24.27
CA GLY A 112 60.14 -6.06 25.43
C GLY A 112 60.94 -6.13 26.71
N THR A 113 61.73 -7.18 26.89
CA THR A 113 62.56 -7.29 28.08
C THR A 113 63.58 -6.16 28.11
N ARG A 114 63.78 -5.51 26.98
CA ARG A 114 64.62 -4.31 26.95
C ARG A 114 63.79 -3.03 27.02
N ASN A 115 62.55 -3.05 26.52
CA ASN A 115 61.85 -1.82 26.22
C ASN A 115 60.48 -1.68 26.86
N GLN A 116 59.74 -2.78 27.08
CA GLN A 116 58.43 -2.66 27.69
C GLN A 116 58.51 -1.97 29.04
N ASP A 117 59.66 -2.06 29.69
CA ASP A 117 59.91 -1.36 30.94
C ASP A 117 59.51 0.10 30.86
N ASP A 118 59.47 0.68 29.67
CA ASP A 118 58.89 2.01 29.51
C ASP A 118 57.65 2.01 28.64
N ILE A 119 57.52 1.04 27.72
CA ILE A 119 56.44 1.08 26.74
C ILE A 119 55.08 1.14 27.42
N LEU A 120 54.83 0.20 28.34
CA LEU A 120 53.54 0.19 29.02
C LEU A 120 53.32 1.49 29.77
N ASN A 121 54.39 2.10 30.26
CA ASN A 121 54.25 3.38 30.94
C ASN A 121 53.66 4.42 30.01
N LYS A 122 54.12 4.48 28.77
CA LYS A 122 53.39 5.24 27.78
C LYS A 122 51.91 4.89 27.83
N ILE A 123 51.59 3.61 27.59
CA ILE A 123 50.25 3.11 27.77
C ILE A 123 49.64 3.66 29.05
N ASP A 124 50.35 3.51 30.16
CA ASP A 124 49.79 3.91 31.44
C ASP A 124 49.44 5.39 31.44
N LYS A 125 50.37 6.25 31.00
CA LYS A 125 50.04 7.66 30.96
C LYS A 125 48.78 7.87 30.13
N GLU A 126 48.70 7.21 28.99
CA GLU A 126 47.51 7.36 28.15
C GLU A 126 46.28 6.85 28.88
N ILE A 127 46.39 5.71 29.57
CA ILE A 127 45.20 5.19 30.21
C ILE A 127 44.76 6.10 31.34
N ASP A 128 45.66 6.99 31.80
CA ASP A 128 45.25 7.91 32.85
C ASP A 128 44.45 9.09 32.32
N SER A 129 44.21 9.14 31.01
CA SER A 129 43.36 10.18 30.45
C SER A 129 41.89 9.99 30.77
N THR A 130 41.45 8.77 31.06
CA THR A 130 40.04 8.45 31.19
C THR A 130 39.72 7.95 32.58
N ASP A 131 38.48 7.49 32.73
CA ASP A 131 37.96 6.98 33.99
C ASP A 131 37.55 5.52 33.87
N ASN A 132 36.73 5.19 32.87
CA ASN A 132 36.13 3.85 32.77
C ASN A 132 36.71 3.14 31.55
N PHE A 133 37.67 2.27 31.81
CA PHE A 133 38.36 1.54 30.77
C PHE A 133 37.97 0.09 30.79
N GLU A 134 37.55 -0.46 29.65
CA GLU A 134 37.00 -1.80 29.70
C GLU A 134 37.80 -2.83 28.90
N GLY A 135 38.74 -2.44 28.06
CA GLY A 135 39.53 -3.47 27.42
C GLY A 135 40.47 -2.92 26.36
N PHE A 136 41.46 -3.75 26.03
CA PHE A 136 42.42 -3.49 24.98
C PHE A 136 41.94 -4.13 23.70
N GLN A 137 42.79 -4.10 22.68
CA GLN A 137 42.65 -4.89 21.47
C GLN A 137 44.02 -5.15 20.87
N LEU A 138 44.07 -5.99 19.83
CA LEU A 138 45.32 -6.28 19.14
C LEU A 138 45.03 -6.73 17.72
N LEU A 139 45.84 -6.27 16.78
CA LEU A 139 45.75 -6.67 15.38
C LEU A 139 47.06 -7.35 15.03
N HIS A 140 46.99 -8.50 14.36
CA HIS A 140 48.24 -9.22 14.15
C HIS A 140 48.13 -10.23 13.03
N SER A 141 49.28 -10.56 12.46
CA SER A 141 49.45 -11.73 11.61
C SER A 141 50.42 -12.67 12.31
N VAL A 142 50.00 -13.92 12.51
CA VAL A 142 50.79 -14.85 13.30
C VAL A 142 52.17 -15.09 12.70
N ALA A 143 52.27 -15.13 11.36
CA ALA A 143 53.47 -15.58 10.67
C ALA A 143 54.69 -14.70 10.86
N GLY A 144 54.53 -13.38 10.90
CA GLY A 144 55.69 -12.49 10.95
C GLY A 144 56.37 -12.53 12.30
N GLY A 145 57.60 -12.01 12.35
CA GLY A 145 58.43 -12.10 13.53
C GLY A 145 58.29 -11.00 14.56
N THR A 146 58.52 -9.76 14.14
CA THR A 146 58.52 -8.64 15.08
C THR A 146 57.15 -8.50 15.74
N GLY A 147 56.10 -8.55 14.94
CA GLY A 147 54.75 -8.49 15.45
C GLY A 147 54.45 -9.62 16.42
N SER A 148 54.82 -10.85 16.06
CA SER A 148 54.51 -11.99 16.92
C SER A 148 55.21 -11.87 18.26
N GLY A 149 56.50 -11.55 18.24
CA GLY A 149 57.21 -11.42 19.50
C GLY A 149 56.64 -10.32 20.36
N LEU A 150 56.45 -9.13 19.79
CA LEU A 150 55.95 -8.03 20.59
C LEU A 150 54.54 -8.29 21.08
N GLY A 151 53.69 -8.88 20.24
CA GLY A 151 52.33 -9.16 20.66
C GLY A 151 52.29 -10.15 21.80
N SER A 152 53.08 -11.21 21.71
CA SER A 152 53.07 -12.20 22.78
C SER A 152 53.61 -11.60 24.07
N ASN A 153 54.70 -10.83 24.00
CA ASN A 153 55.21 -10.22 25.22
C ASN A 153 54.21 -9.23 25.80
N LEU A 154 53.54 -8.47 24.95
CA LEU A 154 52.54 -7.52 25.42
C LEU A 154 51.39 -8.24 26.10
N LEU A 155 50.89 -9.32 25.49
CA LEU A 155 49.80 -10.06 26.10
C LEU A 155 50.20 -10.59 27.47
N GLU A 156 51.39 -11.20 27.56
CA GLU A 156 51.82 -11.69 28.86
C GLU A 156 51.95 -10.54 29.86
N ALA A 157 52.50 -9.41 29.42
CA ALA A 157 52.74 -8.31 30.35
C ALA A 157 51.44 -7.69 30.83
N LEU A 158 50.39 -7.76 30.01
CA LEU A 158 49.14 -7.11 30.39
C LEU A 158 48.24 -8.05 31.18
N CYS A 159 48.37 -9.36 30.97
CA CYS A 159 47.47 -10.29 31.63
C CYS A 159 47.68 -10.34 33.14
N ASP A 160 48.74 -9.73 33.65
CA ASP A 160 49.02 -9.76 35.07
C ASP A 160 49.11 -8.37 35.68
N ARG A 161 48.91 -7.33 34.89
CA ARG A 161 48.94 -5.97 35.43
C ARG A 161 47.57 -5.33 35.57
N TYR A 162 46.68 -5.53 34.60
CA TYR A 162 45.34 -4.95 34.64
C TYR A 162 44.34 -6.09 34.71
N PRO A 163 44.02 -6.55 35.90
CA PRO A 163 43.05 -7.63 36.03
C PRO A 163 41.66 -7.15 35.69
N LYS A 164 40.81 -8.11 35.34
CA LYS A 164 39.40 -7.83 35.05
C LYS A 164 39.26 -6.90 33.86
N LYS A 165 40.27 -6.92 32.99
CA LYS A 165 40.29 -6.13 31.78
C LYS A 165 40.39 -7.08 30.59
N ILE A 166 39.61 -6.80 29.55
CA ILE A 166 39.43 -7.71 28.43
C ILE A 166 40.53 -7.47 27.43
N LEU A 167 41.03 -8.53 26.81
CA LEU A 167 41.97 -8.44 25.70
C LEU A 167 41.43 -9.27 24.55
N THR A 168 41.01 -8.63 23.48
CA THR A 168 40.58 -9.31 22.27
C THR A 168 41.77 -9.37 21.33
N THR A 169 41.73 -10.29 20.35
CA THR A 169 42.78 -10.37 19.34
C THR A 169 42.17 -10.58 17.97
N TYR A 170 42.86 -10.05 16.97
CA TYR A 170 42.55 -10.25 15.56
C TYR A 170 43.80 -10.80 14.91
N SER A 171 43.72 -12.01 14.37
CA SER A 171 44.89 -12.62 13.77
C SER A 171 44.53 -13.26 12.43
N VAL A 172 45.46 -13.13 11.48
CA VAL A 172 45.28 -13.64 10.13
C VAL A 172 46.31 -14.74 9.89
N PHE A 173 45.95 -15.71 9.07
CA PHE A 173 46.82 -16.87 8.88
C PHE A 173 47.22 -16.99 7.42
N PRO A 174 48.51 -17.20 7.13
CA PRO A 174 48.97 -17.28 5.75
C PRO A 174 48.59 -18.59 5.08
N ALA A 175 48.84 -18.65 3.77
CA ALA A 175 48.45 -19.80 2.95
C ALA A 175 49.65 -20.47 2.28
N ARG A 176 50.82 -19.84 2.32
CA ARG A 176 51.98 -20.40 1.64
C ARG A 176 52.66 -21.44 2.50
N SER A 177 53.08 -22.54 1.88
CA SER A 177 53.90 -23.55 2.54
C SER A 177 55.39 -23.36 2.28
N SER A 178 55.81 -22.17 1.86
CA SER A 178 57.18 -21.96 1.42
C SER A 178 58.16 -21.71 2.56
N GLU A 179 57.88 -20.74 3.42
CA GLU A 179 58.78 -20.36 4.51
C GLU A 179 58.66 -21.30 5.70
N VAL A 180 58.00 -22.45 5.54
CA VAL A 180 57.70 -23.35 6.65
C VAL A 180 58.93 -23.80 7.41
N VAL A 181 60.12 -23.53 6.89
CA VAL A 181 61.33 -23.83 7.64
C VAL A 181 61.37 -23.04 8.95
N VAL A 182 60.93 -21.78 8.93
CA VAL A 182 60.80 -20.99 10.13
C VAL A 182 59.34 -20.64 10.41
N GLN A 183 58.52 -20.56 9.37
CA GLN A 183 57.15 -20.06 9.51
C GLN A 183 56.38 -20.83 10.57
N SER A 184 56.14 -22.12 10.34
CA SER A 184 55.36 -22.91 11.27
C SER A 184 55.99 -22.98 12.65
N TYR A 185 57.19 -22.43 12.82
CA TYR A 185 57.69 -22.22 14.17
C TYR A 185 56.98 -21.06 14.86
N ASN A 186 57.13 -19.85 14.32
CA ASN A 186 56.56 -18.68 14.98
C ASN A 186 55.07 -18.87 15.23
N THR A 187 54.33 -19.28 14.20
CA THR A 187 52.91 -19.59 14.36
C THR A 187 52.66 -20.39 15.63
N ILE A 188 53.32 -21.53 15.76
CA ILE A 188 53.06 -22.38 16.92
C ILE A 188 53.39 -21.63 18.20
N LEU A 189 54.55 -20.97 18.24
CA LEU A 189 54.89 -20.15 19.40
C LEU A 189 53.78 -19.17 19.72
N ALA A 190 53.25 -18.50 18.70
CA ALA A 190 52.18 -17.53 18.93
C ALA A 190 50.97 -18.19 19.56
N LEU A 191 50.59 -19.36 19.06
CA LEU A 191 49.43 -20.02 19.65
C LEU A 191 49.63 -20.21 21.14
N ARG A 192 50.87 -20.47 21.57
CA ARG A 192 51.11 -20.74 22.98
C ARG A 192 50.61 -19.60 23.84
N ARG A 193 50.67 -18.38 23.30
CA ARG A 193 50.20 -17.24 24.08
C ARG A 193 48.73 -16.97 23.85
N LEU A 194 48.25 -17.23 22.63
CA LEU A 194 46.84 -16.97 22.36
C LEU A 194 45.95 -17.94 23.12
N ILE A 195 46.53 -18.98 23.72
CA ILE A 195 45.77 -19.90 24.54
C ILE A 195 45.76 -19.45 26.00
N GLU A 196 46.70 -18.59 26.38
CA GLU A 196 46.77 -18.22 27.78
C GLU A 196 46.51 -16.74 28.02
N ASP A 197 46.45 -15.95 26.95
CA ASP A 197 46.30 -14.51 27.11
C ASP A 197 45.04 -13.93 26.50
N SER A 198 44.58 -14.43 25.36
CA SER A 198 43.43 -13.85 24.70
C SER A 198 42.15 -14.18 25.46
N ASP A 199 41.25 -13.20 25.53
CA ASP A 199 39.94 -13.44 26.10
C ASP A 199 38.92 -13.78 25.04
N ALA A 200 39.23 -13.49 23.77
CA ALA A 200 38.48 -13.96 22.63
C ALA A 200 39.32 -13.67 21.40
N THR A 201 39.33 -14.58 20.45
CA THR A 201 40.18 -14.44 19.28
C THR A 201 39.39 -14.71 18.01
N VAL A 202 39.62 -13.89 16.99
CA VAL A 202 39.02 -14.05 15.67
C VAL A 202 40.13 -14.50 14.73
N VAL A 203 39.83 -15.43 13.83
CA VAL A 203 40.85 -16.01 12.96
C VAL A 203 40.52 -15.74 11.50
N PHE A 204 41.55 -15.45 10.70
CA PHE A 204 41.41 -15.14 9.29
C PHE A 204 42.27 -16.07 8.43
N ASP A 205 41.86 -16.28 7.18
CA ASP A 205 42.53 -17.19 6.25
C ASP A 205 42.80 -16.48 4.93
N ASN A 206 44.05 -16.02 4.74
CA ASN A 206 44.40 -15.19 3.60
C ASN A 206 44.04 -15.85 2.27
N ALA A 207 44.06 -17.17 2.21
CA ALA A 207 43.66 -17.84 0.98
C ALA A 207 42.23 -17.50 0.61
N SER A 208 41.31 -17.57 1.58
CA SER A 208 39.93 -17.22 1.30
C SER A 208 39.79 -15.72 1.05
N LEU A 209 40.58 -14.90 1.74
CA LEU A 209 40.57 -13.47 1.44
C LEU A 209 40.85 -13.21 -0.03
N LEU A 210 41.94 -13.77 -0.56
CA LEU A 210 42.28 -13.53 -1.95
C LEU A 210 41.28 -14.18 -2.88
N ASN A 211 40.78 -15.36 -2.53
CA ASN A 211 39.78 -16.01 -3.39
C ASN A 211 38.52 -15.17 -3.52
N ILE A 212 37.99 -14.68 -2.40
CA ILE A 212 36.80 -13.84 -2.45
C ILE A 212 37.10 -12.53 -3.17
N SER A 213 38.27 -11.95 -2.91
CA SER A 213 38.62 -10.69 -3.55
C SER A 213 38.62 -10.83 -5.06
N GLY A 214 39.28 -11.86 -5.58
CA GLY A 214 39.22 -12.12 -7.00
C GLY A 214 37.83 -12.44 -7.52
N LYS A 215 37.01 -13.14 -6.73
CA LYS A 215 35.64 -13.41 -7.11
C LYS A 215 34.77 -12.18 -7.21
N VAL A 216 34.96 -11.19 -6.34
CA VAL A 216 34.05 -10.05 -6.24
C VAL A 216 34.63 -8.77 -6.84
N PHE A 217 35.94 -8.61 -6.88
CA PHE A 217 36.52 -7.38 -7.39
C PHE A 217 36.29 -7.30 -8.89
N ARG A 218 35.73 -6.17 -9.33
CA ARG A 218 35.51 -5.95 -10.76
C ARG A 218 36.72 -5.33 -11.45
N ASN A 219 37.73 -4.93 -10.70
CA ASN A 219 39.06 -4.73 -11.24
C ASN A 219 39.72 -6.11 -11.33
N PRO A 220 40.69 -6.29 -12.23
CA PRO A 220 41.41 -7.56 -12.28
C PRO A 220 42.14 -7.87 -10.98
N ASN A 221 42.74 -9.05 -10.94
CA ASN A 221 43.38 -9.54 -9.73
C ASN A 221 44.65 -8.74 -9.44
N ILE A 222 44.74 -8.21 -8.22
CA ILE A 222 45.89 -7.42 -7.78
C ILE A 222 46.25 -7.83 -6.36
N ASP A 223 47.14 -7.04 -5.76
CA ASP A 223 47.87 -7.39 -4.55
C ASP A 223 46.96 -7.61 -3.35
N LEU A 224 47.59 -8.00 -2.24
CA LEU A 224 46.86 -8.21 -0.99
C LEU A 224 46.69 -6.91 -0.20
N GLN A 225 47.55 -5.92 -0.46
CA GLN A 225 47.44 -4.65 0.26
C GLN A 225 46.12 -3.95 -0.01
N HIS A 226 45.56 -4.15 -1.21
CA HIS A 226 44.24 -3.63 -1.56
C HIS A 226 43.13 -4.54 -1.06
N THR A 227 43.48 -5.77 -0.66
CA THR A 227 42.58 -6.69 0.01
C THR A 227 42.54 -6.48 1.53
N ASN A 228 43.54 -5.77 2.07
CA ASN A 228 43.59 -5.47 3.49
C ASN A 228 42.32 -4.82 4.00
N GLN A 229 41.69 -3.99 3.19
CA GLN A 229 40.49 -3.27 3.63
C GLN A 229 39.30 -4.21 3.83
N LEU A 230 39.44 -5.49 3.49
CA LEU A 230 38.43 -6.47 3.83
C LEU A 230 38.58 -7.03 5.23
N ILE A 231 39.64 -6.68 5.95
CA ILE A 231 39.70 -6.97 7.37
C ILE A 231 38.87 -5.97 8.15
N SER A 232 39.14 -4.67 7.99
CA SER A 232 38.43 -3.67 8.76
C SER A 232 36.93 -3.73 8.59
N THR A 233 36.46 -4.20 7.42
CA THR A 233 35.02 -4.27 7.22
C THR A 233 34.37 -5.19 8.24
N ILE A 234 35.07 -6.22 8.69
CA ILE A 234 34.53 -7.03 9.77
C ILE A 234 34.59 -6.27 11.09
N ILE A 235 35.69 -5.55 11.34
CA ILE A 235 35.85 -4.87 12.63
C ILE A 235 34.96 -3.63 12.68
N SER A 236 34.33 -3.29 11.56
CA SER A 236 33.26 -2.31 11.62
C SER A 236 32.00 -2.93 12.20
N SER A 237 31.68 -4.16 11.81
CA SER A 237 30.43 -4.76 12.26
C SER A 237 30.48 -5.07 13.75
N VAL A 238 31.57 -5.65 14.22
CA VAL A 238 31.82 -5.61 15.66
C VAL A 238 32.08 -4.15 16.03
N THR A 239 31.72 -3.79 17.25
CA THR A 239 31.82 -2.43 17.77
C THR A 239 30.90 -1.48 17.02
N ASN A 240 30.17 -1.94 16.01
CA ASN A 240 29.09 -1.14 15.47
C ASN A 240 28.09 -0.79 16.55
N SER A 241 27.72 -1.79 17.36
CA SER A 241 26.71 -1.58 18.38
C SER A 241 27.16 -0.63 19.48
N ILE A 242 28.45 -0.54 19.78
CA ILE A 242 28.87 0.39 20.81
C ILE A 242 29.25 1.74 20.23
N ARG A 243 29.12 1.91 18.92
CA ARG A 243 29.34 3.20 18.31
C ARG A 243 28.05 3.93 17.96
N PHE A 244 26.99 3.21 17.66
CA PHE A 244 25.65 3.78 17.45
C PHE A 244 24.73 3.10 18.44
N PRO A 245 24.68 3.58 19.68
CA PRO A 245 24.01 2.82 20.74
C PRO A 245 22.57 2.51 20.40
N SER A 246 22.13 1.34 20.86
CA SER A 246 20.76 0.90 20.66
C SER A 246 20.35 0.04 21.84
N TYR A 247 19.31 -0.75 21.69
CA TYR A 247 18.76 -1.48 22.81
C TYR A 247 19.76 -2.36 23.54
N MET A 248 20.48 -3.22 22.83
CA MET A 248 21.27 -4.23 23.51
C MET A 248 22.72 -4.21 23.03
N TYR A 249 23.57 -4.88 23.79
CA TYR A 249 24.98 -5.03 23.48
C TYR A 249 25.70 -3.69 23.42
N SER A 250 25.32 -2.78 24.30
CA SER A 250 26.02 -1.51 24.37
C SER A 250 27.36 -1.62 25.07
N SER A 251 27.84 -2.83 25.33
CA SER A 251 29.16 -3.02 25.92
C SER A 251 29.86 -4.12 25.15
N MET A 252 31.19 -4.12 25.22
CA MET A 252 31.91 -5.21 24.59
C MET A 252 31.84 -6.49 25.39
N SER A 253 31.94 -6.39 26.72
CA SER A 253 31.95 -7.60 27.54
C SER A 253 30.76 -8.49 27.23
N SER A 254 29.57 -7.91 27.20
CA SER A 254 28.39 -8.70 26.88
C SER A 254 28.48 -9.32 25.49
N ILE A 255 29.20 -8.72 24.57
CA ILE A 255 29.33 -9.33 23.27
C ILE A 255 30.00 -10.69 23.36
N TYR A 256 31.22 -10.81 23.92
CA TYR A 256 31.78 -12.15 23.89
C TYR A 256 31.02 -13.03 24.87
N SER A 257 30.42 -12.41 25.89
CA SER A 257 29.63 -13.19 26.84
C SER A 257 28.52 -13.95 26.16
N THR A 258 27.94 -13.37 25.10
CA THR A 258 27.00 -14.16 24.32
C THR A 258 27.73 -14.97 23.25
N LEU A 259 29.00 -14.67 23.01
CA LEU A 259 29.78 -15.55 22.12
C LEU A 259 30.41 -16.74 22.84
N ILE A 260 31.08 -16.50 23.96
CA ILE A 260 32.12 -17.41 24.40
C ILE A 260 31.68 -18.12 25.68
N PRO A 261 31.38 -19.41 25.62
CA PRO A 261 31.27 -20.23 26.82
C PRO A 261 32.66 -20.42 27.42
N SER A 262 32.77 -21.41 28.28
CA SER A 262 33.94 -21.63 29.14
C SER A 262 35.26 -21.28 28.48
N PRO A 263 36.17 -20.62 29.21
CA PRO A 263 37.30 -19.94 28.57
C PRO A 263 38.18 -20.80 27.69
N GLU A 264 37.95 -22.11 27.62
CA GLU A 264 38.82 -22.95 26.81
C GLU A 264 38.53 -22.81 25.32
N LEU A 265 37.36 -22.29 24.97
CA LEU A 265 36.92 -22.27 23.58
C LEU A 265 36.80 -20.82 23.12
N HIS A 266 37.91 -20.25 22.67
CA HIS A 266 37.95 -18.84 22.31
C HIS A 266 38.52 -18.63 20.92
N PHE A 267 38.01 -19.35 19.93
CA PHE A 267 38.39 -19.15 18.54
C PHE A 267 37.14 -18.95 17.70
N LEU A 268 37.09 -17.85 16.95
CA LEU A 268 35.90 -17.41 16.26
C LEU A 268 36.16 -17.20 14.77
N SER A 269 35.27 -17.77 13.97
CA SER A 269 35.34 -17.69 12.51
C SER A 269 34.36 -16.64 12.02
N PRO A 270 34.83 -15.52 11.49
CA PRO A 270 33.92 -14.53 10.95
C PRO A 270 33.41 -14.89 9.56
N SER A 271 32.43 -14.11 9.12
CA SER A 271 31.87 -14.23 7.78
C SER A 271 30.87 -13.13 7.55
N PHE A 272 30.74 -12.69 6.30
CA PHE A 272 29.59 -11.90 5.87
C PHE A 272 29.72 -11.56 4.41
N THR A 273 28.62 -11.07 3.85
CA THR A 273 28.57 -10.73 2.45
C THR A 273 29.27 -9.40 2.22
N PRO A 274 30.46 -9.38 1.59
CA PRO A 274 31.22 -8.11 1.43
C PRO A 274 30.55 -7.19 0.43
N PHE A 275 29.32 -6.78 0.75
CA PHE A 275 28.52 -5.94 -0.14
C PHE A 275 28.98 -4.49 -0.16
N THR A 276 30.15 -4.18 0.38
CA THR A 276 30.72 -2.85 0.29
C THR A 276 32.23 -2.97 0.02
N SER A 277 32.87 -1.80 -0.06
CA SER A 277 34.30 -1.70 -0.24
C SER A 277 34.72 -0.32 0.23
N ASP A 278 35.90 0.11 -0.22
CA ASP A 278 36.39 1.44 0.09
C ASP A 278 36.88 2.20 -1.15
N HIS A 286 25.01 -1.95 -4.08
CA HIS A 286 24.63 -2.90 -5.10
C HIS A 286 24.20 -4.23 -4.50
N LYS A 287 24.01 -5.21 -5.39
CA LYS A 287 23.68 -6.60 -5.05
C LYS A 287 22.24 -6.72 -4.55
N GLY A 288 21.58 -5.60 -4.30
CA GLY A 288 20.14 -5.55 -4.09
C GLY A 288 19.53 -6.64 -3.24
N HIS A 289 20.27 -7.18 -2.27
CA HIS A 289 19.77 -8.32 -1.51
C HIS A 289 18.91 -7.86 -0.36
N SER A 290 17.78 -8.54 -0.16
CA SER A 290 16.95 -8.29 1.00
C SER A 290 17.55 -8.96 2.22
N SER A 291 16.84 -8.82 3.35
CA SER A 291 17.28 -9.49 4.57
C SER A 291 17.23 -11.00 4.41
N TYR A 292 16.19 -11.52 3.77
CA TYR A 292 16.05 -12.96 3.59
C TYR A 292 17.24 -13.53 2.83
N ASP A 293 17.60 -12.88 1.72
CA ASP A 293 18.75 -13.34 0.95
C ASP A 293 20.01 -13.28 1.78
N VAL A 294 20.21 -12.21 2.56
CA VAL A 294 21.44 -12.11 3.34
C VAL A 294 21.51 -13.22 4.37
N MET A 295 20.41 -13.46 5.07
CA MET A 295 20.47 -14.37 6.20
C MET A 295 20.42 -15.82 5.73
N LEU A 296 20.12 -16.03 4.45
CA LEU A 296 20.38 -17.35 3.91
C LEU A 296 21.76 -17.45 3.26
N ASP A 297 22.30 -16.35 2.72
CA ASP A 297 23.63 -16.38 2.13
C ASP A 297 24.70 -16.58 3.17
N LEU A 298 24.44 -16.20 4.41
CA LEU A 298 25.41 -16.46 5.47
C LEU A 298 25.51 -17.95 5.80
N LEU A 299 24.50 -18.74 5.48
CA LEU A 299 24.60 -20.18 5.55
C LEU A 299 25.49 -20.76 4.46
N ASP A 300 25.71 -20.02 3.37
CA ASP A 300 26.33 -20.56 2.17
C ASP A 300 27.76 -21.01 2.46
N PRO A 301 28.12 -22.26 2.13
CA PRO A 301 29.49 -22.74 2.37
C PRO A 301 30.55 -21.99 1.58
N SER A 302 30.14 -21.29 0.52
CA SER A 302 31.06 -20.44 -0.20
C SER A 302 31.37 -19.16 0.55
N ASN A 303 30.50 -18.74 1.46
CA ASN A 303 30.67 -17.51 2.22
C ASN A 303 31.36 -17.82 3.54
N SER A 304 32.64 -17.47 3.60
CA SER A 304 33.39 -17.52 4.85
C SER A 304 34.65 -16.69 4.69
N LEU A 305 35.26 -16.32 5.80
CA LEU A 305 36.61 -15.80 5.78
C LEU A 305 37.62 -16.79 6.31
N VAL A 306 37.18 -17.96 6.76
CA VAL A 306 38.08 -19.11 6.89
C VAL A 306 37.39 -20.31 6.22
N SER A 307 37.62 -20.47 4.91
CA SER A 307 36.91 -21.46 4.12
C SER A 307 37.79 -22.69 3.89
N THR A 308 37.89 -23.50 4.94
CA THR A 308 38.71 -24.70 4.90
C THR A 308 38.00 -25.94 5.43
N ALA A 309 36.75 -25.81 5.83
CA ALA A 309 36.08 -26.88 6.56
C ALA A 309 35.30 -27.80 5.63
N MET A 310 35.20 -29.07 6.04
CA MET A 310 34.31 -30.02 5.41
C MET A 310 32.88 -29.81 5.93
N ASN A 311 31.90 -30.10 5.07
CA ASN A 311 30.49 -29.93 5.45
C ASN A 311 30.09 -31.08 6.39
N ASN A 312 30.81 -31.16 7.49
CA ASN A 312 30.50 -32.04 8.60
C ASN A 312 30.83 -31.28 9.89
N PRO A 313 30.28 -30.08 10.08
CA PRO A 313 30.77 -29.22 11.15
C PRO A 313 29.96 -29.39 12.43
N THR A 314 30.37 -28.66 13.45
CA THR A 314 29.59 -28.52 14.67
C THR A 314 29.80 -27.13 15.25
N TYR A 315 28.75 -26.31 15.20
CA TYR A 315 28.75 -25.00 15.81
C TYR A 315 28.57 -25.16 17.32
N PHE A 316 29.28 -24.34 18.07
CA PHE A 316 29.06 -24.26 19.50
C PHE A 316 28.26 -23.02 19.88
N ASN A 317 28.48 -21.94 19.15
CA ASN A 317 27.88 -20.65 19.47
C ASN A 317 27.86 -19.81 18.22
N VAL A 318 26.85 -18.97 18.06
CA VAL A 318 26.71 -18.16 16.87
C VAL A 318 26.29 -16.76 17.27
N TYR A 319 26.95 -15.76 16.71
CA TYR A 319 26.53 -14.37 16.79
C TYR A 319 26.19 -13.91 15.39
N ASN A 320 25.12 -13.16 15.25
CA ASN A 320 24.74 -12.59 13.98
C ASN A 320 24.49 -11.11 14.18
N THR A 321 24.56 -10.35 13.09
CA THR A 321 24.15 -8.96 13.12
C THR A 321 23.75 -8.52 11.74
N ILE A 322 23.00 -7.43 11.69
CA ILE A 322 22.54 -6.83 10.45
C ILE A 322 22.63 -5.32 10.61
N ILE A 323 23.13 -4.64 9.58
CA ILE A 323 23.09 -3.18 9.53
C ILE A 323 22.07 -2.78 8.47
N GLY A 324 21.11 -1.96 8.86
CA GLY A 324 20.08 -1.42 8.01
C GLY A 324 18.72 -1.54 8.68
N ASN A 325 17.74 -0.85 8.12
CA ASN A 325 16.35 -0.99 8.56
C ASN A 325 15.88 -2.35 8.11
N VAL A 326 15.24 -3.11 8.99
CA VAL A 326 14.85 -4.48 8.68
C VAL A 326 13.47 -4.77 9.25
N GLU A 327 12.71 -5.60 8.54
CA GLU A 327 11.48 -6.16 9.05
C GLU A 327 11.79 -7.26 10.06
N PRO A 328 11.36 -7.11 11.32
CA PRO A 328 11.65 -8.17 12.31
C PRO A 328 11.11 -9.54 11.93
N ARG A 329 9.99 -9.58 11.22
CA ARG A 329 9.41 -10.87 10.83
C ARG A 329 10.40 -11.71 10.08
N GLN A 330 11.16 -11.11 9.16
CA GLN A 330 12.19 -11.83 8.43
C GLN A 330 13.22 -12.43 9.36
N ILE A 331 13.59 -11.71 10.43
CA ILE A 331 14.48 -12.29 11.43
C ILE A 331 13.85 -13.51 12.07
N SER A 332 12.56 -13.44 12.40
CA SER A 332 11.93 -14.62 13.00
C SER A 332 11.96 -15.81 12.05
N ARG A 333 11.58 -15.58 10.79
CA ARG A 333 11.57 -16.66 9.81
C ARG A 333 12.98 -17.21 9.61
N ALA A 334 13.97 -16.33 9.57
CA ALA A 334 15.33 -16.77 9.30
C ALA A 334 15.92 -17.54 10.47
N MET A 335 15.60 -17.13 11.71
CA MET A 335 15.99 -17.98 12.83
C MET A 335 15.34 -19.35 12.73
N THR A 336 14.08 -19.41 12.32
CA THR A 336 13.47 -20.71 12.10
C THR A 336 14.28 -21.52 11.11
N LYS A 337 14.54 -20.94 9.93
CA LYS A 337 15.22 -21.68 8.87
C LYS A 337 16.60 -22.11 9.30
N LEU A 338 17.38 -21.20 9.89
CA LEU A 338 18.76 -21.52 10.23
C LEU A 338 18.82 -22.57 11.33
N GLN A 339 17.93 -22.50 12.32
CA GLN A 339 17.93 -23.54 13.33
C GLN A 339 17.52 -24.87 12.72
N GLN A 340 16.69 -24.85 11.67
CA GLN A 340 16.31 -26.10 11.03
C GLN A 340 17.43 -26.70 10.19
N ARG A 341 18.51 -25.96 9.93
CA ARG A 341 19.54 -26.44 9.01
C ARG A 341 20.91 -26.61 9.66
N ILE A 342 21.11 -26.16 10.89
CA ILE A 342 22.43 -26.23 11.51
C ILE A 342 22.45 -27.32 12.56
N LYS A 343 23.65 -27.72 12.95
CA LYS A 343 23.86 -28.78 13.92
C LYS A 343 24.68 -28.27 15.09
N PHE A 344 24.52 -28.94 16.22
CA PHE A 344 25.02 -28.42 17.49
C PHE A 344 24.92 -29.53 18.54
N PRO A 345 25.72 -29.46 19.59
CA PRO A 345 25.65 -30.46 20.65
C PRO A 345 24.33 -30.38 21.40
N SER A 346 23.93 -31.49 21.99
CA SER A 346 22.64 -31.57 22.66
C SER A 346 22.70 -31.07 24.10
N TRP A 347 23.86 -30.63 24.58
CA TRP A 347 23.91 -29.99 25.88
C TRP A 347 23.64 -28.50 25.81
N SER A 348 23.31 -27.99 24.62
CA SER A 348 23.04 -26.57 24.48
C SER A 348 21.55 -26.30 24.59
N SER A 349 21.22 -25.18 25.24
CA SER A 349 19.86 -24.69 25.31
C SER A 349 19.70 -23.31 24.68
N SER A 350 20.75 -22.51 24.62
CA SER A 350 20.69 -21.28 23.87
C SER A 350 20.77 -21.60 22.38
N ALA A 351 20.78 -20.55 21.59
CA ALA A 351 20.88 -20.65 20.13
C ALA A 351 21.73 -19.52 19.60
N MET A 352 21.62 -19.30 18.29
CA MET A 352 22.20 -18.12 17.68
C MET A 352 21.47 -16.87 18.13
N HIS A 353 22.19 -15.76 18.15
CA HIS A 353 21.65 -14.48 18.58
C HIS A 353 21.69 -13.48 17.44
N VAL A 354 20.78 -12.53 17.45
CA VAL A 354 20.69 -11.50 16.44
C VAL A 354 20.66 -10.15 17.14
N ASN A 355 21.46 -9.22 16.64
CA ASN A 355 21.34 -7.83 17.01
C ASN A 355 21.11 -7.02 15.74
N ILE A 356 20.16 -6.11 15.81
CA ILE A 356 19.87 -5.25 14.67
C ILE A 356 20.43 -3.86 14.97
N GLY A 357 21.41 -3.43 14.17
CA GLY A 357 22.18 -2.25 14.45
C GLY A 357 21.61 -1.01 13.79
N ARG A 358 22.40 0.05 13.81
CA ARG A 358 22.03 1.30 13.17
C ARG A 358 23.06 1.64 12.09
N ARG A 359 22.58 1.85 10.88
CA ARG A 359 23.41 2.38 9.81
C ARG A 359 23.91 3.76 10.16
N SER A 360 25.18 4.01 9.90
CA SER A 360 25.74 5.32 10.17
C SER A 360 24.93 6.37 9.42
N PRO A 361 24.51 7.46 10.06
CA PRO A 361 23.65 8.43 9.39
C PRO A 361 24.39 9.54 8.67
N TYR A 362 25.69 9.75 8.92
CA TYR A 362 26.45 10.77 8.22
C TYR A 362 27.03 10.27 6.91
N LEU A 363 26.73 9.13 6.54
CA LEU A 363 27.29 8.47 5.38
C LEU A 363 26.72 9.09 4.10
N PRO A 364 27.46 9.04 2.99
CA PRO A 364 26.92 9.53 1.70
C PRO A 364 25.81 8.61 1.19
N LEU A 365 24.61 8.88 1.69
CA LEU A 365 23.50 7.94 1.61
C LEU A 365 22.58 8.27 0.44
N GLN A 366 22.11 7.20 -0.20
CA GLN A 366 20.98 7.22 -1.11
C GLN A 366 19.87 6.44 -0.41
N PRO A 367 18.65 6.34 -0.95
CA PRO A 367 17.65 5.52 -0.27
C PRO A 367 18.00 4.05 -0.37
N ASN A 368 18.09 3.42 0.79
CA ASN A 368 18.51 2.04 0.89
C ASN A 368 17.44 1.02 0.47
N GLU A 369 16.17 1.27 0.78
CA GLU A 369 15.08 0.40 0.37
C GLU A 369 15.25 -1.02 0.91
N ASN A 370 15.47 -1.14 2.21
CA ASN A 370 15.57 -2.44 2.89
C ASN A 370 16.73 -3.28 2.37
N GLU A 371 17.81 -2.65 1.92
CA GLU A 371 19.00 -3.40 1.53
C GLU A 371 20.00 -3.37 2.68
N VAL A 372 20.36 -4.56 3.15
CA VAL A 372 21.01 -4.71 4.45
C VAL A 372 22.40 -5.29 4.25
N SER A 373 23.21 -5.16 5.30
CA SER A 373 24.56 -5.72 5.34
C SER A 373 24.67 -6.65 6.53
N GLY A 374 24.77 -7.95 6.26
CA GLY A 374 24.77 -8.96 7.30
C GLY A 374 26.16 -9.19 7.86
N MET A 375 26.23 -10.01 8.91
CA MET A 375 27.51 -10.46 9.45
C MET A 375 27.28 -11.58 10.45
N MET A 376 28.29 -12.43 10.61
CA MET A 376 28.23 -13.55 11.53
C MET A 376 29.60 -13.85 12.10
N LEU A 377 29.65 -14.13 13.40
CA LEU A 377 30.77 -14.82 14.02
C LEU A 377 30.27 -16.18 14.42
N SER A 378 31.13 -17.19 14.29
CA SER A 378 30.73 -18.52 14.72
C SER A 378 31.85 -19.13 15.53
N ASN A 379 31.53 -19.61 16.72
CA ASN A 379 32.40 -20.55 17.40
C ASN A 379 31.94 -21.93 16.99
N MET A 380 32.63 -22.51 16.00
CA MET A 380 32.32 -23.83 15.46
C MET A 380 33.52 -24.73 15.67
N SER A 381 33.31 -26.03 15.40
CA SER A 381 34.34 -27.02 15.70
C SER A 381 35.45 -27.04 14.67
N THR A 382 35.24 -26.47 13.50
CA THR A 382 36.15 -26.68 12.38
C THR A 382 37.28 -25.67 12.31
N VAL A 383 37.40 -24.77 13.30
CA VAL A 383 38.48 -23.78 13.23
C VAL A 383 39.84 -24.45 13.20
N VAL A 384 40.03 -25.52 13.96
CA VAL A 384 41.30 -26.22 13.98
C VAL A 384 41.71 -26.73 12.61
N ASN A 385 40.76 -26.82 11.67
CA ASN A 385 41.13 -27.19 10.32
C ASN A 385 42.14 -26.22 9.73
N VAL A 386 41.93 -24.92 9.89
CA VAL A 386 42.88 -23.95 9.37
C VAL A 386 44.25 -24.13 9.99
N PHE A 387 44.33 -24.88 11.08
CA PHE A 387 45.58 -25.16 11.77
C PHE A 387 46.35 -26.33 11.17
N GLU A 388 45.64 -27.27 10.53
CA GLU A 388 46.24 -28.57 10.25
C GLU A 388 47.50 -28.46 9.42
N ASN A 389 47.52 -27.55 8.44
CA ASN A 389 48.73 -27.34 7.65
C ASN A 389 49.93 -27.03 8.53
N ALA A 390 49.79 -26.08 9.45
CA ALA A 390 50.89 -25.79 10.36
C ALA A 390 50.95 -26.81 11.50
N CYS A 391 49.89 -27.60 11.66
CA CYS A 391 49.96 -28.71 12.61
C CYS A 391 50.78 -29.86 12.05
N ASN A 392 50.76 -30.04 10.73
CA ASN A 392 51.39 -31.16 10.06
C ASN A 392 52.72 -30.82 9.43
N THR A 393 53.33 -29.70 9.80
CA THR A 393 54.59 -29.32 9.16
C THR A 393 55.75 -29.18 10.12
N PHE A 394 55.57 -28.46 11.24
CA PHE A 394 56.74 -28.04 11.98
C PHE A 394 57.46 -29.24 12.56
N ASP A 395 56.72 -30.27 12.95
CA ASP A 395 57.30 -31.42 13.65
C ASP A 395 58.23 -32.20 12.74
N LYS A 396 57.87 -32.35 11.47
CA LYS A 396 58.75 -33.01 10.52
C LYS A 396 60.06 -32.27 10.38
N VAL A 397 60.05 -30.96 10.61
CA VAL A 397 61.29 -30.20 10.64
C VAL A 397 61.93 -30.28 12.02
N PHE A 398 61.13 -30.46 13.06
CA PHE A 398 61.66 -30.51 14.41
C PHE A 398 62.49 -31.76 14.61
N ALA A 399 62.10 -32.84 13.95
CA ALA A 399 62.95 -34.03 13.90
C ALA A 399 64.30 -33.72 13.28
N LYS A 400 64.38 -32.69 12.44
CA LYS A 400 65.62 -32.32 11.76
C LYS A 400 66.17 -30.97 12.21
N GLY A 401 65.35 -30.11 12.79
CA GLY A 401 65.82 -28.84 13.29
C GLY A 401 66.37 -27.87 12.28
N ALA A 402 65.68 -27.68 11.15
CA ALA A 402 66.12 -26.68 10.19
C ALA A 402 66.00 -25.29 10.81
N PHE A 403 66.99 -24.43 10.54
CA PHE A 403 67.02 -23.06 11.05
C PHE A 403 66.96 -23.02 12.57
N LEU A 404 67.53 -24.04 13.22
CA LEU A 404 67.49 -24.10 14.67
C LEU A 404 68.38 -23.05 15.32
N ASN A 405 69.22 -22.36 14.55
CA ASN A 405 70.18 -21.43 15.10
C ASN A 405 69.77 -19.96 14.98
N ASN A 406 68.65 -19.65 14.33
CA ASN A 406 68.28 -18.28 14.04
C ASN A 406 67.89 -17.49 15.28
N TYR A 407 68.06 -18.06 16.46
CA TYR A 407 67.79 -17.36 17.69
C TYR A 407 69.03 -16.60 18.14
N ASN A 408 68.84 -15.31 18.41
CA ASN A 408 69.82 -14.61 19.22
C ASN A 408 69.76 -15.20 20.62
N VAL A 409 70.89 -15.17 21.31
CA VAL A 409 70.96 -15.79 22.63
C VAL A 409 69.93 -15.17 23.57
N GLY A 410 69.95 -13.84 23.69
CA GLY A 410 69.10 -13.20 24.67
C GLY A 410 69.34 -13.80 26.04
N ASP A 411 68.27 -14.04 26.79
CA ASP A 411 68.35 -14.83 28.00
C ASP A 411 67.40 -16.02 27.97
N LEU A 412 66.96 -16.43 26.78
CA LEU A 412 66.23 -17.68 26.60
C LEU A 412 66.98 -18.66 25.70
N PHE A 413 67.77 -18.16 24.75
CA PHE A 413 68.51 -19.03 23.83
C PHE A 413 69.96 -19.22 24.29
N GLN A 414 70.13 -19.96 25.38
CA GLN A 414 71.46 -20.42 25.77
C GLN A 414 71.66 -21.91 25.55
N SER A 415 70.61 -22.70 25.63
CA SER A 415 70.68 -24.14 25.42
C SER A 415 69.70 -24.52 24.32
N MET A 416 70.17 -25.32 23.36
CA MET A 416 69.27 -25.81 22.33
C MET A 416 68.11 -26.58 22.95
N GLN A 417 68.36 -27.27 24.05
CA GLN A 417 67.29 -27.91 24.78
C GLN A 417 66.25 -26.90 25.25
N ASN A 418 66.67 -25.67 25.57
CA ASN A 418 65.66 -24.67 25.94
C ASN A 418 64.65 -24.49 24.81
N VAL A 419 65.13 -24.28 23.59
CA VAL A 419 64.23 -24.09 22.45
C VAL A 419 63.39 -25.34 22.23
N GLN A 420 64.01 -26.52 22.32
CA GLN A 420 63.28 -27.74 22.04
C GLN A 420 62.20 -28.00 23.07
N ASP A 421 62.47 -27.67 24.34
CA ASP A 421 61.40 -27.73 25.34
C ASP A 421 60.31 -26.70 25.07
N GLU A 422 60.69 -25.51 24.63
CA GLU A 422 59.66 -24.54 24.26
C GLU A 422 58.72 -25.14 23.23
N PHE A 423 59.28 -25.76 22.20
CA PHE A 423 58.42 -26.34 21.17
C PHE A 423 57.61 -27.51 21.70
N ALA A 424 58.20 -28.31 22.60
CA ALA A 424 57.44 -29.39 23.22
C ALA A 424 56.22 -28.86 23.94
N GLU A 425 56.42 -27.87 24.82
CA GLU A 425 55.30 -27.27 25.52
C GLU A 425 54.27 -26.73 24.55
N SER A 426 54.73 -26.06 23.50
CA SER A 426 53.81 -25.43 22.57
C SER A 426 52.93 -26.47 21.88
N ARG A 427 53.55 -27.53 21.36
CA ARG A 427 52.76 -28.55 20.69
C ARG A 427 51.81 -29.22 21.66
N GLU A 428 52.22 -29.41 22.91
CA GLU A 428 51.28 -29.94 23.90
C GLU A 428 50.09 -29.02 24.08
N VAL A 429 50.35 -27.72 24.14
CA VAL A 429 49.27 -26.76 24.32
C VAL A 429 48.26 -26.87 23.18
N VAL A 430 48.75 -26.85 21.94
CA VAL A 430 47.85 -26.88 20.80
C VAL A 430 47.12 -28.22 20.72
N GLN A 431 47.82 -29.31 21.05
CA GLN A 431 47.18 -30.62 21.02
C GLN A 431 46.08 -30.70 22.07
N SER A 432 46.31 -30.14 23.25
CA SER A 432 45.26 -30.12 24.27
C SER A 432 44.09 -29.27 23.81
N LEU A 433 44.37 -28.16 23.13
CA LEU A 433 43.31 -27.37 22.53
C LEU A 433 42.43 -28.22 21.61
N MET A 434 43.04 -28.91 20.66
CA MET A 434 42.24 -29.67 19.71
C MET A 434 41.55 -30.85 20.38
N GLU A 435 42.20 -31.44 21.38
CA GLU A 435 41.57 -32.48 22.17
C GLU A 435 40.28 -31.97 22.79
N ASP A 436 40.35 -30.79 23.40
CA ASP A 436 39.18 -30.24 24.07
C ASP A 436 38.09 -29.88 23.07
N TYR A 437 38.46 -29.34 21.92
CA TYR A 437 37.45 -29.03 20.91
C TYR A 437 36.75 -30.30 20.42
N VAL A 438 37.50 -31.39 20.27
CA VAL A 438 36.85 -32.63 19.86
C VAL A 438 35.98 -33.18 20.98
N ALA A 439 36.48 -33.16 22.22
CA ALA A 439 35.75 -33.75 23.32
C ALA A 439 34.45 -33.01 23.56
N ALA A 440 34.44 -31.69 23.38
CA ALA A 440 33.24 -30.92 23.64
C ALA A 440 32.11 -31.31 22.69
N GLU A 441 32.44 -31.89 21.55
CA GLU A 441 31.41 -32.21 20.58
C GLU A 441 30.47 -33.31 21.05
N GLN A 442 30.95 -34.26 21.86
CA GLN A 442 30.12 -35.36 22.29
C GLN A 442 29.13 -34.92 23.36
N ASP A 443 27.96 -35.54 23.36
CA ASP A 443 26.83 -35.03 24.11
C ASP A 443 27.01 -35.15 25.62
N SER A 444 28.07 -35.83 26.06
CA SER A 444 28.22 -36.05 27.50
C SER A 444 29.27 -35.15 28.14
N TYR A 445 29.57 -34.00 27.53
CA TYR A 445 30.65 -33.14 28.02
C TYR A 445 30.48 -32.78 29.49
N LEU A 446 29.25 -32.72 29.96
CA LEU A 446 28.95 -32.25 31.30
C LEU A 446 29.05 -33.36 32.35
N ASP A 447 29.40 -34.57 31.93
CA ASP A 447 29.44 -35.69 32.86
C ASP A 447 30.39 -35.43 34.02
N ASP A 448 31.33 -34.51 33.86
CA ASP A 448 32.28 -34.25 34.92
C ASP A 448 31.59 -33.75 36.19
N VAL A 449 30.36 -33.25 36.08
CA VAL A 449 29.68 -32.68 37.22
C VAL A 449 28.25 -33.19 37.38
N LEU A 450 27.73 -33.93 36.42
CA LEU A 450 26.33 -34.32 36.50
C LEU A 450 26.11 -35.78 36.86
N VAL A 451 27.17 -36.56 37.06
CA VAL A 451 27.07 -37.96 37.48
C VAL A 451 27.68 -38.18 38.85
N ASP A 452 27.71 -37.16 39.69
CA ASP A 452 28.33 -37.31 40.99
C ASP A 452 27.49 -38.21 41.89
N ASP A 453 28.08 -38.63 43.01
CA ASP A 453 27.36 -39.42 44.00
C ASP A 453 26.47 -38.51 44.83
N GLY B 3 17.41 -7.58 -21.10
CA GLY B 3 17.42 -8.14 -22.44
C GLY B 3 18.35 -7.40 -23.37
N GLU B 4 19.63 -7.35 -23.01
CA GLU B 4 20.58 -6.57 -23.78
C GLU B 4 21.16 -7.40 -24.92
N ILE B 5 21.33 -6.75 -26.08
CA ILE B 5 21.88 -7.39 -27.27
C ILE B 5 23.10 -6.61 -27.70
N ILE B 6 24.18 -7.33 -28.04
CA ILE B 6 25.43 -6.70 -28.44
C ILE B 6 25.68 -7.02 -29.91
N THR B 7 25.91 -5.99 -30.71
CA THR B 7 26.04 -6.12 -32.15
C THR B 7 27.48 -5.91 -32.57
N LEU B 8 27.99 -6.80 -33.42
CA LEU B 8 29.33 -6.70 -33.97
C LEU B 8 29.25 -6.45 -35.46
N GLN B 9 29.94 -5.42 -35.93
CA GLN B 9 29.96 -5.05 -37.33
C GLN B 9 31.41 -4.96 -37.80
N ALA B 10 31.70 -5.50 -38.98
CA ALA B 10 33.10 -5.59 -39.38
C ALA B 10 33.23 -5.51 -40.89
N GLY B 11 34.38 -5.00 -41.33
CA GLY B 11 34.66 -4.85 -42.75
C GLY B 11 34.02 -3.60 -43.31
N GLN B 12 34.42 -3.27 -44.55
CA GLN B 12 33.81 -2.13 -45.23
C GLN B 12 32.31 -2.35 -45.37
N CYS B 13 31.92 -3.52 -45.90
CA CYS B 13 30.51 -3.83 -46.05
C CYS B 13 29.80 -3.84 -44.71
N GLY B 14 30.42 -4.43 -43.69
CA GLY B 14 29.77 -4.49 -42.39
C GLY B 14 29.42 -3.12 -41.86
N ASN B 15 30.33 -2.17 -42.03
CA ASN B 15 30.07 -0.85 -41.46
C ASN B 15 29.18 -0.01 -42.35
N HIS B 16 29.20 -0.21 -43.66
CA HIS B 16 28.17 0.43 -44.47
C HIS B 16 26.79 -0.05 -44.03
N VAL B 17 26.68 -1.36 -43.79
CA VAL B 17 25.48 -1.95 -43.23
C VAL B 17 25.13 -1.28 -41.91
N GLY B 18 26.12 -1.10 -41.04
CA GLY B 18 25.86 -0.50 -39.74
C GLY B 18 25.35 0.93 -39.86
N LYS B 19 25.93 1.71 -40.77
CA LYS B 19 25.44 3.05 -41.01
C LYS B 19 23.95 3.04 -41.32
N PHE B 20 23.57 2.31 -42.37
CA PHE B 20 22.16 2.32 -42.75
C PHE B 20 21.27 1.71 -41.66
N LEU B 21 21.74 0.64 -41.02
CA LEU B 21 20.96 -0.06 -40.02
C LEU B 21 20.67 0.84 -38.84
N TRP B 22 21.71 1.39 -38.23
CA TRP B 22 21.50 2.26 -37.10
C TRP B 22 20.76 3.51 -37.51
N SER B 23 20.88 3.94 -38.77
CA SER B 23 20.08 5.07 -39.22
C SER B 23 18.59 4.75 -39.11
N GLN B 24 18.18 3.63 -39.70
CA GLN B 24 16.76 3.29 -39.67
C GLN B 24 16.30 3.03 -38.24
N LEU B 25 17.10 2.31 -37.45
CA LEU B 25 16.70 2.05 -36.07
C LEU B 25 16.54 3.35 -35.30
N ALA B 26 17.47 4.29 -35.49
CA ALA B 26 17.41 5.53 -34.73
C ALA B 26 16.22 6.38 -35.12
N LYS B 27 16.02 6.63 -36.42
CA LYS B 27 14.84 7.40 -36.78
C LYS B 27 13.56 6.63 -36.53
N GLU B 28 13.68 5.33 -36.25
CA GLU B 28 12.52 4.60 -35.74
C GLU B 28 12.29 4.90 -34.27
N HIS B 29 13.29 5.42 -33.57
CA HIS B 29 13.18 5.68 -32.14
C HIS B 29 13.37 7.15 -31.80
N ALA B 30 13.19 8.05 -32.76
CA ALA B 30 13.14 9.48 -32.49
C ALA B 30 14.40 9.95 -31.77
N ILE B 31 15.53 9.87 -32.44
CA ILE B 31 16.79 10.30 -31.87
C ILE B 31 17.43 11.43 -32.67
N GLY B 32 17.59 11.24 -33.97
CA GLY B 32 18.33 12.18 -34.78
C GLY B 32 19.83 11.94 -34.71
N THR B 33 20.56 12.73 -35.49
CA THR B 33 21.99 12.53 -35.67
C THR B 33 22.81 12.88 -34.44
N ASP B 34 22.22 13.52 -33.44
CA ASP B 34 22.95 13.97 -32.26
C ASP B 34 22.91 12.98 -31.10
N GLY B 35 21.80 12.30 -30.87
CA GLY B 35 21.66 11.45 -29.71
C GLY B 35 20.87 12.05 -28.56
N LEU B 36 19.79 12.76 -28.86
CA LEU B 36 18.89 13.31 -27.86
C LEU B 36 17.45 13.02 -28.25
N SER B 37 16.54 13.19 -27.29
CA SER B 37 15.13 12.96 -27.54
C SER B 37 14.58 13.97 -28.52
N GLN B 38 13.74 13.50 -29.44
CA GLN B 38 12.97 14.38 -30.31
C GLN B 38 11.56 14.57 -29.81
N LEU B 39 11.23 14.06 -28.62
CA LEU B 39 9.87 14.28 -28.15
C LEU B 39 9.76 15.63 -27.45
N PRO B 40 8.63 16.31 -27.63
CA PRO B 40 8.45 17.63 -27.01
C PRO B 40 8.38 17.61 -25.48
N ASP B 41 8.05 16.47 -24.86
CA ASP B 41 7.88 16.41 -23.42
C ASP B 41 8.66 15.22 -22.88
N SER B 42 9.70 15.49 -22.09
CA SER B 42 10.47 14.42 -21.48
C SER B 42 9.75 13.75 -20.32
N SER B 43 8.72 14.38 -19.78
CA SER B 43 8.03 13.84 -18.62
C SER B 43 7.12 12.66 -18.95
N THR B 44 6.52 12.65 -20.13
CA THR B 44 5.58 11.59 -20.52
C THR B 44 6.31 10.27 -20.67
N GLU B 45 5.66 9.19 -20.25
CA GLU B 45 6.23 7.86 -20.40
C GLU B 45 6.21 7.43 -21.87
N ARG B 46 7.01 6.43 -22.19
CA ARG B 46 7.09 5.92 -23.54
C ARG B 46 6.39 4.56 -23.66
N ASP B 47 6.20 4.12 -24.89
CA ASP B 47 5.48 2.88 -25.19
C ASP B 47 6.39 1.77 -25.70
N ASP B 48 7.69 1.89 -25.52
CA ASP B 48 8.62 0.83 -25.93
C ASP B 48 9.75 0.73 -24.93
N ASP B 49 10.74 -0.09 -25.28
CA ASP B 49 11.95 -0.24 -24.49
C ASP B 49 13.12 -0.20 -25.45
N THR B 50 13.86 0.91 -25.47
CA THR B 50 15.04 1.01 -26.31
C THR B 50 16.27 0.41 -25.65
N LYS B 51 16.18 0.04 -24.39
CA LYS B 51 17.33 -0.52 -23.67
C LYS B 51 17.97 -1.71 -24.36
N PRO B 52 17.23 -2.66 -24.95
CA PRO B 52 17.90 -3.83 -25.57
C PRO B 52 18.96 -3.48 -26.61
N PHE B 53 18.97 -2.29 -27.18
CA PHE B 53 19.99 -1.91 -28.15
C PHE B 53 20.78 -0.66 -27.81
N PHE B 54 20.25 0.22 -26.96
CA PHE B 54 20.88 1.51 -26.71
C PHE B 54 21.18 1.66 -25.23
N ARG B 55 22.33 2.24 -24.91
CA ARG B 55 22.68 2.54 -23.53
C ARG B 55 22.33 3.98 -23.20
N GLU B 56 22.00 4.21 -21.93
CA GLU B 56 21.45 5.48 -21.49
C GLU B 56 22.31 6.06 -20.38
N ASN B 57 22.42 7.40 -20.39
CA ASN B 57 23.16 8.15 -19.40
C ASN B 57 22.22 9.11 -18.68
N SER B 58 22.79 9.98 -17.86
CA SER B 58 22.01 10.99 -17.17
C SER B 58 21.48 12.07 -18.10
N ARG B 59 22.29 12.56 -19.03
CA ARG B 59 21.93 13.69 -19.87
C ARG B 59 21.14 13.26 -21.11
N ASN B 60 20.50 12.10 -21.05
CA ASN B 60 19.61 11.64 -22.12
C ASN B 60 20.32 11.58 -23.47
N LYS B 61 21.55 11.09 -23.47
CA LYS B 61 22.21 10.70 -24.70
C LYS B 61 22.25 9.18 -24.80
N PHE B 62 21.82 8.68 -25.95
CA PHE B 62 21.73 7.25 -26.20
C PHE B 62 22.95 6.81 -26.99
N THR B 63 23.68 5.84 -26.43
CA THR B 63 24.90 5.33 -27.03
C THR B 63 24.64 3.94 -27.59
N PRO B 64 24.73 3.76 -28.90
CA PRO B 64 24.43 2.45 -29.46
C PRO B 64 25.52 1.45 -29.09
N ARG B 65 25.10 0.35 -28.46
CA ARG B 65 26.05 -0.68 -28.06
C ARG B 65 26.51 -1.45 -29.31
N ALA B 66 27.18 -0.72 -30.18
CA ALA B 66 27.65 -1.26 -31.45
C ALA B 66 29.16 -1.20 -31.48
N ILE B 67 29.79 -2.32 -31.81
CA ILE B 67 31.24 -2.45 -31.83
C ILE B 67 31.66 -2.74 -33.27
N MET B 68 32.53 -1.89 -33.80
CA MET B 68 32.89 -1.95 -35.21
C MET B 68 34.38 -2.26 -35.36
N MET B 69 34.71 -3.02 -36.39
CA MET B 69 36.07 -3.44 -36.66
C MET B 69 36.49 -3.00 -38.05
N ASP B 70 37.79 -2.80 -38.24
CA ASP B 70 38.30 -2.31 -39.51
C ASP B 70 39.79 -2.65 -39.61
N SER B 71 40.37 -2.35 -40.78
CA SER B 71 41.81 -2.34 -40.96
C SER B 71 42.34 -1.02 -41.51
N GLU B 72 41.56 -0.30 -42.32
CA GLU B 72 41.99 0.96 -42.93
C GLU B 72 40.95 2.00 -42.52
N PRO B 73 41.22 2.78 -41.47
CA PRO B 73 40.14 3.49 -40.77
C PRO B 73 39.37 4.50 -41.61
N SER B 74 39.74 4.70 -42.87
CA SER B 74 39.07 5.71 -43.68
C SER B 74 37.57 5.43 -43.83
N VAL B 75 37.22 4.23 -44.27
CA VAL B 75 35.82 3.91 -44.55
C VAL B 75 34.98 3.89 -43.28
N ILE B 76 35.52 3.40 -42.18
CA ILE B 76 34.79 3.40 -40.93
C ILE B 76 34.72 4.81 -40.36
N ALA B 77 35.57 5.70 -40.86
CA ALA B 77 35.57 7.07 -40.35
C ALA B 77 34.40 7.90 -40.85
N ASP B 78 33.79 7.51 -41.98
CA ASP B 78 32.75 8.33 -42.55
C ASP B 78 31.54 8.46 -41.63
N VAL B 79 31.21 7.39 -40.90
CA VAL B 79 29.96 7.36 -40.16
C VAL B 79 29.92 8.41 -39.06
N GLU B 80 31.00 8.56 -38.29
CA GLU B 80 31.03 9.59 -37.26
C GLU B 80 31.10 10.98 -37.88
N ASN B 81 31.63 11.08 -39.09
CA ASN B 81 31.52 12.30 -39.88
C ASN B 81 30.14 12.45 -40.52
N THR B 82 29.17 11.66 -40.09
CA THR B 82 27.77 11.86 -40.44
C THR B 82 26.88 11.94 -39.22
N PHE B 83 27.20 11.18 -38.18
CA PHE B 83 26.45 11.16 -36.93
C PHE B 83 27.41 11.66 -35.84
N ARG B 84 27.48 12.98 -35.68
CA ARG B 84 28.48 13.59 -34.81
C ARG B 84 28.15 13.25 -33.36
N GLY B 85 29.14 12.74 -32.64
CA GLY B 85 28.96 12.43 -31.23
C GLY B 85 28.07 11.24 -30.94
N PHE B 86 27.61 10.54 -31.97
CA PHE B 86 26.70 9.43 -31.76
C PHE B 86 27.43 8.16 -31.35
N PHE B 87 28.30 7.66 -32.22
CA PHE B 87 29.01 6.43 -31.96
C PHE B 87 30.12 6.67 -30.95
N ASP B 88 30.29 5.76 -30.01
CA ASP B 88 31.40 5.87 -29.08
C ASP B 88 32.69 5.50 -29.82
N PRO B 89 33.69 6.39 -29.86
CA PRO B 89 34.89 6.10 -30.66
C PRO B 89 35.81 5.07 -30.04
N ARG B 90 35.67 4.79 -28.75
CA ARG B 90 36.48 3.75 -28.14
C ARG B 90 36.03 2.36 -28.53
N ASN B 91 34.90 2.24 -29.22
CA ASN B 91 34.40 0.95 -29.64
C ASN B 91 35.02 0.47 -30.95
N THR B 92 35.69 1.36 -31.68
CA THR B 92 36.32 0.98 -32.93
C THR B 92 37.74 0.48 -32.65
N TRP B 93 38.28 -0.23 -33.63
CA TRP B 93 39.61 -0.80 -33.50
C TRP B 93 40.27 -0.68 -34.86
N VAL B 94 41.50 -0.19 -34.89
CA VAL B 94 42.18 0.16 -36.13
C VAL B 94 43.53 -0.54 -36.16
N ALA B 95 43.81 -1.23 -37.26
CA ALA B 95 45.11 -1.83 -37.46
C ALA B 95 46.07 -0.83 -38.10
N SER B 96 47.31 -1.28 -38.30
CA SER B 96 48.30 -0.48 -39.00
C SER B 96 49.23 -1.41 -39.76
N ASP B 97 49.24 -1.23 -41.09
CA ASP B 97 50.10 -2.01 -41.99
C ASP B 97 49.90 -3.52 -41.79
N GLY B 98 48.69 -3.98 -42.11
CA GLY B 98 48.29 -5.36 -41.89
C GLY B 98 48.30 -6.23 -43.14
N ALA B 99 47.13 -6.41 -43.75
CA ALA B 99 47.00 -7.26 -44.92
C ALA B 99 46.92 -6.45 -46.21
N SER B 100 47.07 -7.15 -47.34
CA SER B 100 47.05 -6.51 -48.65
C SER B 100 45.62 -6.15 -49.05
N ALA B 101 45.52 -5.28 -50.05
CA ALA B 101 44.21 -4.87 -50.55
C ALA B 101 43.49 -6.06 -51.18
N GLY B 102 42.22 -6.23 -50.80
CA GLY B 102 41.45 -7.37 -51.23
C GLY B 102 42.03 -8.71 -50.84
N ASN B 103 42.83 -8.75 -49.76
CA ASN B 103 43.61 -9.93 -49.43
C ASN B 103 42.72 -11.14 -49.20
N SER B 104 43.34 -12.31 -49.20
CA SER B 104 42.64 -13.47 -48.71
C SER B 104 42.45 -13.34 -47.21
N TRP B 105 41.52 -14.13 -46.68
CA TRP B 105 41.13 -13.97 -45.28
C TRP B 105 42.30 -14.28 -44.36
N ALA B 106 43.33 -14.93 -44.90
CA ALA B 106 44.37 -15.50 -44.06
C ALA B 106 45.07 -14.46 -43.22
N ASN B 107 45.52 -13.37 -43.84
CA ASN B 107 46.24 -12.37 -43.07
C ASN B 107 45.35 -11.72 -42.04
N GLY B 108 44.06 -11.57 -42.35
CA GLY B 108 43.12 -11.07 -41.35
C GLY B 108 42.96 -12.02 -40.17
N TYR B 109 42.94 -13.32 -40.45
CA TYR B 109 42.89 -14.30 -39.38
C TYR B 109 44.15 -14.22 -38.51
N ASP B 110 45.30 -14.03 -39.14
CA ASP B 110 46.54 -13.87 -38.39
C ASP B 110 46.47 -12.65 -37.49
N ILE B 111 46.00 -11.52 -38.03
CA ILE B 111 45.88 -10.30 -37.24
C ILE B 111 44.90 -10.51 -36.09
N GLY B 112 43.82 -11.24 -36.35
CA GLY B 112 42.85 -11.52 -35.31
C GLY B 112 43.43 -12.36 -34.19
N THR B 113 44.20 -13.39 -34.56
CA THR B 113 44.88 -14.18 -33.53
C THR B 113 45.84 -13.33 -32.73
N ARG B 114 46.46 -12.33 -33.36
CA ARG B 114 47.41 -11.50 -32.63
C ARG B 114 46.71 -10.55 -31.66
N ASN B 115 45.56 -9.98 -32.06
CA ASN B 115 44.94 -8.89 -31.31
C ASN B 115 43.66 -9.29 -30.56
N GLN B 116 43.27 -10.56 -30.64
CA GLN B 116 42.02 -10.96 -30.01
C GLN B 116 42.06 -10.74 -28.51
N ASP B 117 43.24 -10.65 -27.91
CA ASP B 117 43.30 -10.37 -26.47
C ASP B 117 42.65 -9.03 -26.14
N ASP B 118 43.09 -7.95 -26.79
CA ASP B 118 42.52 -6.64 -26.49
C ASP B 118 41.10 -6.50 -27.05
N ILE B 119 40.80 -7.18 -28.16
CA ILE B 119 39.42 -7.17 -28.61
C ILE B 119 38.50 -7.82 -27.58
N LEU B 120 38.94 -8.93 -27.00
CA LEU B 120 38.16 -9.59 -25.95
C LEU B 120 38.03 -8.72 -24.72
N ASN B 121 39.09 -8.00 -24.35
CA ASN B 121 38.96 -7.09 -23.22
C ASN B 121 37.93 -5.99 -23.53
N LYS B 122 37.95 -5.47 -24.75
CA LYS B 122 36.97 -4.48 -25.16
C LYS B 122 35.54 -5.01 -25.02
N ILE B 123 35.27 -6.18 -25.61
CA ILE B 123 33.92 -6.71 -25.54
C ILE B 123 33.54 -7.01 -24.09
N ASP B 124 34.50 -7.45 -23.27
CA ASP B 124 34.20 -7.71 -21.86
C ASP B 124 33.78 -6.43 -21.15
N LYS B 125 34.47 -5.32 -21.42
CA LYS B 125 34.11 -4.08 -20.74
C LYS B 125 32.78 -3.53 -21.24
N GLU B 126 32.43 -3.77 -22.51
CA GLU B 126 31.05 -3.43 -22.90
C GLU B 126 30.04 -4.35 -22.23
N ILE B 127 30.41 -5.62 -22.01
CA ILE B 127 29.51 -6.54 -21.33
C ILE B 127 29.22 -6.07 -19.93
N ASP B 128 30.25 -5.62 -19.21
CA ASP B 128 30.07 -5.26 -17.81
C ASP B 128 29.08 -4.11 -17.64
N SER B 129 28.77 -3.39 -18.72
CA SER B 129 27.92 -2.21 -18.65
C SER B 129 26.48 -2.50 -18.24
N THR B 130 26.03 -3.74 -18.31
CA THR B 130 24.61 -4.03 -18.09
C THR B 130 24.43 -5.27 -17.21
N ASP B 131 23.18 -5.70 -17.09
CA ASP B 131 22.81 -6.84 -16.25
C ASP B 131 22.26 -7.99 -17.07
N ASN B 132 21.22 -7.78 -17.87
CA ASN B 132 20.49 -8.87 -18.52
C ASN B 132 20.96 -8.99 -19.96
N PHE B 133 21.97 -9.82 -20.16
CA PHE B 133 22.61 -10.01 -21.46
C PHE B 133 22.05 -11.25 -22.14
N GLU B 134 21.57 -11.11 -23.37
CA GLU B 134 20.93 -12.20 -24.09
C GLU B 134 21.77 -12.80 -25.21
N GLY B 135 22.55 -12.01 -25.94
CA GLY B 135 23.39 -12.60 -26.96
C GLY B 135 24.07 -11.55 -27.81
N PHE B 136 24.81 -12.04 -28.80
CA PHE B 136 25.52 -11.19 -29.74
C PHE B 136 24.85 -11.22 -31.09
N GLN B 137 25.30 -10.34 -31.98
CA GLN B 137 24.97 -10.38 -33.40
C GLN B 137 26.23 -10.07 -34.19
N LEU B 138 26.38 -10.71 -35.33
CA LEU B 138 27.54 -10.51 -36.19
C LEU B 138 27.08 -10.18 -37.60
N LEU B 139 27.59 -9.09 -38.15
CA LEU B 139 27.14 -8.58 -39.44
C LEU B 139 28.36 -8.39 -40.33
N HIS B 140 28.50 -9.24 -41.34
CA HIS B 140 29.61 -9.07 -42.26
C HIS B 140 29.38 -9.90 -43.51
N SER B 141 30.32 -9.79 -44.43
CA SER B 141 30.35 -10.62 -45.62
C SER B 141 31.42 -11.70 -45.48
N VAL B 142 31.25 -12.75 -46.27
CA VAL B 142 32.24 -13.82 -46.26
C VAL B 142 33.37 -13.53 -47.26
N ALA B 143 33.06 -12.83 -48.35
CA ALA B 143 34.05 -12.63 -49.40
C ALA B 143 35.22 -11.78 -48.94
N GLY B 144 34.95 -10.73 -48.16
CA GLY B 144 36.02 -9.85 -47.74
C GLY B 144 37.05 -10.60 -46.89
N GLY B 145 38.32 -10.28 -47.12
CA GLY B 145 39.38 -11.08 -46.52
C GLY B 145 39.58 -10.82 -45.05
N THR B 146 40.07 -9.62 -44.72
CA THR B 146 40.38 -9.31 -43.32
C THR B 146 39.12 -9.34 -42.47
N GLY B 147 38.01 -8.84 -43.01
CA GLY B 147 36.74 -8.87 -42.31
C GLY B 147 36.28 -10.27 -41.96
N SER B 148 36.31 -11.18 -42.94
CA SER B 148 35.83 -12.54 -42.68
C SER B 148 36.80 -13.29 -41.77
N GLY B 149 38.11 -13.02 -41.90
CA GLY B 149 39.06 -13.61 -40.97
C GLY B 149 38.82 -13.17 -39.54
N LEU B 150 38.64 -11.86 -39.33
CA LEU B 150 38.30 -11.35 -38.02
C LEU B 150 36.99 -11.93 -37.52
N GLY B 151 35.97 -11.95 -38.37
CA GLY B 151 34.69 -12.47 -37.95
C GLY B 151 34.79 -13.91 -37.51
N SER B 152 35.51 -14.73 -38.26
CA SER B 152 35.72 -16.11 -37.88
C SER B 152 36.45 -16.22 -36.54
N ASN B 153 37.52 -15.44 -36.38
CA ASN B 153 38.33 -15.57 -35.17
C ASN B 153 37.54 -15.16 -33.93
N LEU B 154 36.94 -13.96 -33.95
CA LEU B 154 36.10 -13.56 -32.82
C LEU B 154 34.90 -14.47 -32.66
N LEU B 155 34.35 -15.04 -33.73
CA LEU B 155 33.24 -15.96 -33.59
C LEU B 155 33.65 -17.16 -32.73
N GLU B 156 34.83 -17.73 -33.04
CA GLU B 156 35.33 -18.81 -32.20
C GLU B 156 35.55 -18.34 -30.77
N ALA B 157 36.13 -17.15 -30.60
CA ALA B 157 36.42 -16.66 -29.27
C ALA B 157 35.15 -16.50 -28.43
N LEU B 158 34.12 -15.89 -29.02
CA LEU B 158 32.86 -15.76 -28.30
C LEU B 158 32.24 -17.11 -28.00
N CYS B 159 32.19 -18.01 -28.99
CA CYS B 159 31.46 -19.26 -28.77
C CYS B 159 32.11 -20.08 -27.67
N ASP B 160 33.45 -20.16 -27.67
CA ASP B 160 34.07 -20.99 -26.64
C ASP B 160 34.16 -20.30 -25.28
N ARG B 161 34.37 -18.98 -25.24
CA ARG B 161 34.36 -18.31 -23.93
C ARG B 161 32.98 -18.22 -23.33
N TYR B 162 31.94 -18.10 -24.14
CA TYR B 162 30.59 -17.78 -23.67
C TYR B 162 29.65 -18.93 -24.02
N PRO B 163 29.29 -19.74 -23.04
CA PRO B 163 28.49 -20.95 -23.33
C PRO B 163 26.99 -20.71 -23.30
N LYS B 164 26.52 -19.74 -22.53
CA LYS B 164 25.09 -19.58 -22.27
C LYS B 164 24.46 -18.50 -23.14
N LYS B 165 25.16 -18.05 -24.18
CA LYS B 165 24.76 -16.89 -24.95
C LYS B 165 24.57 -17.25 -26.42
N ILE B 166 23.46 -16.80 -26.98
CA ILE B 166 23.09 -17.10 -28.36
C ILE B 166 23.97 -16.28 -29.29
N LEU B 167 24.16 -16.78 -30.51
CA LEU B 167 24.88 -16.06 -31.57
C LEU B 167 24.05 -16.11 -32.85
N THR B 168 23.91 -14.96 -33.51
CA THR B 168 23.24 -14.87 -34.79
C THR B 168 24.13 -14.10 -35.75
N THR B 169 24.33 -14.62 -36.95
CA THR B 169 25.20 -13.97 -37.92
C THR B 169 24.42 -13.67 -39.19
N TYR B 170 24.80 -12.58 -39.85
CA TYR B 170 24.24 -12.18 -41.12
C TYR B 170 25.37 -12.15 -42.13
N SER B 171 25.18 -12.80 -43.27
CA SER B 171 26.26 -13.06 -44.22
C SER B 171 25.88 -12.57 -45.60
N VAL B 172 26.87 -12.17 -46.38
CA VAL B 172 26.67 -11.55 -47.68
C VAL B 172 27.43 -12.36 -48.73
N PHE B 173 26.74 -12.71 -49.84
CA PHE B 173 27.42 -13.44 -50.89
C PHE B 173 27.40 -12.68 -52.21
N PRO B 174 28.52 -12.69 -52.93
CA PRO B 174 28.59 -11.95 -54.19
C PRO B 174 27.71 -12.58 -55.25
N ALA B 175 27.30 -11.75 -56.20
CA ALA B 175 26.62 -12.23 -57.39
C ALA B 175 27.55 -13.11 -58.21
N ARG B 176 26.98 -14.04 -58.95
CA ARG B 176 27.79 -14.91 -59.80
C ARG B 176 28.46 -14.09 -60.90
N SER B 177 29.77 -13.90 -60.78
CA SER B 177 30.52 -13.01 -61.66
C SER B 177 31.92 -13.60 -61.83
N SER B 178 32.85 -12.78 -62.31
CA SER B 178 34.13 -13.31 -62.78
C SER B 178 35.21 -13.41 -61.72
N GLU B 179 35.62 -12.30 -61.09
CA GLU B 179 36.84 -12.33 -60.29
C GLU B 179 36.66 -12.96 -58.92
N VAL B 180 35.45 -12.97 -58.38
CA VAL B 180 35.23 -13.55 -57.07
C VAL B 180 35.61 -15.03 -57.03
N VAL B 181 36.02 -15.59 -58.16
CA VAL B 181 36.61 -16.92 -58.18
C VAL B 181 37.74 -17.04 -57.17
N VAL B 182 38.26 -15.91 -56.70
CA VAL B 182 39.14 -16.01 -55.54
C VAL B 182 38.34 -15.92 -54.23
N GLN B 183 37.54 -14.86 -54.06
CA GLN B 183 36.71 -14.72 -52.87
C GLN B 183 35.83 -15.93 -52.69
N SER B 184 35.11 -16.33 -53.73
CA SER B 184 34.32 -17.55 -53.65
C SER B 184 35.19 -18.70 -53.19
N TYR B 185 36.34 -18.86 -53.84
CA TYR B 185 37.37 -19.75 -53.35
C TYR B 185 37.56 -19.54 -51.86
N ASN B 186 38.00 -18.34 -51.49
CA ASN B 186 38.19 -18.01 -50.09
C ASN B 186 36.95 -18.34 -49.30
N THR B 187 35.78 -18.03 -49.88
CA THR B 187 34.51 -18.16 -49.19
C THR B 187 34.40 -19.51 -48.50
N ILE B 188 34.87 -20.57 -49.13
CA ILE B 188 34.60 -21.90 -48.58
C ILE B 188 35.06 -21.97 -47.14
N LEU B 189 36.28 -21.54 -46.88
CA LEU B 189 36.79 -21.77 -45.53
C LEU B 189 36.00 -20.97 -44.51
N ALA B 190 35.51 -19.80 -44.91
CA ALA B 190 34.69 -19.01 -44.00
C ALA B 190 33.50 -19.81 -43.49
N LEU B 191 32.84 -20.55 -44.39
CA LEU B 191 31.71 -21.34 -43.96
C LEU B 191 32.08 -22.20 -42.77
N ARG B 192 33.29 -22.78 -42.80
CA ARG B 192 33.73 -23.68 -41.75
C ARG B 192 33.37 -23.15 -40.38
N ARG B 193 33.57 -21.87 -40.15
CA ARG B 193 33.29 -21.37 -38.82
C ARG B 193 31.80 -21.27 -38.56
N LEU B 194 31.08 -20.57 -39.42
CA LEU B 194 29.64 -20.44 -39.24
C LEU B 194 28.98 -21.81 -39.16
N ILE B 195 29.49 -22.78 -39.92
CA ILE B 195 28.93 -24.13 -39.90
C ILE B 195 28.90 -24.67 -38.48
N GLU B 196 30.03 -24.56 -37.78
CA GLU B 196 30.11 -25.23 -36.50
C GLU B 196 29.72 -24.30 -35.36
N ASP B 197 29.87 -22.99 -35.58
CA ASP B 197 29.79 -22.06 -34.46
C ASP B 197 28.48 -21.27 -34.43
N SER B 198 27.90 -20.98 -35.59
CA SER B 198 26.67 -20.20 -35.61
C SER B 198 25.49 -21.01 -35.11
N ASP B 199 24.63 -20.36 -34.34
CA ASP B 199 23.41 -20.99 -33.88
C ASP B 199 22.27 -20.81 -34.86
N ALA B 200 22.03 -19.57 -35.28
CA ALA B 200 21.13 -19.30 -36.39
C ALA B 200 21.80 -18.25 -37.25
N THR B 201 21.49 -18.26 -38.55
CA THR B 201 22.09 -17.31 -39.46
C THR B 201 21.27 -17.24 -40.74
N VAL B 202 21.24 -16.07 -41.34
CA VAL B 202 20.51 -15.81 -42.58
C VAL B 202 21.49 -15.25 -43.59
N VAL B 203 21.38 -15.68 -44.84
CA VAL B 203 22.39 -15.45 -45.85
C VAL B 203 21.90 -14.42 -46.86
N PHE B 204 22.82 -13.67 -47.44
CA PHE B 204 22.49 -12.62 -48.39
C PHE B 204 23.35 -12.73 -49.64
N ASP B 205 22.72 -12.59 -50.80
CA ASP B 205 23.39 -12.62 -52.09
C ASP B 205 23.10 -11.32 -52.82
N ASN B 206 23.98 -10.93 -53.74
CA ASN B 206 23.86 -9.61 -54.34
C ASN B 206 23.09 -9.62 -55.66
N ALA B 207 22.94 -10.78 -56.30
CA ALA B 207 22.14 -10.83 -57.53
C ALA B 207 20.71 -10.41 -57.28
N SER B 208 20.07 -11.01 -56.27
CA SER B 208 18.69 -10.68 -55.97
C SER B 208 18.58 -9.27 -55.39
N LEU B 209 19.60 -8.82 -54.67
CA LEU B 209 19.62 -7.44 -54.21
C LEU B 209 19.59 -6.47 -55.38
N LEU B 210 20.46 -6.71 -56.37
CA LEU B 210 20.48 -5.86 -57.55
C LEU B 210 19.16 -5.93 -58.30
N ASN B 211 18.56 -7.12 -58.38
CA ASN B 211 17.25 -7.21 -59.02
C ASN B 211 16.19 -6.40 -58.28
N ILE B 212 16.17 -6.48 -56.95
CA ILE B 212 15.21 -5.69 -56.20
C ILE B 212 15.44 -4.22 -56.48
N SER B 213 16.70 -3.81 -56.56
CA SER B 213 16.99 -2.43 -56.89
C SER B 213 16.48 -2.07 -58.28
N GLY B 214 16.69 -2.96 -59.24
CA GLY B 214 16.19 -2.75 -60.58
C GLY B 214 14.69 -2.67 -60.68
N LYS B 215 13.99 -3.19 -59.68
CA LYS B 215 12.52 -3.10 -59.65
C LYS B 215 11.99 -1.91 -58.87
N VAL B 216 12.65 -1.50 -57.79
CA VAL B 216 12.06 -0.51 -56.89
C VAL B 216 12.44 0.91 -57.26
N PHE B 217 13.74 1.21 -57.24
CA PHE B 217 14.24 2.57 -57.46
C PHE B 217 14.41 2.84 -58.95
N ARG B 218 14.19 4.09 -59.33
CA ARG B 218 14.34 4.48 -60.72
C ARG B 218 15.82 4.59 -61.05
N ASN B 219 16.12 4.89 -62.31
CA ASN B 219 17.43 5.33 -62.78
C ASN B 219 18.63 4.73 -62.05
N PRO B 220 18.82 3.41 -62.15
CA PRO B 220 19.89 2.77 -61.40
C PRO B 220 21.24 2.84 -62.13
N ASN B 221 22.26 3.26 -61.38
CA ASN B 221 23.63 3.26 -61.91
C ASN B 221 24.51 2.29 -61.11
N ILE B 222 24.66 2.53 -59.81
CA ILE B 222 25.27 1.60 -58.86
C ILE B 222 24.54 1.74 -57.54
N ASP B 223 23.92 0.67 -57.08
CA ASP B 223 22.99 0.76 -55.97
C ASP B 223 23.36 -0.14 -54.79
N LEU B 224 24.65 -0.33 -54.55
CA LEU B 224 25.06 -1.11 -53.40
C LEU B 224 24.49 -0.53 -52.12
N GLN B 225 24.40 0.80 -52.05
CA GLN B 225 23.68 1.46 -50.97
C GLN B 225 22.24 0.97 -50.86
N HIS B 226 21.55 0.78 -51.99
CA HIS B 226 20.22 0.20 -51.92
C HIS B 226 20.25 -1.21 -51.33
N THR B 227 21.29 -1.99 -51.63
CA THR B 227 21.40 -3.31 -51.04
C THR B 227 21.47 -3.21 -49.52
N ASN B 228 22.31 -2.30 -49.03
CA ASN B 228 22.38 -2.11 -47.58
C ASN B 228 21.05 -1.65 -47.03
N GLN B 229 20.32 -0.86 -47.81
CA GLN B 229 18.98 -0.45 -47.42
C GLN B 229 18.11 -1.67 -47.15
N LEU B 230 18.05 -2.59 -48.10
CA LEU B 230 17.21 -3.77 -47.93
C LEU B 230 17.67 -4.61 -46.76
N ILE B 231 18.98 -4.76 -46.59
CA ILE B 231 19.52 -5.54 -45.49
C ILE B 231 19.06 -4.99 -44.15
N SER B 232 19.21 -3.68 -43.95
CA SER B 232 18.77 -3.08 -42.71
C SER B 232 17.28 -3.24 -42.55
N THR B 233 16.53 -3.10 -43.64
CA THR B 233 15.10 -3.31 -43.58
C THR B 233 14.80 -4.66 -42.96
N ILE B 234 15.48 -5.70 -43.43
CA ILE B 234 15.21 -7.05 -42.96
C ILE B 234 15.57 -7.19 -41.49
N ILE B 235 16.72 -6.67 -41.09
CA ILE B 235 17.17 -6.84 -39.72
C ILE B 235 16.23 -6.15 -38.74
N SER B 236 15.84 -4.91 -39.08
CA SER B 236 14.89 -4.20 -38.23
C SER B 236 13.56 -4.91 -38.17
N SER B 237 13.08 -5.44 -39.30
CA SER B 237 11.83 -6.19 -39.28
C SER B 237 11.92 -7.38 -38.35
N VAL B 238 13.02 -8.12 -38.40
CA VAL B 238 13.18 -9.28 -37.53
C VAL B 238 13.11 -8.86 -36.06
N THR B 239 13.84 -7.81 -35.70
CA THR B 239 13.88 -7.40 -34.30
C THR B 239 12.68 -6.55 -33.88
N ASN B 240 11.78 -6.24 -34.81
CA ASN B 240 10.63 -5.40 -34.47
C ASN B 240 9.88 -5.94 -33.27
N SER B 241 9.50 -7.22 -33.31
CA SER B 241 8.67 -7.77 -32.26
C SER B 241 9.38 -7.80 -30.91
N ILE B 242 10.69 -7.59 -30.89
CA ILE B 242 11.41 -7.49 -29.62
C ILE B 242 11.52 -6.04 -29.17
N ARG B 243 11.66 -5.11 -30.12
CA ARG B 243 11.86 -3.72 -29.76
C ARG B 243 10.58 -3.05 -29.28
N PHE B 244 9.44 -3.37 -29.91
CA PHE B 244 8.14 -2.86 -29.47
C PHE B 244 7.34 -4.03 -28.94
N PRO B 245 7.29 -4.20 -27.62
CA PRO B 245 6.76 -5.45 -27.06
C PRO B 245 5.35 -5.71 -27.49
N SER B 246 5.02 -6.99 -27.58
CA SER B 246 3.69 -7.44 -27.91
C SER B 246 3.39 -8.63 -27.03
N TYR B 247 2.37 -9.41 -27.37
CA TYR B 247 1.96 -10.47 -26.46
C TYR B 247 3.04 -11.53 -26.25
N MET B 248 3.61 -12.08 -27.32
CA MET B 248 4.18 -13.41 -27.26
C MET B 248 5.70 -13.43 -27.22
N TYR B 249 6.36 -12.88 -28.23
CA TYR B 249 7.79 -13.07 -28.41
C TYR B 249 8.49 -11.85 -27.85
N SER B 250 9.21 -12.06 -26.75
CA SER B 250 9.93 -10.98 -26.10
C SER B 250 11.39 -11.32 -25.87
N SER B 251 11.89 -12.35 -26.55
CA SER B 251 13.31 -12.65 -26.54
C SER B 251 13.69 -13.35 -27.83
N MET B 252 14.96 -13.19 -28.19
CA MET B 252 15.46 -13.70 -29.45
C MET B 252 15.38 -15.22 -29.54
N SER B 253 15.71 -15.92 -28.45
CA SER B 253 15.67 -17.38 -28.48
C SER B 253 14.29 -17.88 -28.82
N SER B 254 13.26 -17.25 -28.27
CA SER B 254 11.90 -17.64 -28.60
C SER B 254 11.58 -17.50 -30.08
N ILE B 255 12.22 -16.57 -30.78
CA ILE B 255 12.01 -16.49 -32.22
C ILE B 255 12.55 -17.72 -32.93
N TYR B 256 13.86 -17.95 -32.82
CA TYR B 256 14.48 -19.03 -33.58
C TYR B 256 13.94 -20.40 -33.15
N SER B 257 13.61 -20.57 -31.87
CA SER B 257 13.25 -21.88 -31.37
C SER B 257 12.16 -22.56 -32.18
N THR B 258 11.33 -21.80 -32.88
CA THR B 258 10.33 -22.38 -33.76
C THR B 258 10.92 -22.76 -35.11
N LEU B 259 12.14 -22.40 -35.40
CA LEU B 259 12.64 -22.54 -36.76
C LEU B 259 13.62 -23.67 -36.96
N ILE B 260 14.46 -23.96 -35.98
CA ILE B 260 15.64 -24.79 -36.20
C ILE B 260 15.46 -26.10 -35.45
N PRO B 261 15.28 -27.22 -36.15
CA PRO B 261 15.56 -28.52 -35.53
C PRO B 261 17.06 -28.74 -35.48
N SER B 262 17.52 -29.95 -35.19
CA SER B 262 18.91 -30.25 -34.83
C SER B 262 19.92 -29.37 -35.56
N PRO B 263 20.92 -28.84 -34.86
CA PRO B 263 21.73 -27.73 -35.41
C PRO B 263 22.57 -28.18 -36.60
N GLU B 264 21.91 -28.78 -37.58
CA GLU B 264 22.46 -29.04 -38.90
C GLU B 264 21.62 -28.43 -39.99
N LEU B 265 20.65 -27.58 -39.64
CA LEU B 265 19.63 -27.12 -40.56
C LEU B 265 19.36 -25.64 -40.32
N HIS B 266 20.36 -24.91 -39.85
CA HIS B 266 20.15 -23.56 -39.35
C HIS B 266 20.56 -22.48 -40.33
N PHE B 267 20.32 -22.69 -41.62
CA PHE B 267 20.53 -21.65 -42.63
C PHE B 267 19.17 -21.17 -43.12
N LEU B 268 18.91 -19.88 -43.00
CA LEU B 268 17.58 -19.36 -43.22
C LEU B 268 17.55 -18.42 -44.40
N SER B 269 16.40 -18.37 -45.07
CA SER B 269 16.22 -17.59 -46.30
C SER B 269 15.05 -16.63 -46.13
N PRO B 270 15.25 -15.34 -46.37
CA PRO B 270 14.19 -14.37 -46.13
C PRO B 270 13.38 -14.03 -47.38
N SER B 271 12.34 -13.25 -47.16
CA SER B 271 11.56 -12.60 -48.21
C SER B 271 10.76 -11.47 -47.57
N PHE B 272 10.28 -10.54 -48.41
CA PHE B 272 9.77 -9.29 -47.87
C PHE B 272 8.76 -8.66 -48.81
N THR B 273 7.89 -7.81 -48.26
CA THR B 273 6.85 -7.17 -49.06
C THR B 273 7.43 -6.06 -49.92
N PRO B 274 6.88 -5.81 -51.12
CA PRO B 274 7.45 -4.75 -51.97
C PRO B 274 7.42 -3.38 -51.30
N PHE B 275 6.50 -3.14 -50.37
CA PHE B 275 6.50 -1.90 -49.60
C PHE B 275 7.81 -1.85 -48.80
N THR B 276 8.65 -0.85 -49.09
CA THR B 276 9.98 -0.77 -48.50
C THR B 276 9.94 -0.07 -47.14
N SER B 277 11.11 0.35 -46.66
CA SER B 277 11.22 1.12 -45.43
C SER B 277 12.20 2.27 -45.51
N ASP B 278 12.54 2.75 -46.71
CA ASP B 278 13.29 3.99 -46.87
C ASP B 278 12.38 5.12 -47.33
N ASP B 283 7.18 6.42 -54.04
CA ASP B 283 6.85 5.27 -54.87
C ASP B 283 6.50 4.05 -54.04
N ILE B 284 6.74 4.11 -52.74
CA ILE B 284 6.40 3.03 -51.83
C ILE B 284 4.90 2.87 -51.64
N ALA B 285 4.12 3.90 -51.97
CA ALA B 285 2.71 3.92 -51.57
C ALA B 285 1.91 2.78 -52.22
N HIS B 286 2.45 2.16 -53.26
CA HIS B 286 1.71 1.12 -53.99
C HIS B 286 1.87 -0.25 -53.33
N LYS B 287 1.27 -1.26 -53.99
CA LYS B 287 1.51 -2.69 -53.78
C LYS B 287 1.63 -3.08 -52.30
N GLY B 288 0.79 -2.50 -51.47
CA GLY B 288 0.70 -2.90 -50.08
C GLY B 288 -0.73 -3.20 -49.72
N HIS B 289 -1.44 -3.77 -50.69
CA HIS B 289 -2.89 -3.74 -50.68
C HIS B 289 -3.48 -4.33 -49.42
N SER B 290 -3.12 -5.56 -49.07
CA SER B 290 -3.81 -6.21 -47.96
C SER B 290 -2.93 -7.30 -47.37
N SER B 291 -3.24 -7.64 -46.12
CA SER B 291 -2.62 -8.78 -45.47
C SER B 291 -2.86 -10.07 -46.24
N TYR B 292 -4.09 -10.28 -46.72
CA TYR B 292 -4.35 -11.41 -47.61
C TYR B 292 -3.39 -11.39 -48.79
N ASP B 293 -3.26 -10.23 -49.43
CA ASP B 293 -2.29 -10.02 -50.49
C ASP B 293 -0.87 -10.26 -50.01
N VAL B 294 -0.52 -9.76 -48.83
CA VAL B 294 0.85 -9.91 -48.34
C VAL B 294 1.19 -11.38 -48.17
N MET B 295 0.32 -12.11 -47.47
CA MET B 295 0.57 -13.51 -47.23
C MET B 295 0.66 -14.27 -48.54
N LEU B 296 -0.22 -13.96 -49.50
CA LEU B 296 -0.14 -14.65 -50.77
C LEU B 296 1.17 -14.37 -51.49
N ASP B 297 1.52 -13.11 -51.68
CA ASP B 297 2.65 -12.82 -52.56
C ASP B 297 3.98 -13.09 -51.86
N LEU B 298 3.95 -13.37 -50.55
CA LEU B 298 5.17 -13.88 -49.93
C LEU B 298 5.73 -15.11 -50.62
N LEU B 299 4.88 -15.94 -51.22
CA LEU B 299 5.34 -17.18 -51.79
C LEU B 299 5.82 -17.03 -53.22
N ASP B 300 5.84 -15.81 -53.74
CA ASP B 300 6.46 -15.55 -55.03
C ASP B 300 7.95 -15.79 -54.92
N PRO B 301 8.50 -16.66 -55.76
CA PRO B 301 9.94 -16.78 -55.83
C PRO B 301 10.63 -15.49 -56.24
N SER B 302 9.92 -14.57 -56.88
CA SER B 302 10.56 -13.31 -57.27
C SER B 302 10.84 -12.40 -56.08
N ASN B 303 10.26 -12.70 -54.91
CA ASN B 303 10.48 -11.92 -53.69
C ASN B 303 11.65 -12.45 -52.87
N SER B 304 12.21 -13.59 -53.25
CA SER B 304 13.30 -14.16 -52.46
C SER B 304 14.49 -13.23 -52.43
N LEU B 305 15.15 -13.19 -51.29
CA LEU B 305 16.40 -12.47 -51.18
C LEU B 305 17.58 -13.30 -51.65
N VAL B 306 17.32 -14.50 -52.16
CA VAL B 306 18.29 -15.27 -52.91
C VAL B 306 17.61 -15.81 -54.16
N SER B 307 18.17 -15.53 -55.32
CA SER B 307 17.55 -15.92 -56.58
C SER B 307 17.68 -17.42 -56.75
N THR B 308 16.56 -18.12 -56.61
CA THR B 308 16.53 -19.57 -56.72
C THR B 308 15.67 -19.95 -57.92
N ALA B 309 15.39 -21.24 -58.02
CA ALA B 309 14.44 -21.74 -58.99
C ALA B 309 13.19 -22.26 -58.28
N MET B 310 12.06 -22.20 -58.98
CA MET B 310 10.80 -22.67 -58.43
C MET B 310 10.48 -24.05 -58.96
N ASN B 311 10.38 -25.00 -58.04
CA ASN B 311 9.93 -26.36 -58.37
C ASN B 311 9.46 -26.98 -57.05
N ASN B 312 8.14 -27.12 -56.93
CA ASN B 312 7.47 -27.78 -55.81
C ASN B 312 8.26 -27.69 -54.50
N PRO B 313 8.62 -26.47 -54.07
CA PRO B 313 9.66 -26.34 -53.06
C PRO B 313 9.27 -27.05 -51.78
N THR B 314 10.28 -27.62 -51.12
CA THR B 314 10.08 -28.36 -49.88
C THR B 314 10.49 -27.46 -48.72
N TYR B 315 9.57 -27.28 -47.77
CA TYR B 315 9.75 -26.32 -46.70
C TYR B 315 9.95 -27.03 -45.37
N PHE B 316 10.84 -26.50 -44.55
CA PHE B 316 10.98 -27.01 -43.20
C PHE B 316 10.15 -26.15 -42.25
N ASN B 317 10.49 -24.88 -42.16
CA ASN B 317 9.85 -23.99 -41.20
C ASN B 317 9.50 -22.65 -41.84
N VAL B 318 8.28 -22.20 -41.59
CA VAL B 318 7.76 -20.96 -42.11
C VAL B 318 7.47 -20.03 -40.95
N TYR B 319 8.07 -18.84 -40.96
CA TYR B 319 7.80 -17.87 -39.91
C TYR B 319 7.66 -16.50 -40.54
N ASN B 320 6.45 -15.96 -40.58
CA ASN B 320 6.28 -14.65 -41.18
C ASN B 320 5.71 -13.68 -40.16
N THR B 321 6.07 -12.42 -40.32
CA THR B 321 5.65 -11.34 -39.44
C THR B 321 4.98 -10.27 -40.28
N ILE B 322 3.83 -9.81 -39.85
CA ILE B 322 3.09 -8.75 -40.52
C ILE B 322 2.97 -7.57 -39.57
N ILE B 323 3.39 -6.40 -40.03
CA ILE B 323 3.42 -5.20 -39.23
C ILE B 323 2.40 -4.21 -39.77
N GLY B 324 1.53 -3.73 -38.88
CA GLY B 324 0.49 -2.78 -39.21
C GLY B 324 -0.83 -3.22 -38.65
N ASN B 325 -1.89 -2.57 -39.12
CA ASN B 325 -3.24 -2.84 -38.65
C ASN B 325 -3.86 -3.92 -39.53
N VAL B 326 -4.14 -5.08 -38.96
CA VAL B 326 -4.47 -6.28 -39.71
C VAL B 326 -5.88 -6.70 -39.37
N GLU B 327 -6.45 -7.59 -40.19
CA GLU B 327 -7.74 -8.19 -39.90
C GLU B 327 -7.57 -9.66 -39.59
N PRO B 328 -8.33 -10.24 -38.66
CA PRO B 328 -8.29 -11.69 -38.46
C PRO B 328 -8.77 -12.50 -39.65
N ARG B 329 -9.83 -12.04 -40.32
CA ARG B 329 -10.42 -12.84 -41.39
C ARG B 329 -9.47 -13.06 -42.55
N GLN B 330 -8.80 -12.00 -43.00
CA GLN B 330 -7.84 -12.14 -44.09
C GLN B 330 -6.79 -13.18 -43.77
N ILE B 331 -6.17 -13.07 -42.60
CA ILE B 331 -5.10 -13.97 -42.23
C ILE B 331 -5.61 -15.39 -42.13
N SER B 332 -6.82 -15.56 -41.60
CA SER B 332 -7.42 -16.88 -41.49
C SER B 332 -7.55 -17.54 -42.86
N ARG B 333 -8.16 -16.82 -43.81
CA ARG B 333 -8.30 -17.40 -45.15
C ARG B 333 -6.94 -17.65 -45.77
N ALA B 334 -5.98 -16.77 -45.50
CA ALA B 334 -4.65 -16.92 -46.06
C ALA B 334 -4.04 -18.25 -45.65
N MET B 335 -4.01 -18.54 -44.35
CA MET B 335 -3.53 -19.88 -43.99
C MET B 335 -4.42 -20.96 -44.56
N THR B 336 -5.74 -20.70 -44.63
CA THR B 336 -6.68 -21.71 -45.10
C THR B 336 -6.28 -22.25 -46.46
N LYS B 337 -5.77 -21.38 -47.33
CA LYS B 337 -5.34 -21.93 -48.62
C LYS B 337 -3.83 -22.14 -48.72
N LEU B 338 -3.03 -21.49 -47.89
CA LEU B 338 -1.58 -21.70 -47.97
C LEU B 338 -1.16 -23.05 -47.42
N GLN B 339 -1.82 -23.53 -46.37
CA GLN B 339 -1.54 -24.91 -45.94
C GLN B 339 -1.74 -25.88 -47.08
N GLN B 340 -2.81 -25.67 -47.86
CA GLN B 340 -3.06 -26.47 -49.05
C GLN B 340 -1.99 -26.28 -50.12
N ARG B 341 -1.61 -25.03 -50.39
CA ARG B 341 -0.61 -24.79 -51.42
C ARG B 341 0.80 -25.13 -50.97
N ILE B 342 1.19 -24.73 -49.77
CA ILE B 342 2.55 -24.91 -49.29
C ILE B 342 2.70 -26.38 -48.90
N LYS B 343 3.85 -26.96 -49.23
CA LYS B 343 4.12 -28.36 -48.91
C LYS B 343 5.38 -28.47 -48.06
N PHE B 344 5.40 -29.50 -47.22
CA PHE B 344 6.56 -29.76 -46.36
C PHE B 344 6.71 -31.27 -46.27
N PRO B 345 7.87 -31.75 -45.84
CA PRO B 345 8.08 -33.20 -45.77
C PRO B 345 7.09 -33.88 -44.84
N SER B 346 6.65 -35.08 -45.24
CA SER B 346 5.63 -35.80 -44.52
C SER B 346 6.10 -36.32 -43.16
N TRP B 347 7.39 -36.24 -42.87
CA TRP B 347 7.88 -36.76 -41.61
C TRP B 347 7.76 -35.78 -40.45
N SER B 348 7.45 -34.53 -40.72
CA SER B 348 7.18 -33.54 -39.68
C SER B 348 5.74 -33.05 -39.81
N SER B 349 5.41 -32.03 -39.03
CA SER B 349 4.06 -31.48 -39.06
C SER B 349 4.10 -30.05 -39.58
N SER B 350 2.91 -29.53 -39.87
CA SER B 350 2.79 -28.15 -40.34
C SER B 350 3.30 -27.18 -39.29
N ALA B 351 4.08 -26.22 -39.74
CA ALA B 351 4.58 -25.18 -38.85
C ALA B 351 4.45 -23.84 -39.54
N MET B 352 3.27 -23.24 -39.38
CA MET B 352 3.03 -21.90 -39.90
C MET B 352 2.80 -21.00 -38.70
N HIS B 353 3.56 -19.92 -38.61
CA HIS B 353 3.46 -19.01 -37.48
C HIS B 353 3.40 -17.58 -37.99
N VAL B 354 2.48 -16.80 -37.43
CA VAL B 354 2.33 -15.39 -37.75
C VAL B 354 2.62 -14.62 -36.48
N ASN B 355 3.20 -13.44 -36.63
CA ASN B 355 3.71 -12.71 -35.48
C ASN B 355 3.26 -11.25 -35.46
N ILE B 356 1.97 -10.99 -35.58
CA ILE B 356 1.43 -9.64 -35.75
C ILE B 356 2.09 -8.68 -34.77
N GLY B 357 2.60 -7.56 -35.28
CA GLY B 357 3.38 -6.65 -34.47
C GLY B 357 2.82 -5.25 -34.36
N ARG B 358 3.70 -4.27 -34.14
CA ARG B 358 3.29 -2.88 -33.96
C ARG B 358 4.02 -1.98 -34.94
N ARG B 359 3.27 -1.05 -35.53
CA ARG B 359 3.89 0.07 -36.23
C ARG B 359 4.44 1.04 -35.19
N SER B 360 5.61 1.59 -35.48
CA SER B 360 6.29 2.40 -34.48
C SER B 360 5.61 3.75 -34.32
N PRO B 361 5.14 4.10 -33.12
CA PRO B 361 4.44 5.37 -32.95
C PRO B 361 5.36 6.53 -32.66
N TYR B 362 6.44 6.65 -33.40
CA TYR B 362 7.33 7.81 -33.31
C TYR B 362 7.82 8.27 -34.65
N LEU B 363 7.56 7.53 -35.70
CA LEU B 363 7.77 8.02 -37.04
C LEU B 363 6.44 8.50 -37.60
N PRO B 364 6.35 9.75 -38.03
CA PRO B 364 5.05 10.30 -38.45
C PRO B 364 4.54 9.62 -39.71
N LEU B 365 3.98 8.43 -39.49
CA LEU B 365 3.51 7.57 -40.56
C LEU B 365 2.29 8.16 -41.24
N GLN B 366 1.97 7.59 -42.40
CA GLN B 366 0.83 7.99 -43.20
C GLN B 366 -0.24 6.92 -43.11
N PRO B 367 -1.04 6.94 -42.04
CA PRO B 367 -1.86 5.77 -41.73
C PRO B 367 -3.04 5.61 -42.66
N ASN B 368 -3.16 4.40 -43.20
CA ASN B 368 -4.40 3.95 -43.79
C ASN B 368 -5.05 2.92 -42.89
N GLU B 369 -6.31 2.60 -43.18
CA GLU B 369 -7.07 1.74 -42.27
C GLU B 369 -6.67 0.27 -42.40
N ASN B 370 -6.18 -0.15 -43.56
CA ASN B 370 -5.88 -1.56 -43.79
C ASN B 370 -4.48 -1.79 -44.38
N GLU B 371 -3.64 -0.76 -44.41
CA GLU B 371 -2.27 -0.93 -44.88
C GLU B 371 -1.47 -1.82 -43.94
N VAL B 372 -0.68 -2.73 -44.54
CA VAL B 372 0.20 -3.62 -43.79
C VAL B 372 1.48 -3.84 -44.60
N SER B 373 2.52 -4.28 -43.90
CA SER B 373 3.69 -4.79 -44.59
C SER B 373 4.01 -6.14 -43.97
N GLY B 374 4.87 -6.90 -44.64
CA GLY B 374 5.13 -8.24 -44.16
C GLY B 374 6.48 -8.73 -44.62
N MET B 375 6.99 -9.68 -43.86
CA MET B 375 8.28 -10.30 -44.17
C MET B 375 8.26 -11.71 -43.62
N MET B 376 9.23 -12.51 -44.05
CA MET B 376 9.17 -13.93 -43.76
C MET B 376 10.57 -14.53 -43.76
N LEU B 377 10.78 -15.46 -42.82
CA LEU B 377 11.96 -16.30 -42.76
C LEU B 377 11.54 -17.74 -43.03
N SER B 378 12.41 -18.48 -43.68
CA SER B 378 12.11 -19.84 -44.07
C SER B 378 13.36 -20.70 -43.97
N ASN B 379 13.15 -22.01 -43.97
CA ASN B 379 14.23 -22.99 -44.01
C ASN B 379 14.04 -23.85 -45.24
N MET B 380 15.07 -23.99 -46.06
CA MET B 380 14.96 -24.55 -47.39
C MET B 380 15.99 -25.64 -47.65
N SER B 381 15.70 -26.48 -48.64
CA SER B 381 16.76 -27.25 -49.29
C SER B 381 17.56 -26.36 -50.22
N THR B 382 16.87 -25.55 -51.01
CA THR B 382 17.49 -24.73 -52.04
C THR B 382 18.59 -23.85 -51.50
N VAL B 383 18.74 -23.75 -50.18
CA VAL B 383 19.84 -22.98 -49.63
C VAL B 383 21.17 -23.51 -50.15
N VAL B 384 21.31 -24.84 -50.25
CA VAL B 384 22.57 -25.38 -50.76
C VAL B 384 22.87 -24.92 -52.18
N ASN B 385 21.86 -24.48 -52.93
CA ASN B 385 22.13 -23.97 -54.26
C ASN B 385 23.14 -22.83 -54.24
N VAL B 386 23.16 -22.02 -53.18
CA VAL B 386 24.11 -20.92 -53.19
C VAL B 386 25.52 -21.46 -53.06
N PHE B 387 25.70 -22.57 -52.36
CA PHE B 387 27.02 -23.17 -52.24
C PHE B 387 27.55 -23.65 -53.57
N GLU B 388 26.75 -24.46 -54.27
CA GLU B 388 27.23 -25.14 -55.47
C GLU B 388 27.77 -24.14 -56.48
N ASN B 389 27.06 -23.03 -56.66
CA ASN B 389 27.51 -22.00 -57.59
C ASN B 389 28.96 -21.63 -57.33
N ALA B 390 29.31 -21.34 -56.08
CA ALA B 390 30.71 -21.14 -55.75
C ALA B 390 31.47 -22.46 -55.75
N CYS B 391 30.90 -23.47 -55.10
CA CYS B 391 31.67 -24.68 -54.81
C CYS B 391 32.15 -25.34 -56.10
N ASN B 392 31.22 -25.53 -57.05
CA ASN B 392 31.57 -26.17 -58.31
C ASN B 392 32.85 -25.59 -58.88
N THR B 393 33.08 -24.31 -58.64
CA THR B 393 34.23 -23.64 -59.23
C THR B 393 35.53 -24.27 -58.76
N PHE B 394 35.73 -24.40 -57.45
CA PHE B 394 37.06 -24.81 -57.02
C PHE B 394 37.25 -26.30 -57.14
N ASP B 395 36.19 -27.03 -57.51
CA ASP B 395 36.38 -28.43 -57.91
C ASP B 395 37.11 -28.52 -59.24
N LYS B 396 37.28 -27.40 -59.94
CA LYS B 396 37.86 -27.41 -61.27
C LYS B 396 39.24 -26.78 -61.36
N VAL B 397 39.62 -25.94 -60.40
CA VAL B 397 40.78 -25.08 -60.54
C VAL B 397 41.87 -25.41 -59.51
N PHE B 398 41.47 -25.79 -58.30
CA PHE B 398 42.39 -25.79 -57.16
C PHE B 398 43.66 -26.58 -57.44
N ALA B 399 43.58 -27.60 -58.29
CA ALA B 399 44.74 -28.43 -58.55
C ALA B 399 45.87 -27.64 -59.19
N LYS B 400 45.55 -26.66 -60.03
CA LYS B 400 46.59 -25.93 -60.73
C LYS B 400 47.34 -24.98 -59.80
N GLY B 401 46.62 -24.12 -59.08
CA GLY B 401 47.19 -23.35 -57.99
C GLY B 401 48.16 -22.25 -58.38
N ALA B 402 48.31 -21.96 -59.67
CA ALA B 402 49.32 -20.99 -60.09
C ALA B 402 49.06 -19.62 -59.48
N PHE B 403 47.85 -19.09 -59.65
CA PHE B 403 47.50 -17.85 -58.97
C PHE B 403 46.81 -18.11 -57.64
N LEU B 404 46.44 -19.35 -57.38
CA LEU B 404 45.70 -19.67 -56.17
C LEU B 404 46.56 -19.60 -54.92
N ASN B 405 47.75 -20.20 -54.94
CA ASN B 405 48.61 -20.14 -53.77
C ASN B 405 49.06 -18.72 -53.48
N ASN B 406 49.07 -17.86 -54.50
CA ASN B 406 49.82 -16.62 -54.45
C ASN B 406 49.30 -15.64 -53.41
N TYR B 407 47.99 -15.65 -53.12
CA TYR B 407 47.48 -14.90 -51.99
C TYR B 407 47.66 -15.62 -50.67
N ASN B 408 48.42 -16.72 -50.64
CA ASN B 408 48.98 -17.29 -49.41
C ASN B 408 47.90 -17.53 -48.37
N VAL B 409 47.03 -18.46 -48.72
CA VAL B 409 45.85 -18.76 -47.92
C VAL B 409 46.14 -19.84 -46.87
N GLY B 410 46.64 -19.42 -45.71
CA GLY B 410 46.84 -20.35 -44.62
C GLY B 410 47.39 -19.66 -43.39
N ASP B 411 47.38 -20.40 -42.27
CA ASP B 411 47.96 -19.86 -41.04
C ASP B 411 49.47 -19.86 -41.06
N LEU B 412 50.08 -20.81 -41.78
CA LEU B 412 51.48 -20.74 -42.14
C LEU B 412 51.62 -20.23 -43.57
N PHE B 413 52.83 -19.80 -43.91
CA PHE B 413 53.12 -19.28 -45.22
C PHE B 413 53.89 -20.31 -46.05
N GLN B 414 53.35 -20.60 -47.23
CA GLN B 414 54.02 -21.38 -48.27
C GLN B 414 54.15 -22.85 -47.90
N SER B 415 53.71 -23.22 -46.69
CA SER B 415 53.70 -24.63 -46.28
C SER B 415 52.40 -25.28 -46.77
N MET B 416 52.30 -25.41 -48.09
CA MET B 416 51.01 -25.68 -48.73
C MET B 416 50.45 -27.04 -48.37
N GLN B 417 51.23 -27.93 -47.76
CA GLN B 417 50.69 -29.20 -47.32
C GLN B 417 49.57 -29.03 -46.28
N ASN B 418 49.84 -28.31 -45.19
CA ASN B 418 48.79 -28.05 -44.22
C ASN B 418 47.70 -27.18 -44.82
N VAL B 419 48.04 -26.37 -45.82
CA VAL B 419 47.03 -25.58 -46.52
C VAL B 419 46.03 -26.49 -47.22
N GLN B 420 46.51 -27.46 -47.98
CA GLN B 420 45.59 -28.40 -48.62
C GLN B 420 44.84 -29.21 -47.58
N ASP B 421 45.49 -29.49 -46.44
CA ASP B 421 44.77 -30.16 -45.36
C ASP B 421 43.55 -29.34 -44.93
N GLU B 422 43.77 -28.06 -44.62
CA GLU B 422 42.66 -27.20 -44.22
C GLU B 422 41.58 -27.18 -45.29
N PHE B 423 41.98 -27.03 -46.55
CA PHE B 423 41.00 -26.91 -47.62
C PHE B 423 40.20 -28.20 -47.79
N ALA B 424 40.87 -29.34 -47.70
CA ALA B 424 40.19 -30.61 -47.89
C ALA B 424 39.21 -30.88 -46.76
N GLU B 425 39.65 -30.66 -45.51
CA GLU B 425 38.74 -30.88 -44.39
C GLU B 425 37.55 -29.93 -44.49
N SER B 426 37.81 -28.69 -44.92
CA SER B 426 36.73 -27.73 -45.05
C SER B 426 35.72 -28.19 -46.11
N ARG B 427 36.20 -28.57 -47.28
CA ARG B 427 35.27 -28.97 -48.33
C ARG B 427 34.50 -30.22 -47.95
N GLU B 428 35.15 -31.16 -47.27
CA GLU B 428 34.41 -32.34 -46.85
C GLU B 428 33.36 -31.99 -45.79
N VAL B 429 33.64 -31.02 -44.92
CA VAL B 429 32.62 -30.57 -43.99
C VAL B 429 31.44 -29.97 -44.74
N VAL B 430 31.72 -29.20 -45.78
CA VAL B 430 30.65 -28.67 -46.62
C VAL B 430 29.87 -29.81 -47.26
N GLN B 431 30.57 -30.86 -47.69
CA GLN B 431 29.91 -32.00 -48.30
C GLN B 431 28.99 -32.69 -47.29
N SER B 432 29.44 -32.77 -46.04
CA SER B 432 28.58 -33.30 -44.99
C SER B 432 27.33 -32.47 -44.84
N LEU B 433 27.46 -31.15 -44.83
CA LEU B 433 26.28 -30.28 -44.79
C LEU B 433 25.32 -30.62 -45.92
N MET B 434 25.85 -30.69 -47.14
CA MET B 434 24.99 -30.86 -48.30
C MET B 434 24.26 -32.19 -48.27
N GLU B 435 25.00 -33.27 -48.00
CA GLU B 435 24.35 -34.56 -47.89
C GLU B 435 23.38 -34.60 -46.72
N ASP B 436 23.65 -33.85 -45.65
CA ASP B 436 22.72 -33.80 -44.53
C ASP B 436 21.40 -33.17 -44.94
N TYR B 437 21.47 -32.05 -45.65
CA TYR B 437 20.25 -31.42 -46.13
C TYR B 437 19.54 -32.32 -47.12
N VAL B 438 20.29 -33.09 -47.90
CA VAL B 438 19.67 -34.05 -48.82
C VAL B 438 18.94 -35.13 -48.05
N ALA B 439 19.56 -35.64 -46.98
CA ALA B 439 18.96 -36.71 -46.20
C ALA B 439 17.69 -36.23 -45.53
N ALA B 440 17.70 -35.00 -45.01
CA ALA B 440 16.46 -34.39 -44.57
C ALA B 440 15.48 -34.29 -45.72
N GLU B 441 15.99 -34.05 -46.93
CA GLU B 441 15.15 -34.01 -48.11
C GLU B 441 14.64 -35.39 -48.48
N GLN B 442 15.54 -36.37 -48.54
CA GLN B 442 15.33 -37.58 -49.33
C GLN B 442 14.35 -38.57 -48.71
N ASP B 443 13.57 -38.16 -47.70
CA ASP B 443 12.50 -38.99 -47.13
C ASP B 443 13.01 -40.31 -46.58
N SER B 444 14.33 -40.41 -46.35
CA SER B 444 14.91 -41.67 -45.91
C SER B 444 14.41 -42.13 -44.55
N TYR B 445 14.31 -41.23 -43.57
CA TYR B 445 13.71 -41.59 -42.29
C TYR B 445 12.25 -41.97 -42.42
N LEU B 446 11.59 -41.63 -43.53
CA LEU B 446 10.24 -42.16 -43.74
C LEU B 446 10.28 -43.68 -43.93
N SER C 163 -97.25 43.19 -1.78
CA SER C 163 -96.49 42.66 -0.66
C SER C 163 -95.03 43.07 -0.74
N SER C 164 -94.78 44.31 -1.17
CA SER C 164 -93.43 44.83 -1.32
C SER C 164 -92.95 45.36 0.03
N VAL C 165 -92.67 44.42 0.93
CA VAL C 165 -92.24 44.72 2.29
C VAL C 165 -90.99 43.92 2.59
N THR C 166 -90.39 44.22 3.74
CA THR C 166 -89.12 43.61 4.11
C THR C 166 -89.33 42.37 4.98
N LEU C 167 -88.76 41.24 4.53
CA LEU C 167 -88.91 39.99 5.27
C LEU C 167 -88.28 40.05 6.66
N ARG C 168 -87.07 40.60 6.79
CA ARG C 168 -86.53 40.71 8.13
C ARG C 168 -87.37 41.67 8.97
N GLN C 169 -88.01 42.64 8.33
CA GLN C 169 -89.00 43.44 9.05
C GLN C 169 -90.23 42.62 9.38
N LEU C 170 -90.58 41.65 8.52
CA LEU C 170 -91.69 40.76 8.83
C LEU C 170 -91.35 39.83 9.99
N SER C 171 -90.06 39.68 10.29
CA SER C 171 -89.65 38.70 11.29
C SER C 171 -89.22 39.32 12.60
N ASN C 172 -88.64 40.52 12.60
CA ASN C 172 -88.05 41.07 13.81
C ASN C 172 -89.05 41.33 14.93
N PRO C 173 -90.16 42.05 14.73
CA PRO C 173 -91.09 42.25 15.86
C PRO C 173 -91.71 40.96 16.35
N TYR C 174 -91.70 39.88 15.56
CA TYR C 174 -92.07 38.58 16.08
C TYR C 174 -91.19 38.20 17.26
N TYR C 175 -89.89 38.46 17.13
CA TYR C 175 -88.95 38.30 18.25
C TYR C 175 -88.94 39.61 19.03
N VAL C 176 -89.72 39.63 20.10
CA VAL C 176 -89.94 40.84 20.88
C VAL C 176 -88.83 41.07 21.90
N ASN C 177 -88.45 40.04 22.66
CA ASN C 177 -87.58 40.24 23.82
C ASN C 177 -86.13 39.89 23.49
N THR C 178 -85.56 40.70 22.60
CA THR C 178 -84.14 40.59 22.29
C THR C 178 -83.60 42.00 22.04
N ILE C 179 -82.29 42.13 22.08
CA ILE C 179 -81.60 43.41 21.97
C ILE C 179 -81.54 43.78 20.51
N PRO C 180 -81.69 45.06 20.15
CA PRO C 180 -81.41 45.46 18.78
C PRO C 180 -80.00 45.03 18.39
N GLU C 181 -79.91 44.38 17.23
CA GLU C 181 -78.64 43.82 16.77
C GLU C 181 -77.58 44.90 16.64
N GLU C 182 -78.00 46.15 16.43
CA GLU C 182 -77.06 47.26 16.43
C GLU C 182 -76.33 47.38 17.77
N ASP C 183 -77.07 47.28 18.87
CA ASP C 183 -76.41 47.33 20.17
C ASP C 183 -75.60 46.07 20.44
N ILE C 184 -75.99 44.95 19.84
CA ILE C 184 -75.13 43.77 19.93
C ILE C 184 -73.78 44.08 19.32
N LEU C 185 -73.78 44.74 18.16
CA LEU C 185 -72.52 45.20 17.58
C LEU C 185 -71.81 46.15 18.53
N LYS C 186 -72.57 47.07 19.12
CA LYS C 186 -72.01 48.03 20.06
C LYS C 186 -71.21 47.32 21.15
N TYR C 187 -71.81 46.28 21.73
CA TYR C 187 -71.15 45.59 22.84
C TYR C 187 -70.03 44.67 22.36
N VAL C 188 -70.18 44.03 21.20
CA VAL C 188 -69.15 43.11 20.76
C VAL C 188 -67.87 43.86 20.40
N SER C 189 -68.00 45.08 19.87
CA SER C 189 -66.78 45.84 19.55
C SER C 189 -65.97 46.18 20.79
N TYR C 190 -66.61 46.56 21.89
CA TYR C 190 -65.89 46.75 23.15
C TYR C 190 -65.29 45.45 23.67
N THR C 191 -66.05 44.36 23.66
CA THR C 191 -65.54 43.16 24.30
C THR C 191 -64.48 42.45 23.46
N LEU C 192 -64.39 42.79 22.17
CA LEU C 192 -63.48 42.03 21.30
C LEU C 192 -62.06 42.08 21.81
N LEU C 193 -61.71 43.11 22.56
CA LEU C 193 -60.44 43.17 23.24
C LEU C 193 -60.54 42.74 24.69
N ALA C 194 -61.54 41.91 25.00
CA ALA C 194 -61.73 41.35 26.34
C ALA C 194 -61.92 42.44 27.38
N THR C 195 -62.64 43.49 27.01
CA THR C 195 -62.95 44.58 27.92
C THR C 195 -64.40 44.47 28.37
N THR C 196 -64.60 44.43 29.69
CA THR C 196 -65.92 44.20 30.23
C THR C 196 -66.81 45.40 30.00
N SER C 197 -68.10 45.13 29.92
CA SER C 197 -69.11 46.17 29.76
C SER C 197 -70.46 45.56 30.13
N ALA C 198 -71.54 46.27 29.77
CA ALA C 198 -72.86 45.98 30.33
C ALA C 198 -73.29 44.53 30.10
N LEU C 199 -73.11 44.02 28.89
CA LEU C 199 -73.62 42.69 28.61
C LEU C 199 -72.65 41.56 28.92
N PHE C 200 -71.35 41.84 29.09
CA PHE C 200 -70.34 40.78 29.22
C PHE C 200 -69.22 41.20 30.17
N PRO C 201 -69.38 40.94 31.47
CA PRO C 201 -68.29 41.11 32.47
C PRO C 201 -67.35 39.92 32.58
N PHE C 202 -66.30 39.92 31.77
CA PHE C 202 -65.18 39.02 31.99
C PHE C 202 -64.81 38.94 33.46
N ASP C 203 -64.80 37.73 34.02
CA ASP C 203 -64.25 37.55 35.36
C ASP C 203 -62.78 37.11 35.25
N HIS C 204 -62.07 37.78 34.35
CA HIS C 204 -60.64 37.52 34.10
C HIS C 204 -60.37 36.08 33.65
N GLU C 205 -61.39 35.22 33.64
CA GLU C 205 -61.23 33.84 33.22
C GLU C 205 -62.36 33.31 32.35
N GLN C 206 -63.56 33.87 32.43
CA GLN C 206 -64.66 33.44 31.58
C GLN C 206 -65.61 34.59 31.32
N ILE C 207 -66.67 34.28 30.57
CA ILE C 207 -67.67 35.24 30.13
C ILE C 207 -69.02 34.74 30.61
N GLN C 208 -69.82 35.61 31.22
CA GLN C 208 -71.20 35.25 31.50
C GLN C 208 -72.13 35.83 30.43
N ILE C 209 -72.64 34.98 29.57
CA ILE C 209 -73.59 35.37 28.53
C ILE C 209 -74.98 35.42 29.12
N PRO C 210 -75.66 36.55 29.11
CA PRO C 210 -76.93 36.68 29.82
C PRO C 210 -78.08 36.08 29.03
N SER C 211 -79.28 36.26 29.58
CA SER C 211 -80.48 35.75 28.96
C SER C 211 -80.88 36.59 27.75
N LYS C 212 -82.05 36.28 27.19
CA LYS C 212 -82.62 37.01 26.06
C LYS C 212 -81.70 36.98 24.85
N ILE C 213 -80.89 35.93 24.73
CA ILE C 213 -79.91 35.75 23.67
C ILE C 213 -80.15 34.41 23.01
N PRO C 214 -80.61 34.36 21.76
CA PRO C 214 -80.91 33.08 21.12
C PRO C 214 -79.66 32.21 21.04
N ASN C 215 -79.90 30.92 20.84
CA ASN C 215 -78.79 29.98 20.70
C ASN C 215 -77.84 30.38 19.58
N PHE C 216 -78.39 30.84 18.46
CA PHE C 216 -77.55 31.34 17.37
C PHE C 216 -76.59 32.40 17.85
N GLU C 217 -77.10 33.42 18.52
CA GLU C 217 -76.25 34.50 18.98
C GLU C 217 -75.22 33.98 19.96
N SER C 218 -75.60 33.03 20.80
CA SER C 218 -74.66 32.44 21.74
C SER C 218 -73.51 31.77 21.03
N GLY C 219 -73.81 30.98 20.00
CA GLY C 219 -72.73 30.31 19.29
C GLY C 219 -71.82 31.28 18.58
N LEU C 220 -72.40 32.28 17.92
CA LEU C 220 -71.55 33.26 17.25
C LEU C 220 -70.72 34.04 18.24
N LEU C 221 -71.27 34.33 19.41
CA LEU C 221 -70.46 35.01 20.41
C LEU C 221 -69.36 34.10 20.92
N HIS C 222 -69.61 32.80 21.02
CA HIS C 222 -68.51 31.88 21.27
C HIS C 222 -67.42 32.05 20.21
N LEU C 223 -67.82 31.96 18.95
CA LEU C 223 -66.85 31.97 17.85
C LEU C 223 -66.03 33.24 17.85
N ILE C 224 -66.69 34.38 18.02
CA ILE C 224 -65.97 35.65 18.01
C ILE C 224 -65.12 35.79 19.26
N PHE C 225 -65.70 35.53 20.43
CA PHE C 225 -65.05 35.84 21.69
C PHE C 225 -63.86 34.93 21.95
N GLU C 226 -63.72 33.88 21.15
CA GLU C 226 -62.45 33.16 21.13
C GLU C 226 -61.29 34.13 21.04
N ALA C 227 -61.42 35.17 20.21
CA ALA C 227 -60.35 36.13 20.02
C ALA C 227 -60.03 36.85 21.33
N GLY C 228 -61.04 37.32 22.05
CA GLY C 228 -60.79 38.02 23.29
C GLY C 228 -60.20 37.13 24.36
N LEU C 229 -60.68 35.88 24.44
CA LEU C 229 -60.08 34.96 25.40
C LEU C 229 -58.61 34.76 25.12
N LEU C 230 -58.26 34.57 23.85
CA LEU C 230 -56.85 34.43 23.49
C LEU C 230 -56.09 35.69 23.86
N TYR C 231 -56.67 36.86 23.60
CA TYR C 231 -55.99 38.12 23.90
C TYR C 231 -55.68 38.22 25.39
N GLN C 232 -56.65 37.86 26.24
CA GLN C 232 -56.45 37.94 27.68
C GLN C 232 -55.41 36.94 28.16
N SER C 233 -55.46 35.71 27.64
CA SER C 233 -54.47 34.71 28.04
C SER C 233 -53.06 35.13 27.66
N LEU C 234 -52.89 35.61 26.43
CA LEU C 234 -51.58 36.06 26.01
C LEU C 234 -51.13 37.28 26.80
N GLY C 235 -52.07 38.15 27.15
CA GLY C 235 -51.72 39.28 28.00
C GLY C 235 -51.22 38.85 29.36
N TYR C 236 -51.88 37.84 29.94
CA TYR C 236 -51.40 37.30 31.21
C TYR C 236 -50.00 36.73 31.06
N LYS C 237 -49.76 35.97 30.00
CA LYS C 237 -48.42 35.45 29.75
C LYS C 237 -47.39 36.58 29.72
N VAL C 238 -47.66 37.60 28.93
CA VAL C 238 -46.68 38.67 28.74
C VAL C 238 -46.43 39.39 30.05
N GLU C 239 -47.50 39.74 30.77
CA GLU C 239 -47.32 40.44 32.04
C GLU C 239 -46.60 39.57 33.06
N LYS C 240 -46.83 38.26 32.99
CA LYS C 240 -46.21 37.34 33.94
C LYS C 240 -44.72 37.22 33.72
N PHE C 241 -44.28 37.25 32.46
CA PHE C 241 -42.84 37.10 32.21
C PHE C 241 -42.06 38.40 32.14
N ARG C 242 -42.70 39.56 31.95
CA ARG C 242 -41.85 40.75 31.88
C ARG C 242 -41.21 41.10 33.22
N MET C 243 -41.64 40.45 34.30
CA MET C 243 -41.10 40.72 35.62
C MET C 243 -40.13 39.65 36.11
N LEU C 244 -39.58 38.84 35.20
CA LEU C 244 -38.82 37.66 35.59
C LEU C 244 -37.37 37.74 35.12
N ASN C 245 -36.57 36.78 35.58
CA ASN C 245 -35.18 36.63 35.16
C ASN C 245 -35.05 35.31 34.42
N ILE C 246 -34.89 35.42 33.09
CA ILE C 246 -34.96 34.27 32.20
C ILE C 246 -33.98 34.45 31.06
N SER C 247 -33.94 33.45 30.17
CA SER C 247 -32.99 33.45 29.07
C SER C 247 -33.32 34.55 28.07
N PRO C 248 -32.32 35.09 27.39
CA PRO C 248 -32.58 36.13 26.37
C PRO C 248 -33.50 35.69 25.24
N MET C 249 -33.42 34.43 24.82
CA MET C 249 -34.33 33.96 23.78
C MET C 249 -35.76 33.98 24.28
N LYS C 250 -35.95 33.79 25.58
CA LYS C 250 -37.28 33.89 26.15
C LYS C 250 -37.87 35.28 25.92
N LYS C 251 -37.10 36.33 26.19
CA LYS C 251 -37.64 37.66 25.94
C LYS C 251 -37.71 37.95 24.46
N ALA C 252 -36.96 37.22 23.64
CA ALA C 252 -37.21 37.32 22.21
C ALA C 252 -38.63 36.88 21.89
N LEU C 253 -39.05 35.74 22.46
CA LEU C 253 -40.45 35.35 22.28
C LEU C 253 -41.40 36.37 22.89
N ILE C 254 -41.07 36.90 24.07
CA ILE C 254 -41.93 37.89 24.71
C ILE C 254 -42.14 39.09 23.81
N ILE C 255 -41.06 39.63 23.25
CA ILE C 255 -41.17 40.84 22.46
C ILE C 255 -41.91 40.56 21.16
N GLU C 256 -41.66 39.41 20.54
CA GLU C 256 -42.43 39.13 19.34
C GLU C 256 -43.91 38.98 19.62
N ILE C 257 -44.27 38.31 20.72
CA ILE C 257 -45.67 38.17 21.06
C ILE C 257 -46.29 39.53 21.36
N SER C 258 -45.52 40.41 22.02
CA SER C 258 -46.03 41.74 22.31
C SER C 258 -46.28 42.52 21.03
N GLU C 259 -45.38 42.43 20.05
CA GLU C 259 -45.62 43.10 18.79
C GLU C 259 -46.86 42.53 18.11
N GLU C 260 -47.05 41.22 18.18
CA GLU C 260 -48.26 40.64 17.63
C GLU C 260 -49.50 41.21 18.30
N LEU C 261 -49.44 41.34 19.63
CA LEU C 261 -50.59 41.87 20.36
C LEU C 261 -50.87 43.31 19.97
N GLN C 262 -49.81 44.11 19.82
CA GLN C 262 -50.00 45.49 19.39
C GLN C 262 -50.62 45.54 17.99
N ASN C 263 -50.14 44.70 17.09
CA ASN C 263 -50.71 44.69 15.74
C ASN C 263 -52.18 44.30 15.77
N TYR C 264 -52.54 43.33 16.62
CA TYR C 264 -53.95 42.95 16.75
C TYR C 264 -54.77 44.12 17.29
N THR C 265 -54.24 44.81 18.29
CA THR C 265 -54.92 45.99 18.82
C THR C 265 -55.19 47.01 17.72
N ALA C 266 -54.14 47.33 16.94
CA ALA C 266 -54.28 48.30 15.88
C ALA C 266 -55.29 47.86 14.85
N PHE C 267 -55.26 46.60 14.46
CA PHE C 267 -56.19 46.11 13.45
C PHE C 267 -57.63 46.20 13.95
N VAL C 268 -57.86 45.80 15.19
CA VAL C 268 -59.22 45.80 15.71
C VAL C 268 -59.75 47.23 15.81
N ASN C 269 -58.97 48.14 16.37
CA ASN C 269 -59.49 49.49 16.52
C ASN C 269 -59.59 50.19 15.19
N ASN C 270 -58.74 49.86 14.22
CA ASN C 270 -58.91 50.40 12.88
C ASN C 270 -60.21 49.91 12.26
N LEU C 271 -60.53 48.62 12.45
CA LEU C 271 -61.82 48.13 12.00
C LEU C 271 -62.96 48.91 12.65
N VAL C 272 -62.86 49.14 13.96
CA VAL C 272 -63.91 49.88 14.64
C VAL C 272 -64.04 51.30 14.09
N SER C 273 -62.91 51.96 13.86
CA SER C 273 -62.94 53.34 13.38
C SER C 273 -63.54 53.43 11.99
N SER C 274 -63.04 52.61 11.06
CA SER C 274 -63.47 52.75 9.67
C SER C 274 -64.93 52.37 9.49
N GLY C 275 -65.51 51.67 10.45
CA GLY C 275 -66.94 51.40 10.43
C GLY C 275 -67.43 50.57 9.26
N THR C 276 -66.71 49.50 8.89
CA THR C 276 -67.21 48.55 7.91
C THR C 276 -67.94 47.39 8.55
N VAL C 277 -68.07 47.39 9.87
CA VAL C 277 -68.80 46.36 10.59
C VAL C 277 -70.28 46.67 10.44
N VAL C 278 -71.03 45.68 9.98
CA VAL C 278 -72.48 45.84 9.81
C VAL C 278 -73.26 44.77 10.56
N SER C 279 -72.69 43.60 10.78
CA SER C 279 -73.34 42.51 11.48
C SER C 279 -72.29 41.57 12.00
N LEU C 280 -72.73 40.61 12.80
CA LEU C 280 -71.79 39.71 13.44
C LEU C 280 -70.95 38.96 12.42
N LYS C 281 -71.58 38.41 11.39
CA LYS C 281 -70.86 37.57 10.44
C LYS C 281 -69.79 38.37 9.71
N SER C 282 -70.04 39.66 9.49
CA SER C 282 -68.99 40.50 8.93
C SER C 282 -67.80 40.55 9.87
N LEU C 283 -68.06 40.72 11.16
CA LEU C 283 -66.95 40.72 12.11
C LEU C 283 -66.24 39.38 12.09
N TYR C 284 -67.01 38.30 11.98
CA TYR C 284 -66.42 36.97 11.88
C TYR C 284 -65.42 36.91 10.73
N ARG C 285 -65.87 37.25 9.53
CA ARG C 285 -64.99 37.07 8.36
C ARG C 285 -63.82 38.02 8.44
N GLU C 286 -64.02 39.20 9.03
CA GLU C 286 -62.95 40.18 9.07
C GLU C 286 -61.76 39.71 9.90
N ILE C 287 -61.99 38.98 10.99
CA ILE C 287 -60.92 38.70 11.94
C ILE C 287 -60.52 37.23 11.95
N TYR C 288 -61.20 36.37 11.18
CA TYR C 288 -60.93 34.93 11.25
C TYR C 288 -59.45 34.65 11.04
N GLU C 289 -58.83 35.37 10.12
CA GLU C 289 -57.39 35.26 9.96
C GLU C 289 -56.66 35.62 11.24
N ASN C 290 -57.08 36.71 11.90
CA ASN C 290 -56.38 37.08 13.12
C ASN C 290 -56.70 36.11 14.25
N ILE C 291 -57.88 35.49 14.20
CA ILE C 291 -58.15 34.39 15.13
C ILE C 291 -57.09 33.32 14.99
N ILE C 292 -56.83 32.89 13.75
CA ILE C 292 -55.87 31.82 13.54
C ILE C 292 -54.48 32.27 13.95
N ARG C 293 -54.12 33.51 13.63
CA ARG C 293 -52.80 33.99 14.00
C ARG C 293 -52.61 33.93 15.52
N LEU C 294 -53.59 34.44 16.27
CA LEU C 294 -53.49 34.39 17.72
C LEU C 294 -53.46 32.95 18.21
N ARG C 295 -54.23 32.09 17.55
CA ARG C 295 -54.29 30.69 17.96
C ARG C 295 -52.93 30.02 17.84
N ILE C 296 -52.25 30.24 16.71
CA ILE C 296 -50.94 29.64 16.51
C ILE C 296 -49.94 30.21 17.49
N TYR C 297 -49.96 31.54 17.68
CA TYR C 297 -49.06 32.14 18.65
C TYR C 297 -49.27 31.55 20.03
N CYS C 298 -50.51 31.27 20.39
CA CYS C 298 -50.78 30.66 21.69
C CYS C 298 -50.25 29.24 21.76
N ARG C 299 -50.53 28.44 20.73
CA ARG C 299 -50.13 27.04 20.79
C ARG C 299 -48.61 26.90 20.82
N PHE C 300 -47.88 27.81 20.19
CA PHE C 300 -46.43 27.59 20.15
C PHE C 300 -45.75 27.75 21.50
N THR C 301 -46.35 28.45 22.46
CA THR C 301 -45.70 28.72 23.73
C THR C 301 -46.40 28.07 24.92
N GLU C 302 -46.81 26.80 24.80
CA GLU C 302 -47.59 26.18 25.86
C GLU C 302 -46.76 25.89 27.09
N HIS C 303 -45.43 25.85 26.97
CA HIS C 303 -44.57 25.46 28.09
C HIS C 303 -43.43 26.45 28.28
N LEU C 304 -43.71 27.74 28.06
CA LEU C 304 -42.66 28.75 28.16
C LEU C 304 -42.04 28.78 29.55
N GLU C 305 -42.83 28.46 30.58
CA GLU C 305 -42.40 28.60 31.96
C GLU C 305 -41.35 27.57 32.37
N GLU C 306 -41.42 26.35 31.85
CA GLU C 306 -40.60 25.26 32.35
C GLU C 306 -39.30 25.05 31.60
N LEU C 307 -39.36 24.91 30.29
CA LEU C 307 -38.24 24.36 29.52
C LEU C 307 -37.27 25.46 29.12
N SER C 308 -36.24 25.06 28.38
CA SER C 308 -35.23 25.98 27.89
C SER C 308 -35.50 26.39 26.45
N GLY C 309 -34.84 27.46 26.02
CA GLY C 309 -35.10 28.01 24.70
C GLY C 309 -34.68 27.10 23.55
N ASP C 310 -33.49 26.51 23.64
CA ASP C 310 -32.99 25.72 22.52
C ASP C 310 -33.95 24.60 22.15
N THR C 311 -34.74 24.13 23.12
CA THR C 311 -35.88 23.29 22.78
C THR C 311 -36.75 23.98 21.75
N PHE C 312 -37.09 25.25 21.98
CA PHE C 312 -37.91 25.96 21.03
C PHE C 312 -37.16 26.18 19.72
N LEU C 313 -35.85 26.39 19.78
CA LEU C 313 -35.09 26.51 18.55
C LEU C 313 -35.27 25.27 17.68
N ILE C 314 -35.13 24.10 18.27
CA ILE C 314 -35.28 22.86 17.51
C ILE C 314 -36.71 22.74 16.99
N GLU C 315 -37.68 22.99 17.85
CA GLU C 315 -39.07 22.86 17.43
C GLU C 315 -39.37 23.77 16.24
N LEU C 316 -38.94 25.03 16.33
CA LEU C 316 -39.18 26.00 15.28
C LEU C 316 -38.44 25.64 14.01
N ASN C 317 -37.21 25.15 14.14
CA ASN C 317 -36.48 24.67 12.97
C ASN C 317 -37.27 23.61 12.24
N ILE C 318 -37.80 22.64 12.99
CA ILE C 318 -38.65 21.64 12.37
C ILE C 318 -39.82 22.30 11.68
N PHE C 319 -40.46 23.26 12.36
CA PHE C 319 -41.67 23.86 11.81
C PHE C 319 -41.41 24.72 10.59
N LYS C 320 -40.15 25.13 10.36
CA LYS C 320 -39.87 26.02 9.24
C LYS C 320 -40.35 25.46 7.92
N SER C 321 -40.40 24.14 7.79
CA SER C 321 -40.84 23.52 6.56
C SER C 321 -42.32 23.18 6.57
N HIS C 322 -43.04 23.58 7.60
CA HIS C 322 -44.48 23.30 7.67
C HIS C 322 -45.15 23.67 6.36
N GLY C 323 -46.03 22.80 5.87
CA GLY C 323 -46.63 23.03 4.58
C GLY C 323 -47.54 24.24 4.52
N ASP C 324 -48.00 24.71 5.67
CA ASP C 324 -48.82 25.91 5.74
C ASP C 324 -47.99 27.15 5.42
N LEU C 325 -48.54 28.04 4.60
CA LEU C 325 -47.86 29.32 4.34
C LEU C 325 -47.83 30.22 5.55
N THR C 326 -48.95 30.35 6.26
CA THR C 326 -48.96 31.20 7.45
C THR C 326 -47.98 30.69 8.49
N ILE C 327 -48.00 29.39 8.76
CA ILE C 327 -47.06 28.82 9.70
C ILE C 327 -45.63 28.98 9.19
N ARG C 328 -45.44 28.79 7.88
CA ARG C 328 -44.16 29.15 7.28
C ARG C 328 -43.68 30.50 7.77
N LYS C 329 -44.47 31.55 7.49
CA LYS C 329 -44.01 32.90 7.78
C LYS C 329 -43.75 33.09 9.27
N ILE C 330 -44.67 32.64 10.11
CA ILE C 330 -44.53 32.89 11.54
C ILE C 330 -43.29 32.19 12.09
N ALA C 331 -43.15 30.90 11.77
CA ALA C 331 -42.02 30.15 12.28
C ALA C 331 -40.72 30.72 11.77
N THR C 332 -40.67 31.11 10.50
CA THR C 332 -39.45 31.70 9.98
C THR C 332 -39.08 32.96 10.73
N ASN C 333 -40.06 33.82 11.04
CA ASN C 333 -39.72 35.05 11.74
C ASN C 333 -39.15 34.76 13.13
N LEU C 334 -39.86 33.95 13.92
CA LEU C 334 -39.38 33.63 15.26
C LEU C 334 -38.00 32.98 15.21
N PHE C 335 -37.84 32.03 14.30
CA PHE C 335 -36.60 31.29 14.15
C PHE C 335 -35.47 32.23 13.78
N ASN C 336 -35.73 33.18 12.88
CA ASN C 336 -34.69 34.10 12.47
C ASN C 336 -34.19 34.93 13.64
N SER C 337 -35.11 35.45 14.45
CA SER C 337 -34.67 36.27 15.58
C SER C 337 -33.83 35.45 16.57
N MET C 338 -34.34 34.30 17.01
CA MET C 338 -33.52 33.54 17.94
C MET C 338 -32.22 33.05 17.34
N ILE C 339 -32.19 32.70 16.05
CA ILE C 339 -30.93 32.19 15.53
C ILE C 339 -29.95 33.33 15.37
N SER C 340 -30.43 34.56 15.25
CA SER C 340 -29.50 35.69 15.32
C SER C 340 -28.87 35.78 16.71
N LEU C 341 -29.68 35.62 17.75
CA LEU C 341 -29.10 35.66 19.10
C LEU C 341 -28.17 34.46 19.34
N TYR C 342 -28.55 33.29 18.84
CA TYR C 342 -27.72 32.10 18.99
C TYR C 342 -26.45 32.22 18.16
N TYR C 343 -26.54 32.92 17.04
CA TYR C 343 -25.36 33.26 16.26
C TYR C 343 -24.42 34.11 17.11
N GLU C 344 -24.97 35.00 17.91
CA GLU C 344 -24.12 35.73 18.85
C GLU C 344 -23.44 34.79 19.83
N TYR C 345 -24.18 33.79 20.34
CA TYR C 345 -23.53 32.80 21.21
C TYR C 345 -22.36 32.11 20.51
N LEU C 346 -22.59 31.62 19.30
CA LEU C 346 -21.53 30.91 18.59
C LEU C 346 -20.34 31.81 18.32
N MET C 347 -20.60 33.06 17.94
CA MET C 347 -19.50 34.02 17.76
C MET C 347 -18.71 34.18 19.04
N ASN C 348 -19.40 34.30 20.17
CA ASN C 348 -18.69 34.48 21.43
C ASN C 348 -17.79 33.27 21.71
N TRP C 349 -18.29 32.07 21.46
CA TRP C 349 -17.47 30.88 21.70
C TRP C 349 -16.28 30.82 20.76
N LEU C 350 -16.49 31.14 19.49
CA LEU C 350 -15.42 30.99 18.51
C LEU C 350 -14.41 32.14 18.59
N THR C 351 -14.74 33.22 19.30
CA THR C 351 -13.84 34.36 19.27
C THR C 351 -13.27 34.68 20.65
N LYS C 352 -13.88 34.17 21.70
CA LYS C 352 -13.32 34.33 23.03
C LYS C 352 -13.37 33.06 23.86
N GLY C 353 -14.14 32.06 23.45
CA GLY C 353 -14.18 30.82 24.18
C GLY C 353 -14.86 30.89 25.53
N LEU C 354 -15.74 31.86 25.74
CA LEU C 354 -16.42 31.99 27.01
C LEU C 354 -17.70 31.16 27.02
N LEU C 355 -18.28 31.05 28.20
CA LEU C 355 -19.56 30.38 28.40
C LEU C 355 -20.47 31.23 29.28
N ARG C 356 -20.57 32.53 28.98
CA ARG C 356 -21.27 33.44 29.87
C ARG C 356 -22.74 33.56 29.48
N ALA C 357 -23.61 33.52 30.51
CA ALA C 357 -25.03 33.80 30.37
C ALA C 357 -25.69 32.92 29.30
N THR C 358 -25.42 31.63 29.35
CA THR C 358 -26.09 30.71 28.45
C THR C 358 -27.21 29.93 29.13
N TYR C 359 -27.14 29.76 30.44
CA TYR C 359 -28.25 29.22 31.23
C TYR C 359 -28.70 27.86 30.72
N GLY C 360 -27.76 27.08 30.21
CA GLY C 360 -28.05 25.72 29.81
C GLY C 360 -28.73 25.55 28.47
N GLU C 361 -28.73 26.57 27.62
CA GLU C 361 -29.25 26.43 26.28
C GLU C 361 -28.17 26.12 25.24
N PHE C 362 -26.92 25.95 25.67
CA PHE C 362 -25.82 25.72 24.75
C PHE C 362 -25.20 24.35 24.99
N PHE C 363 -24.78 23.69 23.91
CA PHE C 363 -24.39 22.29 24.00
C PHE C 363 -22.98 22.09 24.53
N ILE C 364 -22.18 23.14 24.60
CA ILE C 364 -20.83 23.07 25.15
C ILE C 364 -20.89 23.60 26.58
N ALA C 365 -20.64 22.73 27.55
CA ALA C 365 -20.84 23.08 28.94
C ALA C 365 -19.50 23.18 29.65
N GLU C 366 -19.51 23.84 30.80
CA GLU C 366 -18.35 23.90 31.68
C GLU C 366 -18.61 22.99 32.87
N ASN C 367 -17.56 22.34 33.36
CA ASN C 367 -17.70 21.32 34.39
C ASN C 367 -16.88 21.71 35.61
N THR C 368 -17.57 22.10 36.68
CA THR C 368 -16.95 22.25 37.99
C THR C 368 -17.25 20.99 38.79
N ASP C 369 -16.25 20.11 38.91
CA ASP C 369 -16.47 18.81 39.49
C ASP C 369 -15.41 18.56 40.55
N THR C 370 -15.72 17.67 41.49
CA THR C 370 -14.86 17.42 42.64
C THR C 370 -14.02 16.17 42.51
N ASN C 371 -14.35 15.26 41.60
CA ASN C 371 -13.57 14.05 41.40
C ASN C 371 -12.36 14.41 40.56
N GLY C 372 -11.17 14.34 41.16
CA GLY C 372 -9.96 14.79 40.49
C GLY C 372 -9.78 16.28 40.62
N THR C 373 -9.68 16.75 41.87
CA THR C 373 -9.72 18.19 42.16
C THR C 373 -8.69 18.98 41.35
N ASP C 374 -7.70 18.29 40.77
CA ASP C 374 -6.67 18.95 40.01
C ASP C 374 -6.87 18.84 38.50
N ASP C 375 -8.04 18.37 38.06
CA ASP C 375 -8.34 18.25 36.65
C ASP C 375 -8.81 19.57 36.04
N ASP C 376 -8.60 20.67 36.75
CA ASP C 376 -8.63 21.99 36.14
C ASP C 376 -7.27 22.67 36.26
N PHE C 377 -6.27 22.01 36.83
CA PHE C 377 -4.96 22.61 37.03
C PHE C 377 -3.97 22.14 35.97
N ILE C 378 -3.79 20.84 35.81
CA ILE C 378 -2.73 20.29 34.99
C ILE C 378 -3.25 19.36 33.90
N TYR C 379 -3.94 18.29 34.29
CA TYR C 379 -4.14 17.16 33.42
C TYR C 379 -5.40 17.25 32.56
N HIS C 380 -6.13 18.36 32.60
CA HIS C 380 -7.42 18.37 31.92
C HIS C 380 -7.84 19.80 31.64
N ILE C 381 -8.75 19.95 30.69
CA ILE C 381 -9.39 21.24 30.42
C ILE C 381 -10.90 21.06 30.58
N PRO C 382 -11.51 21.70 31.57
CA PRO C 382 -12.90 21.37 31.96
C PRO C 382 -13.95 22.01 31.05
N ILE C 383 -13.91 21.64 29.77
CA ILE C 383 -14.90 22.04 28.79
C ILE C 383 -15.40 20.77 28.12
N GLU C 384 -16.72 20.63 28.00
CA GLU C 384 -17.29 19.35 27.60
C GLU C 384 -18.33 19.48 26.51
N PHE C 385 -18.17 18.64 25.49
CA PHE C 385 -19.09 18.54 24.37
C PHE C 385 -20.08 17.44 24.64
N ASN C 386 -21.36 17.81 24.76
CA ASN C 386 -22.44 16.85 25.01
C ASN C 386 -23.09 16.51 23.67
N GLN C 387 -22.86 15.29 23.20
CA GLN C 387 -23.23 14.92 21.84
C GLN C 387 -24.70 15.14 21.57
N GLU C 388 -25.55 14.93 22.58
CA GLU C 388 -26.98 14.89 22.33
C GLU C 388 -27.60 16.28 22.24
N ARG C 389 -26.83 17.33 22.48
CA ARG C 389 -27.40 18.66 22.65
C ARG C 389 -27.22 19.56 21.44
N VAL C 390 -26.88 19.01 20.29
CA VAL C 390 -26.64 19.82 19.09
C VAL C 390 -27.94 19.93 18.29
N PRO C 391 -28.39 21.13 17.95
CA PRO C 391 -29.60 21.27 17.16
C PRO C 391 -29.43 20.74 15.76
N ALA C 392 -30.55 20.39 15.14
CA ALA C 392 -30.51 19.64 13.90
C ALA C 392 -30.00 20.46 12.72
N PHE C 393 -29.86 21.78 12.85
CA PHE C 393 -29.37 22.57 11.74
C PHE C 393 -27.85 22.69 11.70
N ILE C 394 -27.14 21.92 12.51
CA ILE C 394 -25.69 21.91 12.53
C ILE C 394 -25.23 20.48 12.27
N PRO C 395 -24.41 20.23 11.25
CA PRO C 395 -23.89 18.87 11.05
C PRO C 395 -22.99 18.46 12.20
N LYS C 396 -23.00 17.16 12.50
CA LYS C 396 -22.24 16.68 13.66
C LYS C 396 -20.77 16.95 13.51
N GLU C 397 -20.20 16.67 12.34
CA GLU C 397 -18.77 16.86 12.16
C GLU C 397 -18.37 18.32 12.31
N LEU C 398 -19.19 19.24 11.82
CA LEU C 398 -18.89 20.64 12.07
C LEU C 398 -19.01 20.96 13.56
N ALA C 399 -19.87 20.25 14.27
CA ALA C 399 -19.93 20.43 15.72
C ALA C 399 -18.63 20.04 16.38
N TYR C 400 -18.07 18.91 15.96
CA TYR C 400 -16.75 18.51 16.46
C TYR C 400 -15.72 19.57 16.12
N LYS C 401 -15.78 20.09 14.90
CA LYS C 401 -14.87 21.14 14.49
C LYS C 401 -14.96 22.32 15.43
N ILE C 402 -16.18 22.75 15.75
CA ILE C 402 -16.40 23.92 16.58
C ILE C 402 -15.85 23.69 17.98
N PHE C 403 -16.13 22.52 18.55
CA PHE C 403 -15.64 22.22 19.88
C PHE C 403 -14.12 22.27 19.91
N MET C 404 -13.49 21.69 18.89
CA MET C 404 -12.03 21.71 18.84
C MET C 404 -11.50 23.11 18.62
N ILE C 405 -12.24 23.95 17.91
CA ILE C 405 -11.80 25.33 17.71
C ILE C 405 -11.76 26.06 19.04
N GLY C 406 -12.82 25.93 19.83
CA GLY C 406 -12.83 26.59 21.12
C GLY C 406 -11.76 26.07 22.04
N LYS C 407 -11.62 24.74 22.11
CA LYS C 407 -10.59 24.17 22.97
C LYS C 407 -9.21 24.61 22.52
N SER C 408 -9.02 24.73 21.21
CA SER C 408 -7.76 25.21 20.67
C SER C 408 -7.47 26.61 21.17
N TYR C 409 -8.47 27.49 21.09
CA TYR C 409 -8.28 28.87 21.52
C TYR C 409 -7.89 28.92 22.99
N ILE C 410 -8.59 28.13 23.80
CA ILE C 410 -8.28 28.11 25.23
C ILE C 410 -6.85 27.62 25.46
N PHE C 411 -6.46 26.57 24.72
CA PHE C 411 -5.15 25.97 24.92
C PHE C 411 -4.04 26.93 24.55
N LEU C 412 -4.22 27.66 23.46
CA LEU C 412 -3.24 28.68 23.08
C LEU C 412 -3.18 29.80 24.10
N GLU C 413 -4.33 30.32 24.52
CA GLU C 413 -4.29 31.51 25.37
C GLU C 413 -3.77 31.18 26.77
N LYS C 414 -4.23 30.08 27.37
CA LYS C 414 -3.98 29.86 28.78
C LYS C 414 -2.55 29.49 29.08
N TYR C 415 -1.94 28.63 28.26
CA TYR C 415 -0.61 28.14 28.52
C TYR C 415 0.40 28.49 27.44
N CYS C 416 0.02 28.37 26.17
CA CYS C 416 0.92 28.72 25.09
C CYS C 416 1.27 30.20 25.07
N LYS C 417 0.34 31.07 25.48
CA LYS C 417 0.57 32.51 25.51
C LYS C 417 0.86 33.06 24.13
N GLU C 418 0.01 32.73 23.16
CA GLU C 418 0.15 33.28 21.81
C GLU C 418 -0.70 34.54 21.63
N VAL C 419 -0.47 35.50 22.52
CA VAL C 419 -1.34 36.65 22.64
C VAL C 419 -1.48 37.40 21.32
N GLN C 420 -0.36 37.73 20.67
CA GLN C 420 -0.44 38.55 19.47
C GLN C 420 -1.14 37.79 18.35
N TRP C 421 -0.71 36.55 18.10
CA TRP C 421 -1.31 35.78 17.02
C TRP C 421 -2.78 35.51 17.31
N THR C 422 -3.10 35.11 18.55
CA THR C 422 -4.50 34.81 18.84
C THR C 422 -5.36 36.06 18.69
N ASN C 423 -4.87 37.23 19.12
CA ASN C 423 -5.68 38.44 19.04
C ASN C 423 -5.91 38.86 17.60
N GLU C 424 -4.86 38.85 16.78
CA GLU C 424 -5.07 39.25 15.39
C GLU C 424 -5.97 38.27 14.66
N PHE C 425 -5.74 36.97 14.84
CA PHE C 425 -6.62 35.96 14.30
C PHE C 425 -8.06 36.20 14.74
N SER C 426 -8.23 36.52 16.03
CA SER C 426 -9.56 36.70 16.59
C SER C 426 -10.28 37.88 15.96
N LYS C 427 -9.58 39.01 15.83
CA LYS C 427 -10.22 40.19 15.24
C LYS C 427 -10.57 39.93 13.78
N LYS C 428 -9.67 39.31 13.02
CA LYS C 428 -9.96 39.03 11.62
C LYS C 428 -11.22 38.18 11.51
N TYR C 429 -11.27 37.07 12.24
CA TYR C 429 -12.43 36.20 12.11
C TYR C 429 -13.67 36.84 12.74
N HIS C 430 -13.48 37.70 13.72
CA HIS C 430 -14.60 38.43 14.31
C HIS C 430 -15.29 39.25 13.25
N VAL C 431 -14.51 40.01 12.48
CA VAL C 431 -15.05 40.75 11.35
C VAL C 431 -15.70 39.80 10.36
N LEU C 432 -15.05 38.66 10.09
CA LEU C 432 -15.56 37.76 9.06
C LEU C 432 -16.94 37.22 9.39
N TYR C 433 -17.16 36.78 10.63
CA TYR C 433 -18.51 36.35 10.96
C TYR C 433 -19.47 37.51 11.11
N GLN C 434 -19.07 38.60 11.78
CA GLN C 434 -19.99 39.69 12.02
C GLN C 434 -20.46 40.33 10.73
N SER C 435 -19.72 40.14 9.65
CA SER C 435 -20.14 40.66 8.36
C SER C 435 -21.27 39.83 7.75
N ASN C 436 -21.43 38.58 8.16
CA ASN C 436 -22.38 37.68 7.53
C ASN C 436 -23.58 37.34 8.41
N SER C 437 -23.86 38.14 9.44
CA SER C 437 -24.97 37.82 10.32
C SER C 437 -26.30 37.82 9.59
N TYR C 438 -26.39 38.44 8.41
CA TYR C 438 -27.65 38.48 7.70
C TYR C 438 -27.92 37.21 6.92
N ARG C 439 -26.98 36.27 6.92
CA ARG C 439 -27.24 34.95 6.37
C ARG C 439 -27.66 33.95 7.43
N GLY C 440 -27.38 34.24 8.70
CA GLY C 440 -27.73 33.30 9.75
C GLY C 440 -26.85 32.07 9.71
N ILE C 441 -27.48 30.92 9.56
CA ILE C 441 -26.78 29.65 9.46
C ILE C 441 -26.83 29.19 8.02
N SER C 442 -25.67 29.10 7.38
CA SER C 442 -25.62 28.85 5.95
C SER C 442 -24.25 28.31 5.56
N THR C 443 -24.12 28.01 4.27
CA THR C 443 -22.91 27.39 3.76
C THR C 443 -21.69 28.29 3.93
N ASN C 444 -21.86 29.60 3.70
CA ASN C 444 -20.75 30.53 3.84
C ASN C 444 -20.14 30.45 5.23
N PHE C 445 -21.00 30.45 6.25
CA PHE C 445 -20.55 30.34 7.63
C PHE C 445 -19.76 29.06 7.84
N PHE C 446 -20.24 27.96 7.27
CA PHE C 446 -19.51 26.70 7.34
C PHE C 446 -18.14 26.83 6.69
N GLU C 447 -18.05 27.62 5.61
CA GLU C 447 -16.77 27.82 4.97
C GLU C 447 -15.79 28.54 5.88
N ILE C 448 -16.24 29.60 6.56
CA ILE C 448 -15.34 30.26 7.50
C ILE C 448 -14.94 29.29 8.62
N ILE C 449 -15.87 28.44 9.05
CA ILE C 449 -15.51 27.43 10.05
C ILE C 449 -14.37 26.56 9.54
N ASN C 450 -14.49 26.07 8.31
CA ASN C 450 -13.43 25.23 7.74
C ASN C 450 -12.11 25.95 7.78
N ASP C 451 -12.08 27.20 7.31
CA ASP C 451 -10.81 27.93 7.25
C ASP C 451 -10.22 28.10 8.64
N GLN C 452 -11.04 28.49 9.61
CA GLN C 452 -10.51 28.74 10.94
C GLN C 452 -9.97 27.45 11.54
N TYR C 453 -10.69 26.34 11.40
CA TYR C 453 -10.23 25.07 11.95
C TYR C 453 -8.88 24.69 11.37
N SER C 454 -8.78 24.71 10.05
CA SER C 454 -7.51 24.39 9.40
C SER C 454 -6.40 25.25 9.96
N GLU C 455 -6.61 26.57 9.97
CA GLU C 455 -5.54 27.47 10.38
C GLU C 455 -5.11 27.21 11.82
N ILE C 456 -6.07 27.04 12.73
CA ILE C 456 -5.71 26.94 14.14
C ILE C 456 -5.02 25.63 14.43
N VAL C 457 -5.49 24.53 13.83
CA VAL C 457 -4.81 23.26 14.05
C VAL C 457 -3.39 23.33 13.53
N ASN C 458 -3.20 23.93 12.34
CA ASN C 458 -1.86 24.04 11.81
C ASN C 458 -0.95 24.82 12.76
N HIS C 459 -1.39 25.99 13.22
CA HIS C 459 -0.53 26.76 14.10
C HIS C 459 -0.25 26.02 15.39
N THR C 460 -1.23 25.25 15.87
CA THR C 460 -1.01 24.52 17.12
C THR C 460 0.08 23.47 16.94
N ASN C 461 -0.01 22.69 15.86
CA ASN C 461 1.04 21.70 15.63
C ASN C 461 2.40 22.36 15.49
N GLN C 462 2.44 23.48 14.76
CA GLN C 462 3.71 24.18 14.58
C GLN C 462 4.29 24.63 15.91
N ILE C 463 3.46 25.21 16.78
CA ILE C 463 4.00 25.73 18.04
C ILE C 463 4.45 24.57 18.93
N LEU C 464 3.74 23.45 18.89
CA LEU C 464 4.16 22.30 19.67
C LEU C 464 5.53 21.81 19.22
N ASN C 465 5.75 21.76 17.90
CA ASN C 465 7.05 21.30 17.43
C ASN C 465 8.15 22.32 17.71
N GLN C 466 7.80 23.61 17.73
CA GLN C 466 8.83 24.64 17.65
C GLN C 466 9.15 25.36 18.95
N LYS C 467 8.29 25.30 19.96
CA LYS C 467 8.52 26.10 21.15
C LYS C 467 8.68 25.28 22.42
N PHE C 468 7.92 24.21 22.57
CA PHE C 468 7.93 23.39 23.77
C PHE C 468 8.60 22.05 23.55
N HIS C 469 9.20 21.82 22.39
CA HIS C 469 9.94 20.60 22.10
C HIS C 469 9.08 19.36 22.22
N TYR C 470 8.02 19.31 21.42
CA TYR C 470 7.36 18.02 21.25
C TYR C 470 8.24 17.15 20.37
N ARG C 471 8.02 15.85 20.42
CA ARG C 471 8.75 14.88 19.60
C ARG C 471 10.22 14.83 20.02
N ASP C 472 10.61 15.68 20.98
CA ASP C 472 11.87 15.47 21.67
C ASP C 472 11.63 14.88 23.05
N VAL C 473 10.52 15.25 23.67
CA VAL C 473 10.13 14.61 24.92
C VAL C 473 9.68 13.18 24.68
N VAL C 474 9.05 12.90 23.55
CA VAL C 474 8.62 11.52 23.28
C VAL C 474 9.83 10.60 23.13
N PHE C 475 10.77 10.98 22.28
CA PHE C 475 11.98 10.19 22.15
C PHE C 475 12.75 10.17 23.45
N ALA C 476 12.69 11.25 24.22
CA ALA C 476 13.36 11.23 25.52
C ALA C 476 12.74 10.21 26.44
N LEU C 477 11.41 10.09 26.42
CA LEU C 477 10.78 9.11 27.28
C LEU C 477 11.14 7.69 26.86
N LYS C 478 11.20 7.44 25.55
CA LYS C 478 11.63 6.12 25.13
C LYS C 478 13.08 5.85 25.51
N ASN C 479 13.93 6.86 25.44
CA ASN C 479 15.33 6.63 25.70
C ASN C 479 15.65 6.66 27.20
N ILE C 480 14.71 7.06 28.04
CA ILE C 480 14.93 7.05 29.47
C ILE C 480 14.13 5.97 30.17
N LEU C 481 12.80 6.05 30.11
CA LEU C 481 11.99 5.17 30.93
C LEU C 481 11.72 3.82 30.28
N LEU C 482 11.54 3.75 28.97
CA LEU C 482 11.28 2.48 28.31
C LEU C 482 12.56 1.76 27.90
N MET C 483 13.66 2.02 28.57
CA MET C 483 14.80 1.12 28.64
C MET C 483 15.68 1.18 27.39
N GLY C 484 15.26 1.88 26.34
CA GLY C 484 16.10 2.04 25.17
C GLY C 484 17.32 2.88 25.48
N LYS C 485 18.28 2.88 24.56
CA LYS C 485 19.57 3.52 24.78
C LYS C 485 20.19 3.02 26.07
N SER C 486 20.52 1.73 26.06
CA SER C 486 20.84 1.03 27.29
C SER C 486 22.06 1.58 28.01
N ASP C 487 23.01 2.17 27.28
CA ASP C 487 24.23 2.62 27.92
C ASP C 487 23.97 3.57 29.08
N PHE C 488 22.90 4.35 29.01
CA PHE C 488 22.55 5.19 30.15
C PHE C 488 22.27 4.34 31.38
N MET C 489 21.47 3.28 31.21
CA MET C 489 21.17 2.42 32.34
C MET C 489 22.41 1.72 32.86
N ASP C 490 23.27 1.29 31.94
CA ASP C 490 24.52 0.67 32.35
C ASP C 490 25.33 1.62 33.22
N ALA C 491 25.51 2.86 32.78
CA ALA C 491 26.28 3.82 33.55
C ALA C 491 25.61 4.14 34.87
N LEU C 492 24.28 4.24 34.87
CA LEU C 492 23.55 4.48 36.10
C LEU C 492 23.84 3.40 37.12
N ILE C 493 23.68 2.14 36.72
CA ILE C 493 23.93 1.05 37.64
C ILE C 493 25.38 1.08 38.12
N GLU C 494 26.31 1.40 37.22
CA GLU C 494 27.71 1.39 37.61
C GLU C 494 27.98 2.47 38.66
N LYS C 495 27.43 3.66 38.47
CA LYS C 495 27.65 4.73 39.44
C LYS C 495 26.82 4.62 40.69
N ALA C 496 25.78 3.79 40.70
CA ALA C 496 24.94 3.66 41.89
C ALA C 496 25.02 2.28 42.51
N ASN C 497 26.11 1.54 42.30
CA ASN C 497 26.24 0.23 42.91
C ASN C 497 26.27 0.32 44.43
N ASP C 498 26.95 1.34 44.97
CA ASP C 498 27.11 1.48 46.41
C ASP C 498 25.80 1.74 47.14
N ILE C 499 24.80 2.29 46.47
CA ILE C 499 23.59 2.77 47.13
C ILE C 499 22.40 1.88 46.84
N LEU C 500 22.29 1.37 45.62
CA LEU C 500 21.20 0.44 45.32
C LEU C 500 21.28 -0.80 46.20
N ALA C 501 22.46 -1.10 46.72
CA ALA C 501 22.67 -2.24 47.59
C ALA C 501 22.85 -1.86 49.04
N THR C 502 22.62 -0.60 49.39
CA THR C 502 22.78 -0.18 50.78
C THR C 502 21.74 -0.86 51.65
N PRO C 503 22.15 -1.60 52.66
CA PRO C 503 21.20 -2.29 53.55
C PRO C 503 20.67 -1.37 54.65
N SER C 504 20.18 -0.21 54.24
CA SER C 504 19.74 0.79 55.19
C SER C 504 18.55 1.54 54.62
N ASP C 505 18.11 2.54 55.38
CA ASP C 505 16.98 3.36 55.00
C ASP C 505 17.36 4.81 55.23
N SER C 506 16.38 5.71 55.04
CA SER C 506 16.59 7.14 55.20
C SER C 506 17.76 7.60 54.33
N LEU C 507 17.82 7.07 53.12
CA LEU C 507 18.98 7.12 52.26
C LEU C 507 19.28 8.56 51.82
N PRO C 508 20.56 8.90 51.63
CA PRO C 508 20.89 10.25 51.19
C PRO C 508 20.50 10.47 49.74
N ASN C 509 19.42 11.22 49.55
CA ASN C 509 18.92 11.51 48.22
C ASN C 509 19.88 12.36 47.41
N TYR C 510 20.74 13.13 48.08
CA TYR C 510 21.68 14.00 47.37
C TYR C 510 22.59 13.19 46.45
N LYS C 511 23.07 12.06 46.95
CA LYS C 511 23.94 11.23 46.14
C LYS C 511 23.21 10.75 44.88
N LEU C 512 21.92 10.43 44.99
CA LEU C 512 21.17 10.03 43.81
C LEU C 512 21.05 11.17 42.80
N THR C 513 20.96 12.41 43.29
CA THR C 513 20.97 13.53 42.35
C THR C 513 22.30 13.62 41.64
N ARG C 514 23.40 13.45 42.38
CA ARG C 514 24.71 13.37 41.73
C ARG C 514 24.77 12.20 40.75
N VAL C 515 24.07 11.12 41.08
CA VAL C 515 24.06 9.95 40.23
C VAL C 515 23.41 10.26 38.90
N LEU C 516 22.22 10.84 38.92
CA LEU C 516 21.56 11.19 37.67
C LEU C 516 22.40 12.20 36.90
N GLN C 517 23.00 13.15 37.61
CA GLN C 517 23.94 14.05 37.00
C GLN C 517 24.96 13.30 36.15
N GLU C 518 25.76 12.46 36.80
CA GLU C 518 26.87 11.86 36.07
C GLU C 518 26.40 10.75 35.14
N ALA C 519 25.19 10.27 35.34
CA ALA C 519 24.65 9.29 34.41
C ALA C 519 24.32 9.93 33.09
N VAL C 520 23.51 10.99 33.09
CA VAL C 520 23.23 11.67 31.85
C VAL C 520 24.50 12.29 31.29
N GLN C 521 25.49 12.52 32.15
CA GLN C 521 26.77 13.01 31.66
C GLN C 521 27.51 11.93 30.88
N LEU C 522 27.53 10.70 31.39
CA LEU C 522 28.34 9.65 30.77
C LEU C 522 27.74 9.15 29.47
N SER C 523 26.43 8.95 29.43
CA SER C 523 25.82 8.30 28.28
C SER C 523 25.93 9.17 27.04
N SER C 524 25.45 8.66 25.92
CA SER C 524 25.33 9.51 24.76
C SER C 524 24.37 10.65 24.99
N LEU C 525 23.43 10.49 25.91
CA LEU C 525 22.44 11.53 26.16
C LEU C 525 23.04 12.81 26.70
N ARG C 526 24.33 12.84 27.01
CA ARG C 526 24.96 14.12 27.28
C ARG C 526 24.77 15.08 26.13
N HIS C 527 24.67 14.56 24.90
CA HIS C 527 24.43 15.44 23.76
C HIS C 527 23.16 16.25 23.92
N LEU C 528 22.20 15.77 24.70
CA LEU C 528 21.09 16.63 25.07
C LEU C 528 21.51 17.65 26.13
N MET C 529 22.01 17.17 27.27
CA MET C 529 22.20 18.08 28.40
C MET C 529 23.22 19.16 28.09
N ASN C 530 24.14 18.90 27.16
CA ASN C 530 25.10 19.92 26.78
C ASN C 530 24.46 21.07 26.02
N SER C 531 23.45 20.79 25.20
CA SER C 531 22.87 21.81 24.32
C SER C 531 21.90 22.69 25.09
N PRO C 532 22.07 24.01 25.06
CA PRO C 532 21.05 24.88 25.68
C PRO C 532 19.67 24.66 25.11
N ARG C 533 19.57 24.51 23.79
CA ARG C 533 18.29 24.48 23.08
C ARG C 533 17.29 23.55 23.73
N ASN C 534 17.71 22.33 24.06
CA ASN C 534 16.81 21.32 24.62
C ASN C 534 17.19 20.95 26.06
N SER C 535 18.00 21.78 26.72
CA SER C 535 18.45 21.43 28.07
C SER C 535 17.28 21.13 28.98
N SER C 536 16.15 21.83 28.78
CA SER C 536 14.95 21.62 29.57
C SER C 536 14.63 20.15 29.78
N VAL C 537 14.90 19.30 28.80
CA VAL C 537 14.51 17.91 28.90
C VAL C 537 15.15 17.25 30.12
N ILE C 538 16.47 17.41 30.27
CA ILE C 538 17.19 16.65 31.29
C ILE C 538 16.68 17.03 32.68
N ASN C 539 16.20 18.26 32.82
CA ASN C 539 15.69 18.73 34.11
C ASN C 539 14.55 17.86 34.65
N GLY C 540 13.79 17.20 33.78
CA GLY C 540 12.63 16.49 34.26
C GLY C 540 12.89 15.18 34.95
N LEU C 541 14.14 14.70 34.96
CA LEU C 541 14.44 13.38 35.50
C LEU C 541 14.63 13.42 37.00
N ASP C 542 14.22 12.34 37.67
CA ASP C 542 14.33 12.28 39.12
C ASP C 542 14.23 10.81 39.52
N ALA C 543 14.66 10.50 40.74
CA ALA C 543 14.69 9.10 41.18
C ALA C 543 14.10 8.97 42.57
N ARG C 544 13.45 7.84 42.82
CA ARG C 544 12.66 7.56 44.01
C ARG C 544 12.87 6.15 44.54
N VAL C 545 12.57 6.01 45.83
CA VAL C 545 12.56 4.74 46.55
C VAL C 545 11.33 4.71 47.46
N LEU C 546 10.61 3.59 47.47
CA LEU C 546 9.49 3.39 48.38
C LEU C 546 9.81 2.32 49.41
N ASP C 547 9.62 2.68 50.68
CA ASP C 547 10.13 1.89 51.81
C ASP C 547 8.99 1.06 52.38
N LEU C 548 8.84 -0.16 51.87
CA LEU C 548 7.91 -1.13 52.44
C LEU C 548 8.65 -2.17 53.26
N GLY C 549 9.92 -1.94 53.55
CA GLY C 549 10.75 -2.89 54.27
C GLY C 549 12.20 -2.45 54.31
N HIS C 550 13.00 -3.12 55.15
CA HIS C 550 14.34 -2.64 55.48
C HIS C 550 15.39 -3.09 54.47
N GLY C 551 15.38 -4.37 54.11
CA GLY C 551 16.54 -5.02 53.53
C GLY C 551 16.85 -4.76 52.08
N SER C 552 17.40 -3.58 51.78
CA SER C 552 17.94 -3.26 50.45
C SER C 552 16.92 -3.54 49.35
N VAL C 553 15.65 -3.56 49.74
CA VAL C 553 14.58 -3.62 48.74
C VAL C 553 14.54 -2.35 47.90
N GLY C 554 15.40 -1.37 48.21
CA GLY C 554 15.58 -0.25 47.31
C GLY C 554 15.97 -0.69 45.91
N TRP C 555 16.91 -1.63 45.82
CA TRP C 555 17.20 -2.24 44.53
C TRP C 555 15.92 -2.85 43.94
N ASP C 556 15.05 -3.33 44.81
CA ASP C 556 13.78 -3.87 44.36
C ASP C 556 12.74 -2.79 44.13
N VAL C 557 13.00 -1.53 44.51
CA VAL C 557 12.01 -0.47 44.36
C VAL C 557 12.61 0.80 43.76
N PHE C 558 13.82 0.73 43.22
CA PHE C 558 14.40 1.93 42.61
C PHE C 558 13.56 2.33 41.40
N THR C 559 13.15 3.59 41.37
CA THR C 559 12.25 4.03 40.31
C THR C 559 12.70 5.36 39.72
N LEU C 560 12.79 5.39 38.39
CA LEU C 560 13.11 6.59 37.63
C LEU C 560 11.82 7.24 37.19
N ASP C 561 11.70 8.55 37.39
CA ASP C 561 10.47 9.26 37.12
C ASP C 561 10.78 10.56 36.38
N TYR C 562 9.77 11.05 35.66
CA TYR C 562 9.89 12.24 34.83
C TYR C 562 8.64 13.08 34.99
N ILE C 563 8.80 14.25 35.61
CA ILE C 563 7.69 15.11 35.99
C ILE C 563 7.47 16.15 34.91
N LEU C 564 6.24 16.25 34.42
CA LEU C 564 5.91 17.18 33.34
C LEU C 564 5.19 18.41 33.88
N TYR C 565 5.08 19.41 33.03
CA TYR C 565 4.52 20.71 33.34
C TYR C 565 3.69 21.23 32.18
N PRO C 566 2.85 22.24 32.40
CA PRO C 566 2.09 22.79 31.29
C PRO C 566 3.02 23.42 30.28
N PRO C 567 2.72 23.30 28.99
CA PRO C 567 1.53 22.67 28.40
C PRO C 567 1.64 21.18 28.22
N LEU C 568 2.87 20.67 28.10
CA LEU C 568 3.08 19.26 27.74
C LEU C 568 2.42 18.31 28.71
N SER C 569 2.40 18.65 30.00
CA SER C 569 1.78 17.77 30.98
C SER C 569 0.31 17.51 30.66
N LEU C 570 -0.26 18.28 29.76
CA LEU C 570 -1.64 18.08 29.35
C LEU C 570 -1.75 17.18 28.14
N VAL C 571 -0.70 17.11 27.32
CA VAL C 571 -0.81 16.36 26.07
C VAL C 571 -0.33 14.93 26.25
N LEU C 572 0.68 14.73 27.09
CA LEU C 572 1.30 13.43 27.25
C LEU C 572 0.85 12.74 28.53
N ASN C 573 0.65 11.44 28.45
CA ASN C 573 0.16 10.63 29.56
C ASN C 573 1.35 10.05 30.30
N VAL C 574 1.57 10.50 31.52
CA VAL C 574 2.73 10.09 32.32
C VAL C 574 2.25 9.70 33.70
N ASN C 575 3.17 9.57 34.65
CA ASN C 575 2.86 9.04 35.96
C ASN C 575 1.96 10.04 36.70
N ARG C 576 0.74 10.16 36.20
CA ARG C 576 -0.25 11.00 36.83
C ARG C 576 -0.58 10.43 38.20
N PRO C 577 -0.79 11.29 39.21
CA PRO C 577 -1.01 10.77 40.56
C PRO C 577 -2.18 9.81 40.67
N PHE C 578 -3.23 10.00 39.87
CA PHE C 578 -4.33 9.03 39.80
C PHE C 578 -4.42 8.33 38.46
N GLY C 579 -3.27 7.91 37.91
CA GLY C 579 -3.25 7.05 36.75
C GLY C 579 -2.92 5.61 37.11
N ARG C 580 -2.70 4.81 36.07
CA ARG C 580 -2.29 3.43 36.24
C ARG C 580 -0.79 3.25 36.34
N LYS C 581 -0.02 4.31 36.11
CA LYS C 581 1.45 4.29 36.21
C LYS C 581 2.06 3.23 35.30
N GLU C 582 1.57 3.15 34.05
CA GLU C 582 2.03 2.10 33.15
C GLU C 582 3.53 2.15 32.97
N TYR C 583 4.07 3.36 32.79
CA TYR C 583 5.51 3.51 32.73
C TYR C 583 6.19 2.84 33.91
N LEU C 584 5.63 2.96 35.11
CA LEU C 584 6.27 2.35 36.27
C LEU C 584 6.23 0.82 36.20
N ARG C 585 5.11 0.25 35.78
CA ARG C 585 5.06 -1.20 35.63
C ARG C 585 6.10 -1.69 34.63
N ILE C 586 6.13 -1.06 33.45
CA ILE C 586 7.13 -1.48 32.46
C ILE C 586 8.52 -1.34 33.01
N PHE C 587 8.81 -0.22 33.68
CA PHE C 587 10.18 0.03 34.09
C PHE C 587 10.63 -0.97 35.14
N ASN C 588 9.75 -1.34 36.07
CA ASN C 588 10.15 -2.40 36.99
C ASN C 588 10.36 -3.71 36.26
N PHE C 589 9.43 -4.04 35.35
CA PHE C 589 9.49 -5.34 34.70
C PHE C 589 10.78 -5.49 33.93
N LEU C 590 11.35 -4.40 33.44
CA LEU C 590 12.61 -4.51 32.73
C LEU C 590 13.81 -4.28 33.64
N TRP C 591 13.61 -3.57 34.75
CA TRP C 591 14.69 -3.43 35.70
C TRP C 591 15.14 -4.79 36.21
N ARG C 592 14.21 -5.76 36.27
CA ARG C 592 14.64 -7.10 36.66
C ARG C 592 15.73 -7.64 35.74
N PHE C 593 15.48 -7.61 34.43
CA PHE C 593 16.49 -8.01 33.46
C PHE C 593 17.80 -7.29 33.72
N LYS C 594 17.72 -6.00 34.02
CA LYS C 594 18.97 -5.26 34.17
C LYS C 594 19.75 -5.70 35.40
N LYS C 595 19.06 -6.06 36.49
CA LYS C 595 19.78 -6.61 37.64
C LYS C 595 20.53 -7.88 37.27
N ASN C 596 19.85 -8.75 36.53
CA ASN C 596 20.52 -9.96 36.07
C ASN C 596 21.78 -9.62 35.29
N ASN C 597 21.66 -8.71 34.33
CA ASN C 597 22.81 -8.38 33.50
C ASN C 597 23.98 -7.91 34.33
N TYR C 598 23.74 -6.98 35.26
CA TYR C 598 24.87 -6.42 36.01
C TYR C 598 25.59 -7.50 36.80
N PHE C 599 24.84 -8.28 37.58
CA PHE C 599 25.53 -9.26 38.42
C PHE C 599 26.25 -10.31 37.57
N TYR C 600 25.62 -10.78 36.50
CA TYR C 600 26.28 -11.79 35.67
C TYR C 600 27.57 -11.28 35.09
N GLN C 601 27.60 -10.03 34.61
CA GLN C 601 28.85 -9.52 34.05
C GLN C 601 29.94 -9.49 35.10
N LYS C 602 29.67 -8.89 36.26
CA LYS C 602 30.72 -8.80 37.26
C LYS C 602 31.29 -10.18 37.57
N GLU C 603 30.40 -11.15 37.79
CA GLU C 603 30.93 -12.41 38.28
C GLU C 603 31.55 -13.24 37.17
N MET C 604 31.12 -13.05 35.92
CA MET C 604 31.83 -13.68 34.82
C MET C 604 33.27 -13.21 34.77
N LEU C 605 33.47 -11.91 34.98
CA LEU C 605 34.85 -11.44 34.98
C LEU C 605 35.65 -12.07 36.10
N LYS C 606 35.10 -12.12 37.31
CA LYS C 606 35.84 -12.73 38.42
C LYS C 606 36.15 -14.20 38.14
N SER C 607 35.20 -14.90 37.52
CA SER C 607 35.43 -16.28 37.12
C SER C 607 36.65 -16.39 36.22
N ASN C 608 36.59 -15.77 35.04
CA ASN C 608 37.71 -15.90 34.11
C ASN C 608 39.02 -15.55 34.78
N ASP C 609 39.02 -14.57 35.67
CA ASP C 609 40.20 -14.33 36.49
C ASP C 609 40.65 -15.60 37.18
N ILE C 610 39.74 -16.27 37.87
CA ILE C 610 40.19 -17.34 38.77
C ILE C 610 40.64 -18.57 37.99
N ILE C 611 39.96 -18.89 36.87
CA ILE C 611 40.44 -19.97 36.02
C ILE C 611 41.82 -19.66 35.49
N ARG C 612 42.03 -18.45 34.96
CA ARG C 612 43.36 -18.11 34.51
C ARG C 612 44.37 -18.26 35.64
N SER C 613 43.94 -17.98 36.87
CA SER C 613 44.86 -18.06 38.00
C SER C 613 45.32 -19.49 38.24
N PHE C 614 44.39 -20.43 38.36
CA PHE C 614 44.83 -21.80 38.61
C PHE C 614 45.55 -22.46 37.45
N LYS C 615 45.71 -21.82 36.30
CA LYS C 615 46.31 -22.54 35.18
C LYS C 615 47.76 -22.91 35.45
N LYS C 616 48.41 -22.24 36.41
CA LYS C 616 49.83 -22.42 36.66
C LYS C 616 50.07 -23.32 37.88
N ILE C 617 49.66 -24.58 37.75
CA ILE C 617 49.73 -25.51 38.88
C ILE C 617 50.30 -26.87 38.49
N ARG C 618 50.46 -27.13 37.19
CA ARG C 618 50.52 -28.52 36.73
C ARG C 618 51.72 -29.27 37.30
N GLY C 619 52.68 -28.57 37.88
CA GLY C 619 53.72 -29.21 38.66
C GLY C 619 53.34 -29.36 40.12
N TYR C 620 52.07 -29.71 40.38
CA TYR C 620 51.55 -29.86 41.75
C TYR C 620 50.49 -30.94 41.77
N ASN C 621 49.69 -30.94 42.84
CA ASN C 621 48.71 -31.97 43.08
C ASN C 621 47.59 -31.91 42.05
N PRO C 622 47.34 -32.98 41.31
CA PRO C 622 46.30 -32.95 40.27
C PRO C 622 44.89 -32.79 40.81
N LEU C 623 44.68 -32.90 42.13
CA LEU C 623 43.37 -32.56 42.67
C LEU C 623 43.02 -31.12 42.32
N ILE C 624 44.00 -30.22 42.41
CA ILE C 624 43.76 -28.85 41.99
C ILE C 624 43.44 -28.82 40.50
N ARG C 625 44.10 -29.68 39.72
CA ARG C 625 43.74 -29.78 38.31
C ARG C 625 42.27 -30.14 38.16
N ASP C 626 41.76 -31.02 39.02
CA ASP C 626 40.33 -31.31 39.00
C ASP C 626 39.51 -30.03 39.03
N ILE C 627 39.85 -29.13 39.94
CA ILE C 627 39.16 -27.85 40.02
C ILE C 627 38.94 -27.30 38.62
N ILE C 628 40.01 -27.24 37.84
CA ILE C 628 39.92 -26.69 36.49
C ILE C 628 38.74 -27.28 35.76
N ASN C 629 38.76 -28.59 35.56
CA ASN C 629 37.68 -29.22 34.82
C ASN C 629 36.35 -28.83 35.40
N LYS C 630 36.18 -29.03 36.71
CA LYS C 630 34.91 -28.69 37.33
C LYS C 630 34.55 -27.24 37.04
N LEU C 631 35.44 -26.30 37.36
CA LEU C 631 35.11 -24.91 37.13
C LEU C 631 34.75 -24.68 35.68
N SER C 632 35.55 -25.21 34.76
CA SER C 632 35.26 -24.99 33.36
C SER C 632 33.88 -25.50 33.03
N ARG C 633 33.58 -26.73 33.43
CA ARG C 633 32.25 -27.25 33.18
C ARG C 633 31.22 -26.41 33.91
N ILE C 634 31.50 -26.07 35.17
CA ILE C 634 30.60 -25.21 35.92
C ILE C 634 30.34 -23.93 35.14
N SER C 635 31.38 -23.38 34.52
CA SER C 635 31.21 -22.14 33.80
C SER C 635 30.15 -22.29 32.72
N ILE C 636 30.20 -23.38 31.96
CA ILE C 636 29.20 -23.55 30.91
C ILE C 636 27.81 -23.49 31.51
N LEU C 637 27.64 -24.11 32.67
CA LEU C 637 26.34 -24.08 33.33
C LEU C 637 25.85 -22.65 33.47
N ARG C 638 26.68 -21.78 34.03
CA ARG C 638 26.28 -20.39 34.23
C ARG C 638 25.82 -19.78 32.92
N THR C 639 26.59 -20.00 31.85
CA THR C 639 26.23 -19.40 30.59
C THR C 639 24.88 -19.88 30.11
N GLN C 640 24.58 -21.18 30.27
CA GLN C 640 23.26 -21.66 29.87
C GLN C 640 22.16 -20.86 30.54
N PHE C 641 22.36 -20.47 31.80
CA PHE C 641 21.42 -19.56 32.44
C PHE C 641 21.40 -18.23 31.71
N GLN C 642 22.53 -17.54 31.71
CA GLN C 642 22.54 -16.13 31.35
C GLN C 642 21.95 -15.91 29.97
N GLN C 643 22.42 -16.68 28.99
CA GLN C 643 21.93 -16.51 27.63
C GLN C 643 20.41 -16.52 27.57
N PHE C 644 19.78 -17.45 28.28
CA PHE C 644 18.33 -17.51 28.23
C PHE C 644 17.73 -16.16 28.55
N ASN C 645 18.16 -15.57 29.65
CA ASN C 645 17.73 -14.23 30.02
C ASN C 645 17.73 -13.32 28.81
N SER C 646 18.90 -13.15 28.20
CA SER C 646 19.04 -12.21 27.09
C SER C 646 18.02 -12.50 26.01
N LYS C 647 17.85 -13.77 25.66
CA LYS C 647 16.87 -14.12 24.64
C LYS C 647 15.56 -13.42 24.90
N MET C 648 14.94 -13.70 26.06
CA MET C 648 13.65 -13.09 26.33
C MET C 648 13.74 -11.58 26.27
N GLU C 649 14.76 -11.01 26.90
CA GLU C 649 14.90 -9.57 26.89
C GLU C 649 14.84 -9.05 25.48
N SER C 650 15.61 -9.64 24.58
CA SER C 650 15.62 -9.14 23.21
C SER C 650 14.23 -9.14 22.64
N TYR C 651 13.52 -10.25 22.78
CA TYR C 651 12.15 -10.30 22.30
C TYR C 651 11.35 -9.14 22.84
N TYR C 652 11.40 -8.95 24.17
CA TYR C 652 10.67 -7.84 24.78
C TYR C 652 11.01 -6.53 24.10
N LEU C 653 12.30 -6.23 23.96
CA LEU C 653 12.66 -4.91 23.49
C LEU C 653 12.64 -4.82 21.98
N ASN C 654 12.34 -5.92 21.30
CA ASN C 654 12.43 -5.84 19.85
C ASN C 654 11.20 -6.37 19.16
N CYS C 655 10.26 -6.94 19.89
CA CYS C 655 9.02 -7.42 19.28
C CYS C 655 7.78 -6.89 19.98
N ILE C 656 7.89 -6.44 21.22
CA ILE C 656 6.79 -5.77 21.92
C ILE C 656 6.92 -4.26 21.86
N ILE C 657 7.97 -3.71 22.45
CA ILE C 657 8.06 -2.26 22.56
C ILE C 657 8.36 -1.62 21.22
N GLU C 658 9.45 -2.04 20.57
CA GLU C 658 9.95 -1.29 19.44
C GLU C 658 8.94 -1.23 18.31
N GLU C 659 8.26 -2.33 18.02
CA GLU C 659 7.33 -2.33 16.90
C GLU C 659 6.22 -1.32 17.16
N ASN C 660 5.70 -1.30 18.38
CA ASN C 660 4.68 -0.33 18.73
C ASN C 660 5.19 1.10 18.61
N PHE C 661 6.40 1.36 19.11
CA PHE C 661 6.91 2.72 19.06
C PHE C 661 7.09 3.17 17.62
N LYS C 662 7.51 2.26 16.76
CA LYS C 662 7.64 2.60 15.36
C LYS C 662 6.29 2.94 14.75
N GLU C 663 5.26 2.19 15.10
CA GLU C 663 3.93 2.55 14.60
C GLU C 663 3.48 3.91 15.11
N MET C 664 3.73 4.19 16.39
CA MET C 664 3.30 5.49 16.93
C MET C 664 4.01 6.64 16.23
N THR C 665 5.33 6.55 16.07
CA THR C 665 6.02 7.61 15.35
C THR C 665 5.60 7.67 13.90
N ARG C 666 5.30 6.55 13.26
CA ARG C 666 4.85 6.62 11.88
C ARG C 666 3.56 7.40 11.76
N LYS C 667 2.58 7.08 12.61
CA LYS C 667 1.30 7.79 12.54
C LYS C 667 1.47 9.26 12.89
N LEU C 668 2.28 9.56 13.91
CA LEU C 668 2.44 10.94 14.33
C LEU C 668 3.28 11.73 13.33
N GLN C 669 4.08 11.04 12.53
CA GLN C 669 5.00 11.68 11.60
C GLN C 669 4.39 11.89 10.23
N ARG C 670 3.42 11.05 9.81
CA ARG C 670 2.93 11.13 8.44
C ARG C 670 2.44 12.52 8.07
N THR C 671 1.97 13.29 9.06
CA THR C 671 1.51 14.65 8.77
C THR C 671 2.64 15.57 8.32
N GLU C 672 3.89 15.24 8.63
CA GLU C 672 5.00 16.17 8.40
C GLU C 672 5.36 16.33 6.93
N ASN C 673 5.27 15.27 6.14
CA ASN C 673 5.88 15.24 4.82
C ASN C 673 4.98 15.88 3.77
N LYS C 674 5.58 16.17 2.62
CA LYS C 674 4.87 16.55 1.41
C LYS C 674 4.84 15.35 0.48
N SER C 675 3.94 15.41 -0.50
CA SER C 675 3.57 14.20 -1.21
C SER C 675 4.75 13.66 -2.00
N GLN C 676 5.41 12.65 -1.42
CA GLN C 676 6.40 11.86 -2.13
C GLN C 676 5.76 10.84 -3.03
N ASN C 677 4.48 10.57 -2.83
CA ASN C 677 3.63 9.86 -3.77
C ASN C 677 2.24 10.46 -3.64
N GLN C 678 1.62 10.76 -4.77
CA GLN C 678 0.38 11.50 -4.75
C GLN C 678 -0.81 10.62 -4.36
N PHE C 679 -0.54 9.47 -3.75
CA PHE C 679 -1.56 8.49 -3.34
C PHE C 679 -1.38 8.25 -1.84
N ASP C 680 -2.27 8.84 -1.05
CA ASP C 680 -2.15 8.71 0.41
C ASP C 680 -2.49 7.28 0.78
N LEU C 681 -1.49 6.42 0.76
CA LEU C 681 -1.69 4.98 0.75
C LEU C 681 -1.42 4.39 2.13
N ILE C 682 -2.04 3.24 2.38
CA ILE C 682 -1.89 2.54 3.65
C ILE C 682 -1.46 1.11 3.35
N ARG C 683 -0.41 0.64 4.00
CA ARG C 683 0.05 -0.73 3.88
C ARG C 683 -0.30 -1.50 5.15
N LEU C 684 -0.91 -2.67 4.99
CA LEU C 684 -1.50 -3.40 6.11
C LEU C 684 -0.67 -4.63 6.46
N ASN C 685 -1.13 -5.32 7.50
CA ASN C 685 -0.48 -6.54 7.95
C ASN C 685 -0.92 -7.77 7.15
N ASN C 686 -1.99 -7.65 6.37
CA ASN C 686 -2.50 -8.74 5.56
C ASN C 686 -2.23 -8.52 4.07
N GLY C 687 -1.38 -7.56 3.72
CA GLY C 687 -1.17 -7.20 2.35
C GLY C 687 -2.22 -6.29 1.76
N THR C 688 -3.25 -5.94 2.53
CA THR C 688 -4.29 -5.06 2.04
C THR C 688 -3.72 -3.68 1.73
N ILE C 689 -4.12 -3.15 0.58
CA ILE C 689 -3.72 -1.81 0.16
C ILE C 689 -4.99 -1.00 -0.07
N GLU C 690 -5.13 0.09 0.68
CA GLU C 690 -6.32 0.92 0.60
C GLU C 690 -5.92 2.38 0.44
N LEU C 691 -6.63 3.09 -0.43
CA LEU C 691 -6.43 4.51 -0.64
C LEU C 691 -7.60 5.28 -0.05
N ASN C 692 -7.35 6.01 1.04
CA ASN C 692 -8.36 6.87 1.63
C ASN C 692 -8.19 8.30 1.12
N GLY C 693 -9.11 9.17 1.53
CA GLY C 693 -9.16 10.48 0.91
C GLY C 693 -9.88 10.37 -0.43
N ILE C 694 -9.96 11.51 -1.10
CA ILE C 694 -10.67 11.62 -2.37
C ILE C 694 -9.65 11.47 -3.48
N LEU C 695 -9.96 10.68 -4.49
CA LEU C 695 -9.17 10.70 -5.71
C LEU C 695 -9.41 12.04 -6.38
N THR C 696 -8.51 12.97 -6.16
CA THR C 696 -8.70 14.32 -6.62
C THR C 696 -8.49 14.39 -8.12
N PRO C 697 -9.11 15.36 -8.78
CA PRO C 697 -8.80 15.59 -10.20
C PRO C 697 -7.35 16.01 -10.35
N LYS C 698 -6.78 15.67 -11.50
CA LYS C 698 -5.38 15.97 -11.80
C LYS C 698 -5.24 17.42 -12.25
N ALA C 699 -5.55 18.33 -11.32
CA ALA C 699 -5.39 19.77 -11.52
C ALA C 699 -6.11 20.24 -12.77
N GLU C 700 -7.26 19.63 -13.03
CA GLU C 700 -8.01 19.92 -14.24
C GLU C 700 -8.71 21.27 -14.14
N VAL C 701 -8.66 22.02 -15.23
CA VAL C 701 -9.39 23.27 -15.37
C VAL C 701 -10.69 22.95 -16.09
N LEU C 702 -11.72 22.59 -15.34
CA LEU C 702 -13.00 22.23 -15.93
C LEU C 702 -13.77 23.44 -16.45
N THR C 703 -13.78 24.54 -15.70
CA THR C 703 -14.58 25.72 -16.06
C THR C 703 -13.76 26.98 -15.85
N LYS C 704 -14.17 28.03 -16.55
CA LYS C 704 -13.52 29.34 -16.47
C LYS C 704 -14.49 30.41 -15.98
N ILE C 715 -3.57 22.18 2.10
CA ILE C 715 -4.56 21.70 3.06
C ILE C 715 -4.60 20.18 3.10
N GLU C 716 -4.07 19.62 4.18
CA GLU C 716 -4.10 18.18 4.41
C GLU C 716 -4.42 17.93 5.88
N LYS C 717 -4.54 16.66 6.24
CA LYS C 717 -5.09 16.28 7.55
C LYS C 717 -3.96 16.13 8.57
N THR C 718 -3.81 17.16 9.39
CA THR C 718 -2.96 17.09 10.57
C THR C 718 -3.84 16.92 11.81
N LEU C 719 -3.21 16.79 12.98
CA LEU C 719 -3.91 16.32 14.16
C LEU C 719 -4.01 17.40 15.23
N ASN C 720 -5.17 17.45 15.88
CA ASN C 720 -5.43 18.36 16.98
C ASN C 720 -4.89 17.78 18.27
N ILE C 721 -5.27 18.36 19.40
CA ILE C 721 -4.74 17.91 20.68
C ILE C 721 -5.26 16.53 21.05
N ASP C 722 -6.56 16.31 20.86
CA ASP C 722 -7.14 15.04 21.25
C ASP C 722 -6.51 13.88 20.49
N GLU C 723 -6.20 14.06 19.22
CA GLU C 723 -5.52 12.98 18.51
C GLU C 723 -4.16 12.70 19.12
N LEU C 724 -3.45 13.72 19.57
CA LEU C 724 -2.15 13.49 20.19
C LEU C 724 -2.28 12.65 21.45
N GLU C 725 -3.15 13.07 22.37
CA GLU C 725 -3.29 12.29 23.59
C GLU C 725 -3.80 10.89 23.27
N SER C 726 -4.71 10.78 22.30
CA SER C 726 -5.27 9.50 21.91
C SER C 726 -4.19 8.56 21.43
N VAL C 727 -3.30 9.04 20.57
CA VAL C 727 -2.32 8.14 19.96
C VAL C 727 -1.29 7.72 20.99
N HIS C 728 -0.89 8.63 21.88
CA HIS C 728 0.05 8.20 22.91
C HIS C 728 -0.56 7.14 23.82
N ASN C 729 -1.82 7.34 24.21
CA ASN C 729 -2.47 6.34 25.05
C ASN C 729 -2.64 5.01 24.32
N THR C 730 -2.92 5.04 23.02
CA THR C 730 -3.02 3.81 22.26
C THR C 730 -1.70 3.06 22.29
N PHE C 731 -0.59 3.77 22.07
CA PHE C 731 0.73 3.14 22.13
C PHE C 731 0.93 2.46 23.47
N LEU C 732 0.73 3.18 24.56
CA LEU C 732 0.99 2.58 25.86
C LEU C 732 0.10 1.37 26.11
N THR C 733 -1.21 1.52 25.94
CA THR C 733 -2.10 0.44 26.33
C THR C 733 -1.88 -0.78 25.44
N ASN C 734 -1.57 -0.57 24.15
CA ASN C 734 -1.32 -1.71 23.29
C ASN C 734 -0.02 -2.40 23.65
N ILE C 735 0.93 -1.68 24.24
CA ILE C 735 2.03 -2.38 24.88
C ILE C 735 1.53 -3.24 26.02
N LEU C 736 0.74 -2.65 26.92
CA LEU C 736 0.35 -3.41 28.11
C LEU C 736 -0.83 -4.34 27.88
N SER C 737 -1.38 -4.39 26.68
CA SER C 737 -2.36 -5.45 26.42
C SER C 737 -1.72 -6.66 25.79
N HIS C 738 -0.40 -6.73 25.75
CA HIS C 738 0.28 -7.86 25.11
C HIS C 738 0.37 -9.04 26.07
N LYS C 739 0.46 -10.24 25.49
CA LYS C 739 0.29 -11.45 26.26
C LYS C 739 1.43 -11.67 27.24
N LEU C 740 2.48 -10.87 27.15
CA LEU C 740 3.60 -11.02 28.07
C LEU C 740 3.57 -10.01 29.21
N PHE C 741 2.46 -9.29 29.41
CA PHE C 741 2.35 -8.36 30.51
C PHE C 741 1.07 -8.52 31.33
N ALA C 742 -0.01 -9.02 30.72
CA ALA C 742 -1.32 -8.99 31.35
C ALA C 742 -1.34 -9.83 32.63
N THR C 743 -2.00 -9.29 33.67
CA THR C 743 -2.09 -9.98 34.95
C THR C 743 -3.53 -10.27 35.35
N ASN C 744 -4.37 -9.25 35.40
CA ASN C 744 -5.66 -9.33 36.10
C ASN C 744 -6.85 -8.90 35.25
N THR C 745 -7.32 -9.82 34.42
CA THR C 745 -8.59 -9.68 33.70
C THR C 745 -9.26 -11.05 33.67
N SER C 746 -10.33 -11.14 32.89
CA SER C 746 -10.80 -12.45 32.46
C SER C 746 -9.95 -12.98 31.31
N GLU C 747 -9.26 -12.09 30.61
CA GLU C 747 -8.42 -12.46 29.47
C GLU C 747 -6.98 -12.65 29.94
N ILE C 748 -6.82 -13.57 30.88
CA ILE C 748 -5.52 -13.96 31.40
C ILE C 748 -5.36 -15.44 31.06
N SER C 749 -5.86 -15.82 29.90
CA SER C 749 -5.89 -17.21 29.48
C SER C 749 -4.61 -17.93 29.85
N VAL C 750 -4.77 -19.00 30.63
CA VAL C 750 -3.65 -19.78 31.12
C VAL C 750 -3.46 -20.96 30.18
N GLY C 751 -2.25 -21.50 30.18
CA GLY C 751 -1.89 -22.56 29.27
C GLY C 751 -1.91 -23.92 29.91
N ASP C 752 -1.99 -24.94 29.05
CA ASP C 752 -1.91 -26.31 29.51
C ASP C 752 -0.53 -26.59 30.08
N TYR C 753 -0.47 -27.60 30.94
CA TYR C 753 0.71 -28.09 31.63
C TYR C 753 1.17 -27.15 32.75
N SER C 754 0.66 -25.93 32.82
CA SER C 754 1.03 -25.07 33.94
C SER C 754 -0.19 -24.53 34.69
N GLY C 755 -1.15 -23.99 33.96
CA GLY C 755 -2.27 -23.30 34.59
C GLY C 755 -1.92 -21.98 35.22
N GLN C 756 -0.88 -21.29 34.76
CA GLN C 756 -0.43 -20.06 35.40
C GLN C 756 -0.31 -18.92 34.39
N PRO C 757 -0.36 -17.67 34.87
CA PRO C 757 -0.10 -16.54 33.98
C PRO C 757 1.35 -16.55 33.50
N TYR C 758 1.54 -16.17 32.23
CA TYR C 758 2.88 -16.12 31.66
C TYR C 758 3.82 -15.21 32.45
N PRO C 759 3.49 -13.95 32.75
CA PRO C 759 4.42 -13.12 33.53
C PRO C 759 4.73 -13.69 34.90
N THR C 760 3.79 -14.35 35.55
CA THR C 760 4.04 -14.91 36.87
C THR C 760 5.12 -15.99 36.82
N SER C 761 4.97 -16.98 35.95
CA SER C 761 5.98 -18.01 35.83
C SER C 761 7.31 -17.41 35.38
N LEU C 762 7.25 -16.42 34.48
CA LEU C 762 8.48 -15.85 33.97
C LEU C 762 9.25 -15.15 35.09
N VAL C 763 8.55 -14.37 35.91
CA VAL C 763 9.24 -13.68 36.99
C VAL C 763 9.76 -14.68 38.01
N LEU C 764 9.08 -15.81 38.16
CA LEU C 764 9.64 -16.87 39.00
C LEU C 764 10.96 -17.35 38.43
N LEU C 765 11.01 -17.58 37.11
CA LEU C 765 12.27 -17.95 36.48
C LEU C 765 13.35 -16.93 36.78
N LEU C 766 13.01 -15.65 36.66
CA LEU C 766 14.02 -14.62 36.84
C LEU C 766 14.53 -14.59 38.28
N ASN C 767 13.64 -14.74 39.25
CA ASN C 767 14.12 -14.81 40.63
C ASN C 767 15.05 -15.99 40.81
N SER C 768 14.69 -17.16 40.29
CA SER C 768 15.58 -18.31 40.35
C SER C 768 16.96 -17.97 39.78
N VAL C 769 16.96 -17.21 38.69
CA VAL C 769 18.22 -16.75 38.11
C VAL C 769 19.00 -15.96 39.15
N TYR C 770 18.31 -15.11 39.90
CA TYR C 770 19.00 -14.31 40.91
C TYR C 770 19.66 -15.20 41.96
N GLU C 771 18.95 -16.23 42.45
CA GLU C 771 19.60 -17.08 43.46
C GLU C 771 20.80 -17.80 42.86
N PHE C 772 20.70 -18.23 41.61
CA PHE C 772 21.86 -18.82 40.97
C PHE C 772 23.05 -17.89 41.01
N VAL C 773 22.82 -16.62 40.71
CA VAL C 773 23.93 -15.68 40.70
C VAL C 773 24.54 -15.58 42.09
N LYS C 774 23.70 -15.54 43.11
CA LYS C 774 24.23 -15.45 44.48
C LYS C 774 25.11 -16.64 44.82
N VAL C 775 24.64 -17.84 44.51
CA VAL C 775 25.41 -19.03 44.91
C VAL C 775 26.69 -19.14 44.10
N TYR C 776 26.65 -18.79 42.82
CA TYR C 776 27.88 -18.84 42.03
C TYR C 776 28.88 -17.80 42.53
N CYS C 777 28.37 -16.66 43.01
CA CYS C 777 29.24 -15.69 43.66
C CYS C 777 29.95 -16.31 44.85
N ASN C 778 29.20 -17.01 45.70
CA ASN C 778 29.81 -17.69 46.84
C ASN C 778 30.89 -18.66 46.39
N LEU C 779 30.59 -19.46 45.37
CA LEU C 779 31.55 -20.44 44.87
C LEU C 779 32.84 -19.79 44.43
N ASN C 780 32.74 -18.78 43.56
CA ASN C 780 33.95 -18.12 43.10
C ASN C 780 34.72 -17.53 44.26
N ASP C 781 34.01 -16.99 45.25
CA ASP C 781 34.68 -16.55 46.46
C ASP C 781 35.50 -17.68 47.07
N ILE C 782 34.89 -18.86 47.17
CA ILE C 782 35.55 -20.01 47.78
C ILE C 782 36.82 -20.33 47.03
N GLY C 783 36.74 -20.33 45.70
CA GLY C 783 37.93 -20.56 44.91
C GLY C 783 39.01 -19.52 45.19
N TYR C 784 38.59 -18.29 45.42
CA TYR C 784 39.57 -17.24 45.66
C TYR C 784 40.37 -17.51 46.92
N GLU C 785 39.70 -17.83 48.03
CA GLU C 785 40.54 -18.03 49.22
C GLU C 785 41.29 -19.36 49.14
N ILE C 786 40.78 -20.32 48.37
CA ILE C 786 41.58 -21.52 48.14
C ILE C 786 42.90 -21.16 47.48
N PHE C 787 42.85 -20.32 46.45
CA PHE C 787 44.09 -19.88 45.82
C PHE C 787 44.95 -19.14 46.82
N ILE C 788 44.33 -18.32 47.66
CA ILE C 788 45.09 -17.52 48.64
C ILE C 788 45.86 -18.42 49.58
N LYS C 789 45.20 -19.43 50.15
CA LYS C 789 45.89 -20.33 51.06
C LYS C 789 46.85 -21.26 50.33
N MET C 790 46.56 -21.62 49.09
CA MET C 790 47.46 -22.49 48.36
C MET C 790 48.77 -21.82 48.00
N ASN C 791 48.73 -20.59 47.51
CA ASN C 791 49.94 -19.95 47.00
C ASN C 791 50.97 -19.68 48.10
N LEU C 792 50.55 -19.63 49.35
CA LEU C 792 51.44 -19.36 50.46
C LEU C 792 52.03 -20.64 51.04
N ASN C 793 52.64 -20.49 52.21
CA ASN C 793 53.45 -21.56 52.78
C ASN C 793 52.67 -22.83 53.07
N ASP C 794 51.46 -22.72 53.63
CA ASP C 794 50.78 -23.88 54.19
C ASP C 794 50.25 -24.76 53.05
N HIS C 795 51.14 -25.59 52.53
CA HIS C 795 50.73 -26.62 51.59
C HIS C 795 50.13 -27.82 52.31
N GLU C 796 50.25 -27.86 53.64
CA GLU C 796 49.46 -28.77 54.47
C GLU C 796 48.17 -28.07 54.89
N ALA C 797 47.45 -27.60 53.88
CA ALA C 797 46.29 -26.74 54.13
C ALA C 797 45.04 -27.57 54.38
N SER C 798 44.35 -27.22 55.46
CA SER C 798 43.04 -27.82 55.72
C SER C 798 42.09 -27.45 54.60
N ASN C 799 41.38 -28.44 54.10
CA ASN C 799 40.56 -28.25 52.91
C ASN C 799 39.11 -28.70 53.11
N GLY C 800 38.56 -28.49 54.31
CA GLY C 800 37.12 -28.52 54.43
C GLY C 800 36.47 -27.51 53.51
N LEU C 801 37.27 -26.53 53.08
CA LEU C 801 36.87 -25.68 51.97
C LEU C 801 36.47 -26.51 50.77
N LEU C 802 37.16 -27.62 50.51
CA LEU C 802 36.73 -28.52 49.45
C LEU C 802 35.39 -29.16 49.77
N GLY C 803 35.14 -29.47 51.04
CA GLY C 803 33.82 -29.96 51.40
C GLY C 803 32.74 -28.95 51.07
N LYS C 804 33.00 -27.68 51.38
CA LYS C 804 32.06 -26.63 51.00
C LYS C 804 31.95 -26.52 49.49
N PHE C 805 33.07 -26.71 48.79
CA PHE C 805 33.08 -26.68 47.33
C PHE C 805 32.10 -27.70 46.77
N ASN C 806 32.23 -28.95 47.20
CA ASN C 806 31.32 -30.00 46.76
C ASN C 806 29.88 -29.71 47.16
N THR C 807 29.66 -29.22 48.38
CA THR C 807 28.31 -28.90 48.81
C THR C 807 27.68 -27.90 47.86
N ASN C 808 28.41 -26.84 47.53
CA ASN C 808 27.85 -25.83 46.66
C ASN C 808 27.67 -26.33 45.24
N LEU C 809 28.55 -27.20 44.75
CA LEU C 809 28.28 -27.81 43.47
C LEU C 809 26.97 -28.59 43.50
N LYS C 810 26.72 -29.33 44.58
CA LYS C 810 25.48 -30.07 44.68
C LYS C 810 24.29 -29.13 44.63
N GLU C 811 24.38 -28.02 45.36
CA GLU C 811 23.28 -27.05 45.32
C GLU C 811 23.09 -26.52 43.91
N ILE C 812 24.18 -26.17 43.23
CA ILE C 812 24.09 -25.59 41.90
C ILE C 812 23.43 -26.56 40.94
N VAL C 813 23.85 -27.82 40.98
CA VAL C 813 23.30 -28.78 40.03
C VAL C 813 21.83 -29.05 40.34
N SER C 814 21.46 -29.03 41.61
CA SER C 814 20.04 -29.13 41.95
C SER C 814 19.26 -27.98 41.32
N GLN C 815 19.73 -26.76 41.53
CA GLN C 815 19.01 -25.60 40.99
C GLN C 815 18.96 -25.65 39.48
N TYR C 816 20.02 -26.14 38.84
CA TYR C 816 20.05 -26.17 37.39
C TYR C 816 19.09 -27.20 36.83
N LYS C 817 19.00 -28.37 37.48
CA LYS C 817 18.02 -29.35 37.04
C LYS C 817 16.60 -28.81 37.22
N ASN C 818 16.35 -28.15 38.35
CA ASN C 818 15.04 -27.53 38.53
C ASN C 818 14.78 -26.50 37.44
N PHE C 819 15.81 -25.73 37.09
CA PHE C 819 15.66 -24.70 36.08
C PHE C 819 15.29 -25.31 34.73
N LYS C 820 16.03 -26.31 34.29
CA LYS C 820 15.70 -26.93 33.02
C LYS C 820 14.29 -27.51 33.04
N ASP C 821 13.88 -28.10 34.17
CA ASP C 821 12.54 -28.65 34.22
C ASP C 821 11.49 -27.56 34.06
N ARG C 822 11.66 -26.46 34.80
CA ARG C 822 10.70 -25.36 34.70
C ARG C 822 10.69 -24.78 33.30
N LEU C 823 11.87 -24.67 32.68
CA LEU C 823 11.96 -24.09 31.35
C LEU C 823 11.28 -24.97 30.33
N TYR C 824 11.38 -26.29 30.50
CA TYR C 824 10.68 -27.20 29.60
C TYR C 824 9.18 -27.04 29.76
N ILE C 825 8.72 -26.90 31.00
CA ILE C 825 7.31 -26.60 31.23
C ILE C 825 6.93 -25.31 30.50
N PHE C 826 7.81 -24.32 30.57
CA PHE C 826 7.55 -23.02 29.95
C PHE C 826 7.41 -23.14 28.44
N ARG C 827 8.38 -23.79 27.79
CA ARG C 827 8.33 -23.92 26.34
C ARG C 827 7.13 -24.72 25.91
N ALA C 828 6.81 -25.80 26.62
CA ALA C 828 5.62 -26.57 26.29
C ALA C 828 4.37 -25.71 26.45
N ASP C 829 4.36 -24.82 27.45
CA ASP C 829 3.25 -23.91 27.64
C ASP C 829 3.06 -23.00 26.42
N LEU C 830 4.16 -22.40 25.95
CA LEU C 830 4.07 -21.54 24.78
C LEU C 830 3.66 -22.31 23.53
N LYS C 831 4.18 -23.53 23.34
CA LYS C 831 3.74 -24.30 22.18
C LYS C 831 2.26 -24.63 22.29
N ASN C 832 1.77 -24.88 23.50
CA ASN C 832 0.34 -24.99 23.75
C ASN C 832 -0.40 -23.73 23.34
N ASP C 833 0.19 -22.56 23.56
CA ASP C 833 -0.49 -21.31 23.23
C ASP C 833 -0.93 -21.27 21.77
N GLY C 834 -0.05 -21.68 20.86
CA GLY C 834 -0.39 -21.77 19.45
C GLY C 834 -0.28 -20.49 18.66
N ASP C 835 -0.15 -19.34 19.32
CA ASP C 835 -0.04 -18.06 18.63
C ASP C 835 1.30 -17.98 17.94
N GLU C 836 1.32 -17.43 16.72
CA GLU C 836 2.49 -17.56 15.86
C GLU C 836 3.73 -16.98 16.53
N GLU C 837 3.65 -15.73 17.01
CA GLU C 837 4.81 -15.12 17.62
C GLU C 837 5.23 -15.83 18.90
N LEU C 838 4.27 -16.25 19.73
CA LEU C 838 4.65 -17.01 20.91
C LEU C 838 5.20 -18.39 20.55
N PHE C 839 4.67 -19.00 19.49
CA PHE C 839 5.21 -20.28 19.04
C PHE C 839 6.65 -20.13 18.60
N LEU C 840 6.95 -19.04 17.89
CA LEU C 840 8.31 -18.85 17.42
C LEU C 840 9.24 -18.49 18.56
N LEU C 841 8.74 -17.77 19.56
CA LEU C 841 9.54 -17.56 20.77
C LEU C 841 9.86 -18.88 21.45
N SER C 842 8.87 -19.77 21.53
CA SER C 842 9.11 -21.08 22.12
C SER C 842 10.17 -21.84 21.33
N LYS C 843 10.06 -21.83 20.01
CA LYS C 843 11.03 -22.56 19.19
C LYS C 843 12.42 -21.97 19.33
N SER C 844 12.51 -20.65 19.36
CA SER C 844 13.82 -20.00 19.43
C SER C 844 14.55 -20.36 20.72
N LEU C 845 13.81 -20.57 21.81
CA LEU C 845 14.45 -20.88 23.09
C LEU C 845 15.20 -22.19 23.08
N ARG C 846 14.92 -23.07 22.13
CA ARG C 846 15.56 -24.37 22.11
C ARG C 846 16.97 -24.27 21.53
N MET D 1 -88.68 34.17 23.38
CA MET D 1 -89.41 35.18 24.13
C MET D 1 -89.37 34.78 25.58
N GLU D 2 -89.29 33.47 25.82
CA GLU D 2 -89.26 32.94 27.18
C GLU D 2 -87.83 32.94 27.71
N ILE D 3 -87.68 32.41 28.92
CA ILE D 3 -86.38 32.27 29.59
C ILE D 3 -86.28 30.85 30.13
N LYS D 4 -85.16 30.19 29.90
CA LYS D 4 -84.91 28.88 30.50
C LYS D 4 -83.82 28.90 31.56
N GLU D 5 -83.32 30.08 31.93
CA GLU D 5 -82.41 30.24 33.06
C GLU D 5 -81.19 29.32 32.92
N VAL D 6 -80.60 29.33 31.72
CA VAL D 6 -79.47 28.46 31.42
C VAL D 6 -78.17 29.26 31.56
N ASP D 7 -77.26 28.75 32.38
CA ASP D 7 -75.97 29.41 32.59
C ASP D 7 -75.11 29.22 31.34
N ASP D 8 -75.32 30.10 30.37
CA ASP D 8 -74.51 30.11 29.17
C ASP D 8 -73.27 30.95 29.42
N ARG D 9 -72.11 30.30 29.34
CA ARG D 9 -70.87 30.99 29.65
C ARG D 9 -69.82 30.61 28.62
N ALA D 10 -68.88 31.51 28.39
CA ALA D 10 -67.81 31.32 27.43
C ALA D 10 -66.47 31.29 28.15
N GLU D 11 -65.66 30.28 27.85
CA GLU D 11 -64.37 30.11 28.49
C GLU D 11 -63.54 29.16 27.66
N LEU D 12 -62.22 29.32 27.72
CA LEU D 12 -61.35 28.48 26.91
C LEU D 12 -61.36 27.07 27.48
N LEU D 13 -60.85 26.13 26.68
CA LEU D 13 -60.87 24.73 27.08
C LEU D 13 -59.63 24.37 27.91
N ARG D 14 -59.82 23.48 28.88
CA ARG D 14 -58.75 23.15 29.81
C ARG D 14 -57.66 22.31 29.17
N TYR D 15 -58.02 21.29 28.41
CA TYR D 15 -57.06 20.35 27.87
C TYR D 15 -56.47 20.88 26.57
N THR D 16 -55.16 20.69 26.42
CA THR D 16 -54.44 21.17 25.26
C THR D 16 -53.68 20.09 24.51
N ASN D 17 -53.56 18.89 25.06
CA ASN D 17 -52.65 17.91 24.48
C ASN D 17 -53.33 16.95 23.52
N ASN D 18 -54.60 17.18 23.19
CA ASN D 18 -55.29 16.31 22.24
C ASN D 18 -55.92 17.06 21.07
N ILE D 19 -55.78 18.38 21.05
CA ILE D 19 -56.43 19.21 20.03
C ILE D 19 -55.35 19.73 19.09
N PRO D 20 -55.48 19.54 17.79
CA PRO D 20 -54.36 19.75 16.87
C PRO D 20 -53.89 21.19 16.85
N LEU D 21 -52.84 21.44 16.07
CA LEU D 21 -52.17 22.73 16.09
C LEU D 21 -53.14 23.87 15.81
N LEU D 22 -54.03 23.70 14.85
CA LEU D 22 -54.99 24.73 14.49
C LEU D 22 -56.32 24.54 15.19
N GLY D 23 -56.42 23.56 16.07
CA GLY D 23 -57.69 23.27 16.71
C GLY D 23 -58.17 24.41 17.58
N LYS D 24 -59.49 24.57 17.61
CA LYS D 24 -60.07 25.70 18.33
C LYS D 24 -60.05 25.43 19.83
N LEU D 25 -59.81 26.50 20.60
CA LEU D 25 -59.54 26.39 22.02
C LEU D 25 -60.64 27.00 22.88
N VAL D 26 -61.81 27.23 22.31
CA VAL D 26 -62.92 27.80 23.06
C VAL D 26 -63.93 26.70 23.35
N ASN D 27 -64.61 26.81 24.47
CA ASN D 27 -65.65 25.84 24.80
C ASN D 27 -66.81 25.93 23.81
N HIS D 28 -67.45 24.80 23.60
CA HIS D 28 -68.55 24.74 22.65
C HIS D 28 -69.79 25.38 23.26
N GLN D 29 -70.56 26.08 22.43
CA GLN D 29 -71.78 26.73 22.87
C GLN D 29 -72.72 25.70 23.49
N PRO D 30 -73.67 26.15 24.32
CA PRO D 30 -74.52 25.21 25.04
C PRO D 30 -75.71 24.65 24.28
N LEU D 31 -75.44 23.70 23.37
CA LEU D 31 -76.33 22.58 23.08
C LEU D 31 -77.82 22.88 23.12
N TRP D 32 -78.30 23.80 22.29
CA TRP D 32 -79.73 24.09 22.30
C TRP D 32 -80.56 22.85 22.06
N SER D 33 -80.07 21.94 21.21
CA SER D 33 -80.86 20.81 20.72
C SER D 33 -81.35 19.89 21.83
N THR D 34 -80.63 19.81 22.95
CA THR D 34 -81.07 19.02 24.09
C THR D 34 -81.18 19.86 25.36
N ASN D 35 -80.41 20.93 25.47
CA ASN D 35 -80.56 21.91 26.55
C ASN D 35 -81.13 23.18 25.94
N PRO D 36 -82.44 23.25 25.76
CA PRO D 36 -83.05 24.44 25.17
C PRO D 36 -82.94 25.63 26.10
N LYS D 37 -82.95 26.82 25.49
CA LYS D 37 -83.02 28.05 26.26
C LYS D 37 -83.86 29.08 25.53
N LEU D 38 -84.71 29.75 26.30
CA LEU D 38 -85.32 31.03 25.97
C LEU D 38 -86.41 30.99 24.90
N LYS D 39 -86.62 29.85 24.22
CA LYS D 39 -87.81 29.68 23.39
C LYS D 39 -87.94 28.26 22.88
N SER D 40 -89.15 27.71 22.98
CA SER D 40 -89.51 26.47 22.31
C SER D 40 -90.89 26.67 21.73
N PHE D 41 -90.94 27.18 20.50
CA PHE D 41 -92.19 27.53 19.83
C PHE D 41 -92.39 26.60 18.64
N SER D 42 -93.56 25.99 18.55
CA SER D 42 -93.92 25.17 17.41
C SER D 42 -94.71 26.00 16.43
N LEU D 43 -94.26 26.05 15.18
CA LEU D 43 -94.90 26.89 14.20
C LEU D 43 -96.29 26.38 13.83
N GLU D 44 -96.76 25.31 14.48
CA GLU D 44 -98.13 24.85 14.27
C GLU D 44 -99.13 25.91 14.71
N LYS D 45 -98.76 26.73 15.70
CA LYS D 45 -99.57 27.89 16.06
C LYS D 45 -99.72 28.82 14.87
N ILE D 46 -98.69 28.90 14.02
CA ILE D 46 -98.72 29.74 12.84
C ILE D 46 -98.52 28.86 11.60
N SER D 47 -99.03 27.63 11.65
CA SER D 47 -99.00 26.73 10.51
C SER D 47 -100.13 26.97 9.51
N ALA D 48 -100.84 28.10 9.62
CA ALA D 48 -101.90 28.39 8.67
C ALA D 48 -101.31 28.54 7.27
N PRO D 49 -101.99 28.00 6.26
CA PRO D 49 -101.43 28.05 4.89
C PRO D 49 -101.15 29.45 4.40
N ASP D 50 -102.01 30.43 4.68
CA ASP D 50 -101.73 31.79 4.25
C ASP D 50 -100.45 32.33 4.86
N GLN D 51 -100.14 31.95 6.10
CA GLN D 51 -98.90 32.32 6.76
C GLN D 51 -97.68 31.69 6.12
N ARG D 52 -97.85 31.00 4.99
CA ARG D 52 -96.76 30.23 4.42
C ARG D 52 -95.54 31.10 4.17
N ARG D 53 -95.73 32.21 3.44
CA ARG D 53 -94.64 33.16 3.29
C ARG D 53 -94.06 33.55 4.64
N VAL D 54 -94.92 33.96 5.57
CA VAL D 54 -94.44 34.33 6.88
C VAL D 54 -93.62 33.20 7.47
N GLN D 55 -94.14 31.97 7.38
CA GLN D 55 -93.40 30.84 7.92
C GLN D 55 -92.01 30.76 7.31
N GLU D 56 -91.92 30.80 5.98
CA GLU D 56 -90.61 30.61 5.37
C GLU D 56 -89.68 31.74 5.76
N ALA D 57 -90.25 32.93 6.00
CA ALA D 57 -89.43 34.03 6.48
C ALA D 57 -88.66 33.59 7.71
N LEU D 58 -89.37 33.07 8.71
CA LEU D 58 -88.69 32.50 9.85
C LEU D 58 -87.70 31.44 9.42
N VAL D 59 -88.15 30.52 8.56
CA VAL D 59 -87.27 29.49 8.03
C VAL D 59 -86.03 30.13 7.45
N VAL D 60 -86.20 31.20 6.67
CA VAL D 60 -85.06 31.81 6.01
C VAL D 60 -83.99 32.13 7.04
N LYS D 61 -84.38 32.80 8.12
CA LYS D 61 -83.43 33.09 9.19
C LYS D 61 -82.59 31.86 9.51
N ASP D 62 -83.26 30.79 9.93
CA ASP D 62 -82.54 29.62 10.39
C ASP D 62 -81.65 29.05 9.30
N LEU D 63 -82.14 29.00 8.06
CA LEU D 63 -81.28 28.42 7.04
C LEU D 63 -80.08 29.32 6.79
N LEU D 64 -80.29 30.65 6.75
CA LEU D 64 -79.17 31.56 6.59
C LEU D 64 -78.19 31.40 7.72
N ASN D 65 -78.57 30.64 8.73
CA ASN D 65 -77.69 30.41 9.86
C ASN D 65 -76.87 29.14 9.65
N VAL D 66 -77.54 28.04 9.30
CA VAL D 66 -76.87 26.74 9.37
C VAL D 66 -75.70 26.69 8.40
N LEU D 67 -75.80 27.40 7.29
CA LEU D 67 -74.75 27.34 6.29
C LEU D 67 -73.41 27.80 6.82
N ILE D 68 -73.37 28.53 7.93
CA ILE D 68 -72.09 28.87 8.52
C ILE D 68 -71.68 27.81 9.54
N GLY D 69 -72.35 26.67 9.54
CA GLY D 69 -71.99 25.59 10.43
C GLY D 69 -72.55 25.68 11.83
N LEU D 70 -73.55 26.52 12.06
CA LEU D 70 -74.17 26.62 13.37
C LEU D 70 -75.67 26.41 13.21
N GLU D 71 -76.21 25.49 14.01
CA GLU D 71 -77.59 25.04 13.81
C GLU D 71 -78.59 26.14 14.14
N GLY D 72 -79.72 26.10 13.44
CA GLY D 72 -80.75 27.10 13.59
C GLY D 72 -81.81 26.72 14.59
N THR D 73 -82.61 27.73 14.96
CA THR D 73 -83.63 27.55 15.98
C THR D 73 -84.57 26.41 15.65
N TYR D 74 -85.15 26.42 14.46
CA TYR D 74 -86.09 25.39 14.07
C TYR D 74 -85.39 24.21 13.45
N ILE D 75 -84.13 23.99 13.82
CA ILE D 75 -83.38 22.79 13.46
C ILE D 75 -82.80 22.21 14.74
N ARG D 76 -83.00 20.91 14.94
CA ARG D 76 -82.52 20.21 16.13
C ARG D 76 -81.36 19.33 15.68
N TYR D 77 -80.31 19.27 16.49
CA TYR D 77 -79.23 18.32 16.23
C TYR D 77 -79.68 16.92 16.60
N PHE D 78 -79.23 15.93 15.84
CA PHE D 78 -79.62 14.56 16.13
C PHE D 78 -78.91 14.08 17.39
N ASN D 79 -79.50 13.09 18.03
CA ASN D 79 -78.98 12.59 19.30
C ASN D 79 -77.57 12.05 19.17
N ASP D 80 -77.13 11.76 17.94
CA ASP D 80 -75.78 11.28 17.69
C ASP D 80 -74.71 12.32 17.97
N TYR D 81 -74.93 13.57 17.59
CA TYR D 81 -73.92 14.61 17.73
C TYR D 81 -73.49 14.76 19.18
N GLU D 82 -72.18 14.78 19.41
CA GLU D 82 -71.63 15.13 20.70
C GLU D 82 -70.43 16.06 20.54
N PRO D 83 -70.55 17.30 21.03
CA PRO D 83 -69.51 18.30 20.79
C PRO D 83 -68.12 17.91 21.26
N SER D 84 -68.01 17.20 22.37
CA SER D 84 -66.71 16.76 22.85
C SER D 84 -66.11 15.68 21.96
N ASP D 85 -66.92 15.06 21.11
CA ASP D 85 -66.42 14.08 20.14
C ASP D 85 -65.91 14.84 18.93
N PRO D 86 -64.65 14.66 18.54
CA PRO D 86 -64.18 15.24 17.28
C PRO D 86 -64.56 14.43 16.05
N GLU D 87 -64.80 13.13 16.20
CA GLU D 87 -65.12 12.28 15.06
C GLU D 87 -66.60 11.92 14.97
N THR D 88 -67.46 12.57 15.74
CA THR D 88 -68.87 12.27 15.66
C THR D 88 -69.39 12.60 14.27
N PRO D 89 -70.35 11.83 13.76
CA PRO D 89 -70.93 12.14 12.45
C PRO D 89 -71.85 13.35 12.53
N ILE D 90 -72.38 13.72 11.37
CA ILE D 90 -73.22 14.91 11.26
C ILE D 90 -74.56 14.53 10.66
N GLU D 91 -75.60 14.67 11.47
CA GLU D 91 -76.98 14.41 11.08
C GLU D 91 -77.85 15.14 12.08
N PHE D 92 -79.01 15.60 11.63
CA PHE D 92 -79.83 16.49 12.44
C PHE D 92 -81.22 16.66 11.84
N LYS D 93 -82.19 16.78 12.74
CA LYS D 93 -83.61 16.73 12.44
C LYS D 93 -84.18 18.11 12.13
N ILE D 94 -85.08 18.15 11.16
CA ILE D 94 -85.90 19.32 10.85
C ILE D 94 -87.34 18.86 10.70
N ALA D 95 -88.26 19.66 11.25
CA ALA D 95 -89.62 19.20 11.44
C ALA D 95 -90.36 19.08 10.12
N LYS D 96 -90.99 17.93 9.90
CA LYS D 96 -91.79 17.70 8.71
C LYS D 96 -93.16 18.34 8.80
N LYS D 97 -93.53 18.86 9.97
CA LYS D 97 -94.85 19.43 10.17
C LYS D 97 -95.12 20.64 9.29
N MET D 98 -94.10 21.35 8.85
CA MET D 98 -94.30 22.55 8.04
C MET D 98 -94.54 22.18 6.58
N ASP D 99 -94.77 23.20 5.76
CA ASP D 99 -94.97 22.94 4.34
C ASP D 99 -93.68 22.41 3.73
N PRO D 100 -93.75 21.55 2.71
CA PRO D 100 -92.52 21.03 2.10
C PRO D 100 -91.55 22.09 1.61
N SER D 101 -92.05 23.27 1.23
CA SER D 101 -91.15 24.36 0.85
C SER D 101 -90.14 24.66 1.95
N PHE D 102 -90.51 24.45 3.20
CA PHE D 102 -89.51 24.46 4.27
C PHE D 102 -88.47 23.37 4.05
N LYS D 103 -88.91 22.13 3.83
CA LYS D 103 -88.03 21.00 4.03
C LYS D 103 -87.33 20.53 2.77
N THR D 104 -87.97 20.60 1.62
CA THR D 104 -87.44 19.96 0.42
C THR D 104 -86.09 20.52 0.03
N PHE D 105 -86.06 21.80 -0.35
CA PHE D 105 -84.82 22.38 -0.84
C PHE D 105 -83.79 22.52 0.27
N SER D 106 -84.23 22.68 1.51
CA SER D 106 -83.31 22.87 2.62
C SER D 106 -82.28 21.75 2.67
N ARG D 107 -82.71 20.51 2.40
CA ARG D 107 -81.79 19.38 2.44
C ARG D 107 -80.57 19.61 1.57
N ARG D 108 -80.72 20.29 0.43
CA ARG D 108 -79.55 20.62 -0.38
C ARG D 108 -78.58 21.50 0.40
N ILE D 109 -79.08 22.59 0.97
CA ILE D 109 -78.18 23.53 1.63
C ILE D 109 -77.54 22.89 2.85
N VAL D 110 -78.30 22.17 3.66
CA VAL D 110 -77.75 21.65 4.90
C VAL D 110 -76.61 20.68 4.60
N ARG D 111 -76.72 19.92 3.51
CA ARG D 111 -75.59 19.10 3.10
C ARG D 111 -74.35 19.94 2.93
N TYR D 112 -74.46 21.05 2.20
CA TYR D 112 -73.40 22.04 2.19
C TYR D 112 -72.88 22.28 3.59
N GLY D 113 -73.78 22.66 4.50
CA GLY D 113 -73.36 22.90 5.87
C GLY D 113 -72.71 21.68 6.47
N LYS D 114 -73.32 20.50 6.30
CA LYS D 114 -72.68 19.28 6.75
C LYS D 114 -71.24 19.23 6.27
N GLN D 115 -71.03 19.34 4.97
CA GLN D 115 -69.68 19.29 4.45
C GLN D 115 -68.88 20.51 4.89
N TYR D 116 -69.52 21.68 4.98
CA TYR D 116 -68.83 22.84 5.53
C TYR D 116 -68.24 22.52 6.89
N MET D 117 -68.94 21.71 7.67
CA MET D 117 -68.38 21.35 8.97
C MET D 117 -67.19 20.43 8.78
N ILE D 118 -67.35 19.35 8.01
CA ILE D 118 -66.31 18.34 7.96
C ILE D 118 -65.04 18.92 7.38
N LEU D 119 -65.16 19.70 6.30
CA LEU D 119 -64.00 20.38 5.75
C LEU D 119 -63.28 21.16 6.83
N THR D 120 -64.02 21.94 7.62
CA THR D 120 -63.41 22.70 8.69
C THR D 120 -62.64 21.76 9.62
N ARG D 121 -63.28 20.68 10.04
CA ARG D 121 -62.59 19.73 10.90
C ARG D 121 -61.42 19.11 10.16
N ALA D 122 -61.60 18.81 8.87
CA ALA D 122 -60.47 18.36 8.07
C ALA D 122 -59.39 19.43 8.03
N TYR D 123 -59.82 20.68 7.84
CA TYR D 123 -58.90 21.80 7.90
C TYR D 123 -58.05 21.75 9.16
N GLU D 124 -58.58 21.11 10.21
CA GLU D 124 -57.80 20.95 11.42
C GLU D 124 -57.11 19.60 11.45
N LYS D 125 -57.81 18.54 11.03
CA LYS D 125 -57.28 17.19 11.22
C LYS D 125 -55.98 17.01 10.45
N TRP D 126 -55.91 17.55 9.25
CA TRP D 126 -54.72 17.44 8.43
C TRP D 126 -53.65 18.44 8.81
N SER D 127 -53.82 19.20 9.88
CA SER D 127 -52.77 20.15 10.25
C SER D 127 -51.61 19.49 10.96
N ASP D 128 -51.71 18.21 11.31
CA ASP D 128 -50.68 17.60 12.13
C ASP D 128 -49.44 17.31 11.30
N THR D 129 -48.28 17.28 11.97
CA THR D 129 -47.01 17.12 11.27
C THR D 129 -46.92 15.79 10.55
N SER D 130 -47.34 14.71 11.21
CA SER D 130 -47.13 13.38 10.66
C SER D 130 -47.82 13.18 9.33
N PHE D 131 -48.77 14.03 8.99
CA PHE D 131 -49.46 13.91 7.73
C PHE D 131 -48.66 14.41 6.55
N GLY D 132 -47.38 14.78 6.75
CA GLY D 132 -46.56 15.22 5.64
C GLY D 132 -46.99 16.58 5.13
N MET D 133 -46.20 17.12 4.20
CA MET D 133 -46.41 18.52 3.83
C MET D 133 -47.54 18.72 2.83
N VAL D 134 -47.72 17.80 1.89
CA VAL D 134 -48.62 18.06 0.76
C VAL D 134 -50.04 18.37 1.25
N LEU D 135 -50.69 17.41 1.91
CA LEU D 135 -51.98 17.70 2.52
C LEU D 135 -51.89 18.92 3.39
N GLN D 136 -50.81 19.03 4.13
CA GLN D 136 -50.58 20.16 4.99
C GLN D 136 -50.64 21.46 4.20
N ARG D 137 -49.91 21.55 3.09
CA ARG D 137 -50.09 22.69 2.20
C ARG D 137 -51.51 22.74 1.67
N PHE D 138 -52.04 21.58 1.28
CA PHE D 138 -53.44 21.51 0.87
C PHE D 138 -54.34 22.11 1.92
N ALA D 139 -54.00 21.91 3.20
CA ALA D 139 -54.80 22.51 4.26
C ALA D 139 -55.00 23.98 4.01
N TYR D 140 -53.91 24.71 3.76
CA TYR D 140 -54.02 26.14 3.51
C TYR D 140 -55.08 26.42 2.47
N GLU D 141 -55.02 25.70 1.35
CA GLU D 141 -55.92 26.00 0.25
C GLU D 141 -57.36 25.87 0.68
N ILE D 142 -57.71 24.80 1.41
CA ILE D 142 -59.11 24.64 1.76
C ILE D 142 -59.58 25.82 2.59
N ARG D 143 -58.73 26.30 3.50
CA ARG D 143 -59.12 27.44 4.31
C ARG D 143 -59.47 28.62 3.43
N ARG D 144 -58.65 28.91 2.42
CA ARG D 144 -58.93 30.05 1.59
C ARG D 144 -60.28 29.91 0.93
N PHE D 145 -60.59 28.71 0.43
CA PHE D 145 -61.83 28.54 -0.32
C PHE D 145 -63.03 28.92 0.53
N LEU D 146 -62.88 28.84 1.85
CA LEU D 146 -63.97 29.24 2.71
C LEU D 146 -63.99 30.74 2.93
N GLU D 147 -62.85 31.31 3.31
CA GLU D 147 -62.90 32.65 3.88
C GLU D 147 -62.76 33.72 2.81
N ASP D 148 -62.68 33.31 1.56
CA ASP D 148 -62.52 34.26 0.47
C ASP D 148 -63.49 34.02 -0.66
N VAL D 149 -64.15 32.87 -0.69
CA VAL D 149 -65.08 32.53 -1.77
C VAL D 149 -66.45 32.16 -1.20
N TYR D 150 -66.48 31.25 -0.23
CA TYR D 150 -67.78 30.84 0.32
C TYR D 150 -68.37 31.94 1.18
N LEU D 151 -67.63 32.40 2.18
CA LEU D 151 -68.16 33.43 3.08
C LEU D 151 -68.27 34.78 2.38
N LYS D 152 -67.15 35.36 1.95
CA LYS D 152 -67.18 36.73 1.46
C LYS D 152 -68.17 36.92 0.32
N THR D 153 -68.45 35.87 -0.44
CA THR D 153 -69.53 35.98 -1.39
C THR D 153 -70.88 35.70 -0.75
N LEU D 154 -71.10 34.47 -0.29
CA LEU D 154 -72.44 34.06 0.12
C LEU D 154 -72.95 34.78 1.34
N VAL D 155 -72.19 34.83 2.43
CA VAL D 155 -72.69 35.45 3.64
C VAL D 155 -72.97 36.91 3.40
N GLU D 156 -72.00 37.63 2.85
CA GLU D 156 -72.17 39.06 2.60
C GLU D 156 -73.37 39.32 1.70
N ARG D 157 -73.42 38.63 0.55
CA ARG D 157 -74.46 38.86 -0.43
C ARG D 157 -75.84 38.48 0.13
N LEU D 158 -75.95 37.32 0.76
CA LEU D 158 -77.22 36.86 1.29
C LEU D 158 -77.74 37.77 2.39
N GLU D 159 -76.88 38.17 3.34
CA GLU D 159 -77.37 39.09 4.36
C GLU D 159 -77.76 40.43 3.76
N ARG D 160 -76.98 40.95 2.83
CA ARG D 160 -77.35 42.22 2.21
C ARG D 160 -78.72 42.12 1.57
N ASP D 161 -78.95 41.06 0.78
CA ASP D 161 -80.24 40.92 0.11
C ASP D 161 -81.37 40.72 1.10
N PHE D 162 -81.14 39.94 2.16
CA PHE D 162 -82.20 39.68 3.12
C PHE D 162 -82.50 40.93 3.94
N ASN D 163 -81.58 41.89 3.93
CA ASN D 163 -81.83 43.13 4.66
C ASN D 163 -82.38 44.22 3.75
N LYS D 164 -82.19 44.10 2.44
CA LYS D 164 -82.57 45.16 1.52
C LYS D 164 -83.62 44.76 0.48
N VAL D 165 -83.46 43.62 -0.19
CA VAL D 165 -84.36 43.23 -1.28
C VAL D 165 -85.75 42.97 -0.76
N PRO D 166 -86.79 43.52 -1.40
CA PRO D 166 -88.16 43.25 -0.94
C PRO D 166 -88.58 41.81 -1.22
N ASN D 167 -88.69 41.03 -0.15
CA ASN D 167 -89.06 39.61 -0.23
C ASN D 167 -88.15 38.84 -1.18
N PHE D 168 -86.88 38.76 -0.83
CA PHE D 168 -85.92 37.89 -1.52
C PHE D 168 -86.44 36.45 -1.47
N SER D 169 -86.26 35.73 -2.58
CA SER D 169 -86.84 34.40 -2.71
C SER D 169 -85.79 33.30 -2.58
N ILE D 170 -86.21 32.18 -1.98
CA ILE D 170 -85.32 31.04 -1.84
C ILE D 170 -84.97 30.47 -3.20
N ARG D 171 -85.87 30.62 -4.17
CA ARG D 171 -85.51 30.28 -5.54
C ARG D 171 -84.34 31.14 -6.01
N GLU D 172 -84.41 32.45 -5.73
CA GLU D 172 -83.26 33.30 -6.03
C GLU D 172 -82.05 32.90 -5.20
N LEU D 173 -82.28 32.35 -4.00
CA LEU D 173 -81.19 31.80 -3.21
C LEU D 173 -80.44 30.74 -4.00
N GLU D 174 -81.15 29.75 -4.53
CA GLU D 174 -80.50 28.74 -5.35
C GLU D 174 -79.83 29.38 -6.55
N GLN D 175 -80.50 30.35 -7.18
CA GLN D 175 -79.98 30.94 -8.41
C GLN D 175 -78.68 31.70 -8.15
N ILE D 176 -78.55 32.33 -6.98
CA ILE D 176 -77.32 33.05 -6.70
C ILE D 176 -76.24 32.10 -6.21
N ILE D 177 -76.63 31.00 -5.57
CA ILE D 177 -75.63 30.00 -5.24
C ILE D 177 -74.97 29.46 -6.50
N ASN D 178 -75.77 29.09 -7.50
CA ASN D 178 -75.17 28.47 -8.67
C ASN D 178 -74.63 29.51 -9.65
N GLU D 179 -75.18 30.73 -9.64
CA GLU D 179 -74.64 31.78 -10.49
C GLU D 179 -73.20 32.12 -10.11
N THR D 180 -72.81 31.78 -8.87
CA THR D 180 -71.42 31.82 -8.48
C THR D 180 -70.78 30.44 -8.41
N GLU D 181 -71.50 29.40 -8.86
CA GLU D 181 -70.97 28.06 -9.11
C GLU D 181 -70.18 27.48 -7.94
N VAL D 182 -70.34 28.05 -6.74
CA VAL D 182 -69.54 27.58 -5.61
C VAL D 182 -69.84 26.13 -5.29
N ASN D 183 -71.10 25.72 -5.36
CA ASN D 183 -71.48 24.36 -4.96
C ASN D 183 -70.66 23.30 -5.68
N LYS D 184 -70.46 23.43 -6.99
CA LYS D 184 -69.68 22.43 -7.71
C LYS D 184 -68.23 22.40 -7.20
N GLN D 185 -67.63 23.56 -6.99
CA GLN D 185 -66.28 23.58 -6.45
C GLN D 185 -66.24 22.84 -5.12
N MET D 186 -67.17 23.16 -4.24
CA MET D 186 -67.19 22.58 -2.92
C MET D 186 -67.39 21.08 -3.01
N GLU D 187 -68.17 20.64 -4.00
CA GLU D 187 -68.38 19.21 -4.21
C GLU D 187 -67.10 18.51 -4.66
N LEU D 188 -66.35 19.14 -5.57
CA LEU D 188 -65.04 18.59 -5.94
C LEU D 188 -64.17 18.41 -4.72
N LEU D 189 -64.04 19.44 -3.89
CA LEU D 189 -63.25 19.28 -2.67
C LEU D 189 -63.81 18.16 -1.80
N TYR D 190 -65.14 18.08 -1.68
CA TYR D 190 -65.76 17.07 -0.85
C TYR D 190 -65.36 15.67 -1.30
N ASN D 191 -65.52 15.39 -2.60
CA ASN D 191 -65.25 14.06 -3.11
C ASN D 191 -63.76 13.72 -3.02
N ILE D 192 -62.89 14.69 -3.27
CA ILE D 192 -61.47 14.43 -3.06
C ILE D 192 -61.22 14.03 -1.62
N TYR D 193 -61.89 14.70 -0.68
CA TYR D 193 -61.74 14.32 0.72
C TYR D 193 -62.21 12.90 0.96
N GLU D 194 -63.32 12.52 0.32
CA GLU D 194 -63.81 11.15 0.50
C GLU D 194 -62.81 10.13 -0.03
N GLU D 195 -62.18 10.40 -1.17
CA GLU D 195 -61.17 9.46 -1.63
C GLU D 195 -59.98 9.42 -0.67
N ILE D 196 -59.58 10.56 -0.12
CA ILE D 196 -58.48 10.55 0.83
C ILE D 196 -58.84 9.68 2.02
N PHE D 197 -60.06 9.82 2.52
CA PHE D 197 -60.51 8.98 3.63
C PHE D 197 -60.50 7.52 3.23
N ARG D 198 -60.88 7.22 1.98
CA ARG D 198 -60.89 5.84 1.52
C ARG D 198 -59.50 5.25 1.54
N GLU D 199 -58.51 5.99 1.05
CA GLU D 199 -57.14 5.50 1.07
C GLU D 199 -56.65 5.32 2.50
N ILE D 200 -56.98 6.26 3.38
CA ILE D 200 -56.57 6.15 4.77
C ILE D 200 -57.17 4.90 5.40
N GLU D 201 -58.44 4.62 5.12
CA GLU D 201 -59.08 3.45 5.71
C GLU D 201 -58.52 2.17 5.11
N GLU D 202 -58.16 2.20 3.82
CA GLU D 202 -57.52 1.02 3.22
C GLU D 202 -56.19 0.72 3.89
N ARG D 203 -55.38 1.74 4.14
CA ARG D 203 -54.08 1.49 4.75
C ARG D 203 -54.20 1.17 6.23
N ARG D 204 -55.28 1.64 6.87
CA ARG D 204 -55.54 1.28 8.26
C ARG D 204 -56.20 -0.08 8.37
N THR D 205 -56.70 -0.61 7.26
CA THR D 205 -57.44 -1.86 7.29
C THR D 205 -56.51 -3.07 7.30
N ASN D 206 -55.74 -3.23 6.22
CA ASN D 206 -54.92 -4.43 6.03
C ASN D 206 -53.46 -4.09 6.35
N GLN D 207 -53.11 -4.30 7.62
CA GLN D 207 -51.75 -4.10 8.08
C GLN D 207 -50.75 -5.11 7.51
N SER D 208 -51.21 -6.30 7.10
CA SER D 208 -50.30 -7.41 6.83
C SER D 208 -49.95 -7.59 5.37
N SER D 225 -29.25 -4.24 -11.26
CA SER D 225 -27.90 -4.80 -11.32
C SER D 225 -27.73 -5.73 -12.52
N LEU D 226 -28.81 -6.41 -12.94
CA LEU D 226 -28.71 -7.35 -14.05
C LEU D 226 -28.36 -6.65 -15.35
N HIS D 227 -29.05 -5.55 -15.66
CA HIS D 227 -28.86 -4.86 -16.92
C HIS D 227 -28.26 -3.46 -16.78
N LEU D 228 -28.86 -2.61 -15.95
CA LEU D 228 -28.49 -1.21 -15.85
C LEU D 228 -27.30 -0.98 -14.94
N ARG D 229 -26.91 -1.99 -14.16
CA ARG D 229 -25.84 -1.88 -13.17
C ARG D 229 -26.08 -0.67 -12.26
N LEU D 230 -27.15 -0.78 -11.48
CA LEU D 230 -27.41 0.14 -10.38
C LEU D 230 -27.39 -0.63 -9.07
N MET D 231 -26.66 -0.10 -8.10
CA MET D 231 -26.41 -0.78 -6.82
C MET D 231 -27.59 -0.52 -5.87
N VAL D 232 -28.78 -0.87 -6.34
CA VAL D 232 -30.03 -0.40 -5.75
C VAL D 232 -30.93 -1.59 -5.44
N ALA D 233 -31.82 -1.40 -4.47
CA ALA D 233 -32.81 -2.40 -4.10
C ALA D 233 -34.07 -1.71 -3.62
N PHE D 234 -35.20 -2.42 -3.72
CA PHE D 234 -36.49 -1.91 -3.27
C PHE D 234 -36.52 -1.86 -1.75
N ASP D 235 -37.25 -0.88 -1.22
CA ASP D 235 -37.68 -0.88 0.18
C ASP D 235 -39.18 -0.67 0.17
N THR D 236 -39.94 -1.76 0.06
CA THR D 236 -41.39 -1.64 0.02
C THR D 236 -41.96 -1.74 1.43
N THR D 237 -42.44 -0.61 1.93
CA THR D 237 -43.05 -0.51 3.25
C THR D 237 -44.25 0.42 3.13
N VAL D 238 -45.27 0.15 3.93
CA VAL D 238 -46.51 0.92 3.89
C VAL D 238 -46.66 1.70 5.18
N TYR D 239 -47.10 2.94 5.06
CA TYR D 239 -47.39 3.81 6.19
C TYR D 239 -48.89 4.00 6.34
N PRO D 240 -49.37 4.31 7.55
CA PRO D 240 -50.82 4.40 7.75
C PRO D 240 -51.51 5.45 6.90
N VAL D 241 -50.79 6.48 6.43
CA VAL D 241 -51.44 7.59 5.74
C VAL D 241 -50.81 7.83 4.37
N PRO D 242 -51.58 8.26 3.38
CA PRO D 242 -51.03 8.50 2.05
C PRO D 242 -50.13 9.73 2.03
N LYS D 243 -49.19 9.72 1.08
CA LYS D 243 -48.22 10.79 0.91
C LYS D 243 -48.35 11.42 -0.47
N GLY D 244 -47.38 12.29 -0.77
CA GLY D 244 -47.50 13.19 -1.90
C GLY D 244 -47.73 12.51 -3.24
N GLY D 245 -46.98 11.45 -3.52
CA GLY D 245 -47.20 10.74 -4.76
C GLY D 245 -48.63 10.22 -4.86
N ALA D 246 -49.15 9.69 -3.76
CA ALA D 246 -50.53 9.24 -3.77
C ALA D 246 -51.48 10.39 -4.06
N ILE D 247 -51.25 11.55 -3.43
CA ILE D 247 -52.16 12.68 -3.60
C ILE D 247 -52.15 13.18 -5.03
N LEU D 248 -50.96 13.31 -5.61
CA LEU D 248 -50.84 13.77 -6.98
C LEU D 248 -51.48 12.78 -7.93
N LYS D 249 -51.22 11.48 -7.72
CA LYS D 249 -51.93 10.46 -8.49
C LYS D 249 -53.42 10.67 -8.40
N ILE D 250 -53.92 10.97 -7.20
CA ILE D 250 -55.35 11.13 -7.02
C ILE D 250 -55.87 12.30 -7.84
N PHE D 251 -55.19 13.45 -7.77
CA PHE D 251 -55.68 14.61 -8.51
C PHE D 251 -55.66 14.34 -10.01
N GLN D 252 -54.60 13.67 -10.48
CA GLN D 252 -54.57 13.28 -11.88
C GLN D 252 -55.75 12.40 -12.23
N GLN D 253 -56.06 11.44 -11.37
CA GLN D 253 -57.18 10.55 -11.63
C GLN D 253 -58.49 11.31 -11.68
N LYS D 254 -58.70 12.24 -10.75
CA LYS D 254 -59.97 12.98 -10.75
C LYS D 254 -60.09 13.88 -11.97
N ILE D 255 -59.03 14.61 -12.31
CA ILE D 255 -59.13 15.46 -13.49
C ILE D 255 -59.38 14.62 -14.73
N LEU D 256 -58.77 13.43 -14.79
CA LEU D 256 -59.06 12.52 -15.89
C LEU D 256 -60.52 12.10 -15.88
N GLU D 257 -61.08 11.85 -14.69
CA GLU D 257 -62.45 11.36 -14.63
C GLU D 257 -63.45 12.42 -15.04
N ASN D 258 -63.11 13.70 -14.87
CA ASN D 258 -64.01 14.79 -15.19
C ASN D 258 -63.51 15.67 -16.34
N LEU D 259 -62.92 15.08 -17.38
CA LEU D 259 -62.64 15.85 -18.59
C LEU D 259 -63.91 16.48 -19.14
N GLY D 260 -63.83 17.78 -19.44
CA GLY D 260 -64.86 18.50 -20.16
C GLY D 260 -65.43 19.70 -19.43
N ASP D 261 -65.63 19.62 -18.12
CA ASP D 261 -66.11 20.78 -17.37
C ASP D 261 -64.98 21.78 -17.32
N ARG D 262 -65.07 22.81 -18.17
CA ARG D 262 -63.95 23.74 -18.33
C ARG D 262 -63.64 24.44 -17.00
N SER D 263 -64.66 24.87 -16.28
CA SER D 263 -64.43 25.50 -14.98
C SER D 263 -63.81 24.50 -14.01
N SER D 264 -64.30 23.26 -14.02
CA SER D 264 -63.71 22.24 -13.15
C SER D 264 -62.25 22.00 -13.51
N VAL D 265 -61.96 21.93 -14.80
CA VAL D 265 -60.59 21.72 -15.24
C VAL D 265 -59.70 22.86 -14.76
N MET D 266 -60.15 24.10 -14.96
CA MET D 266 -59.32 25.24 -14.57
C MET D 266 -59.11 25.29 -13.07
N PHE D 267 -60.16 25.01 -12.29
CA PHE D 267 -60.04 24.99 -10.84
C PHE D 267 -59.04 23.94 -10.39
N LEU D 268 -59.15 22.73 -10.92
CA LEU D 268 -58.24 21.67 -10.51
C LEU D 268 -56.82 21.97 -10.96
N LYS D 269 -56.64 22.56 -12.14
CA LYS D 269 -55.31 22.95 -12.58
C LYS D 269 -54.69 23.95 -11.62
N LYS D 270 -55.47 24.94 -11.19
CA LYS D 270 -54.95 25.89 -10.22
C LYS D 270 -54.57 25.20 -8.94
N LEU D 271 -55.38 24.22 -8.51
CA LEU D 271 -55.04 23.46 -7.31
C LEU D 271 -53.69 22.76 -7.46
N LEU D 272 -53.51 22.02 -8.56
CA LEU D 272 -52.27 21.28 -8.76
C LEU D 272 -51.08 22.21 -8.81
N ASN D 273 -51.23 23.33 -9.52
CA ASN D 273 -50.13 24.28 -9.57
C ASN D 273 -49.83 24.82 -8.18
N ASN D 274 -50.85 25.05 -7.37
CA ASN D 274 -50.64 25.73 -6.09
C ASN D 274 -50.04 24.81 -5.04
N ILE D 275 -50.42 23.53 -5.03
CA ILE D 275 -50.00 22.69 -3.91
C ILE D 275 -48.53 22.32 -4.00
N SER D 276 -48.03 22.02 -5.20
CA SER D 276 -46.72 21.41 -5.32
C SER D 276 -45.65 22.39 -5.76
N GLN D 277 -45.65 23.63 -5.26
CA GLN D 277 -44.57 24.54 -5.61
C GLN D 277 -43.23 24.03 -5.12
N ASP D 278 -43.05 23.92 -3.81
CA ASP D 278 -41.74 23.53 -3.31
C ASP D 278 -41.47 22.04 -3.52
N TYR D 279 -42.50 21.22 -3.71
CA TYR D 279 -42.27 19.86 -4.17
C TYR D 279 -41.56 19.85 -5.51
N CYS D 280 -42.06 20.65 -6.45
CA CYS D 280 -41.37 20.80 -7.72
C CYS D 280 -39.98 21.38 -7.51
N THR D 281 -39.84 22.30 -6.56
CA THR D 281 -38.51 22.81 -6.26
C THR D 281 -37.58 21.69 -5.83
N MET D 282 -38.07 20.80 -4.97
CA MET D 282 -37.26 19.69 -4.49
C MET D 282 -36.87 18.75 -5.61
N LEU D 283 -37.84 18.40 -6.47
CA LEU D 283 -37.53 17.48 -7.57
C LEU D 283 -36.53 18.10 -8.54
N TYR D 284 -36.78 19.34 -8.95
CA TYR D 284 -35.85 20.01 -9.85
C TYR D 284 -34.47 20.14 -9.22
N GLU D 285 -34.42 20.52 -7.94
CA GLU D 285 -33.16 20.67 -7.26
C GLU D 285 -32.40 19.36 -7.20
N TRP D 286 -33.11 18.25 -7.08
CA TRP D 286 -32.42 16.96 -7.06
C TRP D 286 -31.94 16.60 -8.46
N LEU D 287 -32.76 16.84 -9.48
CA LEU D 287 -32.33 16.50 -10.84
C LEU D 287 -31.20 17.39 -11.34
N THR D 288 -31.00 18.56 -10.74
CA THR D 288 -29.89 19.39 -11.19
C THR D 288 -28.79 19.57 -10.17
N GLN D 289 -28.91 19.00 -8.97
CA GLN D 289 -27.81 18.96 -8.03
C GLN D 289 -27.68 17.64 -7.29
N GLY D 290 -28.59 16.70 -7.51
CA GLY D 290 -28.54 15.46 -6.78
C GLY D 290 -28.67 15.60 -5.28
N ILE D 291 -29.28 16.67 -4.80
CA ILE D 291 -29.41 16.93 -3.38
C ILE D 291 -30.86 16.69 -2.97
N LEU D 292 -31.06 15.83 -1.99
CA LEU D 292 -32.40 15.45 -1.53
C LEU D 292 -32.59 15.93 -0.10
N ASN D 293 -33.63 16.75 0.10
CA ASN D 293 -33.88 17.42 1.38
C ASN D 293 -35.34 17.23 1.72
N ASP D 294 -35.64 16.16 2.45
CA ASP D 294 -37.02 15.76 2.73
C ASP D 294 -37.18 15.53 4.23
N PRO D 295 -37.32 16.61 5.01
CA PRO D 295 -37.45 16.43 6.46
C PRO D 295 -38.72 15.73 6.86
N TYR D 296 -39.64 15.48 5.94
CA TYR D 296 -40.86 14.75 6.25
C TYR D 296 -40.88 13.36 5.66
N GLN D 297 -39.83 12.98 4.91
CA GLN D 297 -39.74 11.65 4.31
C GLN D 297 -40.93 11.38 3.40
N GLU D 298 -41.09 12.24 2.40
CA GLU D 298 -42.13 12.13 1.40
C GLU D 298 -41.58 11.91 0.00
N PHE D 299 -40.32 12.27 -0.24
CA PHE D 299 -39.75 12.15 -1.57
C PHE D 299 -39.66 10.70 -2.01
N MET D 300 -39.35 10.51 -3.30
CA MET D 300 -39.54 9.23 -3.95
C MET D 300 -38.57 8.18 -3.43
N THR D 301 -37.30 8.54 -3.27
CA THR D 301 -36.27 7.65 -2.74
C THR D 301 -35.56 8.36 -1.60
N TYR D 302 -34.81 7.60 -0.82
CA TYR D 302 -34.18 8.15 0.37
C TYR D 302 -32.84 7.46 0.58
N ASP D 303 -31.95 8.15 1.28
CA ASP D 303 -30.56 7.75 1.35
C ASP D 303 -30.33 6.75 2.48
N ASP D 304 -29.07 6.37 2.67
CA ASP D 304 -28.63 5.60 3.82
C ASP D 304 -28.38 6.55 4.99
N LEU D 305 -27.62 6.09 5.99
CA LEU D 305 -27.45 6.83 7.24
C LEU D 305 -28.78 7.05 7.93
N GLU D 306 -29.42 5.95 8.31
CA GLU D 306 -30.79 5.95 8.80
C GLU D 306 -30.88 6.33 10.27
N ARG D 318 -16.72 6.84 4.66
CA ARG D 318 -17.83 6.01 5.10
C ARG D 318 -18.98 6.00 4.09
N ALA D 319 -19.44 7.18 3.69
CA ALA D 319 -20.56 7.29 2.75
C ALA D 319 -20.07 6.89 1.36
N TRP D 320 -19.75 5.60 1.24
CA TRP D 320 -19.18 5.08 0.00
C TRP D 320 -20.13 4.15 -0.72
N ASP D 321 -20.68 3.15 -0.02
CA ASP D 321 -21.72 2.29 -0.59
C ASP D 321 -23.07 2.98 -0.41
N THR D 322 -23.25 4.06 -1.16
CA THR D 322 -24.38 4.95 -0.99
C THR D 322 -25.63 4.30 -1.56
N GLN D 323 -25.97 3.15 -0.98
CA GLN D 323 -27.10 2.37 -1.44
C GLN D 323 -28.38 3.18 -1.32
N TYR D 324 -29.24 3.07 -2.33
CA TYR D 324 -30.48 3.84 -2.39
C TYR D 324 -31.65 2.88 -2.50
N PHE D 325 -32.77 3.28 -1.90
CA PHE D 325 -33.95 2.42 -1.80
C PHE D 325 -35.15 3.13 -2.41
N ILE D 326 -36.05 2.35 -3.00
CA ILE D 326 -37.28 2.87 -3.56
C ILE D 326 -38.39 2.70 -2.54
N ARG D 327 -39.04 3.79 -2.18
CA ARG D 327 -40.33 3.73 -1.49
C ARG D 327 -41.40 3.76 -2.55
N LYS D 328 -41.80 2.58 -3.04
CA LYS D 328 -42.75 2.48 -4.12
C LYS D 328 -44.08 3.12 -3.76
N ASP D 329 -44.38 3.24 -2.47
CA ASP D 329 -45.68 3.72 -2.04
C ASP D 329 -45.95 5.18 -2.38
N VAL D 330 -44.94 5.92 -2.82
CA VAL D 330 -45.13 7.33 -3.12
C VAL D 330 -44.86 7.65 -4.60
N LEU D 331 -44.59 6.64 -5.43
CA LEU D 331 -44.29 6.90 -6.83
C LEU D 331 -45.56 7.17 -7.61
N LEU D 332 -45.43 8.05 -8.62
CA LEU D 332 -46.58 8.48 -9.42
C LEU D 332 -47.11 7.40 -10.34
N ARG D 333 -46.38 6.31 -10.53
CA ARG D 333 -46.75 5.31 -11.50
C ARG D 333 -46.62 3.94 -10.86
N ASP D 334 -47.33 2.96 -11.42
CA ASP D 334 -47.25 1.60 -10.91
C ASP D 334 -45.85 1.01 -11.08
N CYS D 335 -45.03 1.62 -11.94
CA CYS D 335 -43.65 1.16 -12.21
C CYS D 335 -43.61 -0.32 -12.56
N ASP D 336 -44.62 -0.77 -13.30
CA ASP D 336 -44.75 -2.18 -13.62
C ASP D 336 -44.19 -2.54 -15.00
N SER D 337 -44.46 -1.71 -16.00
CA SER D 337 -43.98 -1.94 -17.35
C SER D 337 -42.56 -1.39 -17.50
N GLU D 338 -42.05 -1.47 -18.72
CA GLU D 338 -40.64 -1.13 -18.94
C GLU D 338 -40.42 0.38 -18.91
N GLU D 339 -41.38 1.17 -19.39
CA GLU D 339 -41.11 2.58 -19.63
C GLU D 339 -41.03 3.38 -18.34
N ASP D 340 -41.95 3.14 -17.41
CA ASP D 340 -41.87 3.88 -16.15
C ASP D 340 -40.69 3.42 -15.31
N LYS D 341 -40.35 2.13 -15.38
CA LYS D 341 -39.12 1.68 -14.76
C LYS D 341 -37.93 2.39 -15.37
N ASN D 342 -37.94 2.54 -16.68
CA ASN D 342 -36.86 3.25 -17.37
C ASN D 342 -36.77 4.68 -16.85
N LEU D 343 -37.91 5.36 -16.75
CA LEU D 343 -37.93 6.73 -16.27
C LEU D 343 -37.37 6.82 -14.86
N LEU D 344 -37.84 5.95 -13.97
CA LEU D 344 -37.39 5.98 -12.59
C LEU D 344 -35.89 5.71 -12.50
N PHE D 345 -35.41 4.78 -13.31
CA PHE D 345 -34.02 4.39 -13.19
C PHE D 345 -33.10 5.46 -13.78
N LYS D 346 -33.53 6.11 -14.86
CA LYS D 346 -32.80 7.27 -15.34
C LYS D 346 -32.77 8.36 -14.29
N MET D 347 -33.90 8.57 -13.60
CA MET D 347 -33.92 9.52 -12.49
C MET D 347 -32.83 9.19 -11.47
N LEU D 348 -32.82 7.93 -10.99
CA LEU D 348 -31.88 7.55 -9.95
C LEU D 348 -30.45 7.73 -10.42
N ARG D 349 -30.16 7.27 -11.63
CA ARG D 349 -28.81 7.36 -12.15
C ARG D 349 -28.37 8.81 -12.25
N THR D 350 -29.23 9.68 -12.78
CA THR D 350 -28.87 11.08 -12.94
C THR D 350 -28.54 11.71 -11.60
N GLY D 351 -29.38 11.45 -10.61
CA GLY D 351 -29.09 11.96 -9.28
C GLY D 351 -27.75 11.46 -8.77
N ILE D 352 -27.49 10.17 -8.91
CA ILE D 352 -26.27 9.61 -8.34
C ILE D 352 -25.06 10.18 -9.06
N LEU D 353 -25.15 10.37 -10.38
CA LEU D 353 -24.05 10.91 -11.14
C LEU D 353 -23.69 12.31 -10.66
N LEU D 354 -24.69 13.18 -10.56
CA LEU D 354 -24.39 14.53 -10.09
C LEU D 354 -23.86 14.50 -8.67
N LYS D 355 -24.38 13.60 -7.84
CA LYS D 355 -23.91 13.51 -6.46
C LYS D 355 -22.45 13.18 -6.40
N VAL D 356 -22.01 12.21 -7.20
CA VAL D 356 -20.62 11.81 -7.17
C VAL D 356 -19.74 12.91 -7.76
N VAL D 357 -20.26 13.64 -8.75
CA VAL D 357 -19.52 14.80 -9.26
C VAL D 357 -19.22 15.78 -8.13
N ARG D 358 -20.26 16.12 -7.36
CA ARG D 358 -20.06 17.03 -6.25
C ARG D 358 -19.09 16.47 -5.24
N ALA D 359 -19.23 15.17 -4.92
CA ALA D 359 -18.36 14.56 -3.93
C ALA D 359 -16.90 14.62 -4.36
N SER D 360 -16.63 14.37 -5.64
CA SER D 360 -15.25 14.35 -6.11
C SER D 360 -14.66 15.75 -6.19
N LEU D 361 -15.41 16.72 -6.70
CA LEU D 361 -14.83 18.04 -6.92
C LEU D 361 -14.77 18.89 -5.66
N GLN D 362 -15.33 18.41 -4.55
CA GLN D 362 -15.33 19.15 -3.29
C GLN D 362 -16.02 20.50 -3.43
N ILE D 363 -17.22 20.47 -4.03
CA ILE D 363 -18.07 21.65 -4.11
C ILE D 363 -19.50 21.21 -3.84
N PRO D 364 -20.25 21.89 -2.98
CA PRO D 364 -21.63 21.45 -2.70
C PRO D 364 -22.61 21.81 -3.79
N THR D 365 -22.24 22.70 -4.71
CA THR D 365 -23.15 23.18 -5.73
C THR D 365 -22.54 23.00 -7.10
N ILE D 366 -23.39 22.77 -8.09
CA ILE D 366 -22.99 22.65 -9.48
C ILE D 366 -23.25 23.98 -10.16
N PRO D 367 -22.22 24.70 -10.61
CA PRO D 367 -22.44 25.96 -11.32
C PRO D 367 -23.28 25.75 -12.57
N SER D 368 -24.11 26.75 -12.87
CA SER D 368 -25.01 26.65 -14.01
C SER D 368 -24.26 26.55 -15.34
N ASN D 369 -23.22 27.36 -15.51
CA ASN D 369 -22.57 27.56 -16.80
C ASN D 369 -21.52 26.51 -17.12
N SER D 370 -21.58 25.35 -16.47
CA SER D 370 -20.60 24.31 -16.76
C SER D 370 -20.85 23.63 -18.10
N SER D 371 -22.01 23.83 -18.69
CA SER D 371 -22.37 23.10 -19.91
C SER D 371 -23.32 23.96 -20.73
N ASP D 372 -23.74 23.40 -21.87
CA ASP D 372 -24.63 24.10 -22.79
C ASP D 372 -26.09 23.79 -22.53
N ILE D 373 -26.43 22.56 -22.16
CA ILE D 373 -27.82 22.19 -21.98
C ILE D 373 -28.36 22.87 -20.73
N THR D 374 -29.26 23.83 -20.91
CA THR D 374 -29.84 24.57 -19.80
C THR D 374 -31.24 24.06 -19.54
N ILE D 375 -31.61 23.97 -18.26
CA ILE D 375 -32.85 23.35 -17.82
C ILE D 375 -33.64 24.40 -17.03
N GLN D 376 -34.96 24.25 -17.03
CA GLN D 376 -35.85 25.14 -16.30
C GLN D 376 -36.61 24.36 -15.21
N GLU D 377 -37.29 25.10 -14.35
CA GLU D 377 -38.12 24.51 -13.32
C GLU D 377 -39.47 24.09 -13.91
N ILE D 378 -40.22 23.30 -13.16
CA ILE D 378 -41.49 22.78 -13.63
C ILE D 378 -42.54 23.85 -13.32
N ASN D 379 -42.64 24.82 -14.23
CA ASN D 379 -43.50 25.98 -13.97
C ASN D 379 -44.97 25.64 -14.11
N ASP D 380 -45.30 24.65 -14.94
CA ASP D 380 -46.68 24.17 -15.08
C ASP D 380 -46.65 22.66 -14.88
N PHE D 381 -46.69 22.24 -13.61
CA PHE D 381 -46.67 20.81 -13.33
C PHE D 381 -47.89 20.11 -13.90
N ALA D 382 -48.97 20.86 -14.10
CA ALA D 382 -50.24 20.25 -14.51
C ALA D 382 -50.09 19.45 -15.80
N ASP D 383 -49.55 20.07 -16.84
CA ASP D 383 -49.42 19.38 -18.12
C ASP D 383 -48.25 18.40 -18.09
N LEU D 384 -47.17 18.75 -17.37
CA LEU D 384 -46.05 17.83 -17.25
C LEU D 384 -46.49 16.48 -16.71
N MET D 385 -47.40 16.48 -15.74
CA MET D 385 -47.90 15.23 -15.19
C MET D 385 -48.62 14.37 -16.22
N GLU D 386 -49.30 14.97 -17.19
CA GLU D 386 -50.08 14.22 -18.16
C GLU D 386 -49.25 13.24 -18.99
N GLY D 387 -48.02 13.61 -19.34
CA GLY D 387 -47.22 12.81 -20.24
C GLY D 387 -46.84 13.59 -21.49
N SER D 388 -45.95 12.96 -22.26
CA SER D 388 -45.42 13.51 -23.52
C SER D 388 -44.50 14.70 -23.26
N ASN D 389 -44.32 15.06 -21.99
CA ASN D 389 -43.30 16.05 -21.64
C ASN D 389 -42.49 15.61 -20.44
N LEU D 390 -43.06 14.76 -19.60
CA LEU D 390 -42.34 14.25 -18.44
C LEU D 390 -41.03 13.60 -18.87
N GLU D 391 -41.12 12.64 -19.79
CA GLU D 391 -39.92 11.96 -20.25
C GLU D 391 -38.98 12.91 -20.99
N LEU D 392 -39.53 13.89 -21.70
CA LEU D 392 -38.66 14.85 -22.38
C LEU D 392 -37.80 15.58 -21.39
N TYR D 393 -38.40 16.07 -20.30
CA TYR D 393 -37.64 16.72 -19.25
C TYR D 393 -36.63 15.75 -18.63
N VAL D 394 -37.09 14.53 -18.35
CA VAL D 394 -36.25 13.54 -17.70
C VAL D 394 -34.99 13.28 -18.51
N ASP D 395 -35.16 13.02 -19.81
CA ASP D 395 -34.01 12.62 -20.62
C ASP D 395 -33.21 13.83 -21.10
N LYS D 396 -33.78 15.02 -21.09
CA LYS D 396 -32.90 16.17 -21.26
C LYS D 396 -31.95 16.31 -20.08
N CYS D 397 -32.48 16.14 -18.87
CA CYS D 397 -31.60 16.14 -17.70
C CYS D 397 -30.62 14.98 -17.77
N TYR D 398 -31.05 13.83 -18.30
CA TYR D 398 -30.16 12.69 -18.46
C TYR D 398 -29.01 13.05 -19.40
N SER D 399 -29.31 13.72 -20.50
CA SER D 399 -28.27 14.14 -21.43
C SER D 399 -27.28 15.07 -20.73
N ARG D 400 -27.79 16.02 -19.97
CA ARG D 400 -26.91 16.90 -19.21
C ARG D 400 -26.01 16.10 -18.29
N ALA D 401 -26.58 15.15 -17.56
CA ALA D 401 -25.81 14.34 -16.62
C ALA D 401 -24.73 13.56 -17.34
N ASN D 402 -25.10 12.90 -18.44
CA ASN D 402 -24.12 12.10 -19.16
C ASN D 402 -22.99 12.95 -19.70
N GLU D 403 -23.31 14.09 -20.33
CA GLU D 403 -22.23 14.87 -20.91
C GLU D 403 -21.27 15.37 -19.84
N ILE D 404 -21.78 15.90 -18.72
CA ILE D 404 -20.86 16.42 -17.72
C ILE D 404 -20.10 15.30 -17.04
N PHE D 405 -20.76 14.16 -16.80
CA PHE D 405 -20.13 13.04 -16.12
C PHE D 405 -19.01 12.45 -16.96
N LEU D 406 -19.26 12.23 -18.24
CA LEU D 406 -18.24 11.71 -19.14
C LEU D 406 -17.10 12.70 -19.28
N LYS D 407 -17.41 14.00 -19.35
CA LYS D 407 -16.31 14.96 -19.37
C LYS D 407 -15.51 14.89 -18.08
N LEU D 408 -16.16 14.55 -16.97
CA LEU D 408 -15.44 14.42 -15.71
C LEU D 408 -14.44 13.27 -15.73
N PHE D 409 -14.90 12.07 -16.09
CA PHE D 409 -13.96 10.94 -16.12
C PHE D 409 -13.19 10.84 -17.43
N PHE D 410 -13.32 11.80 -18.33
CA PHE D 410 -12.45 11.72 -19.50
C PHE D 410 -11.39 12.79 -19.48
N GLN D 411 -11.68 13.96 -18.94
CA GLN D 411 -10.65 14.98 -18.90
C GLN D 411 -10.05 15.17 -17.52
N GLY D 412 -10.88 15.38 -16.49
CA GLY D 412 -10.36 15.55 -15.15
C GLY D 412 -9.64 14.32 -14.66
N TYR D 413 -10.24 13.16 -14.88
CA TYR D 413 -9.56 11.89 -14.75
C TYR D 413 -9.37 11.30 -16.14
N ASP D 414 -8.18 10.76 -16.39
CA ASP D 414 -7.88 10.18 -17.69
C ASP D 414 -8.22 8.71 -17.62
N LEU D 415 -9.45 8.41 -18.00
CA LEU D 415 -9.95 7.05 -17.94
C LEU D 415 -9.19 6.15 -18.90
N ILE D 416 -8.87 6.66 -20.09
CA ILE D 416 -8.27 5.82 -21.11
C ILE D 416 -6.95 5.23 -20.62
N ASN D 417 -6.07 6.07 -20.10
CA ASN D 417 -4.77 5.55 -19.70
C ASN D 417 -4.90 4.64 -18.49
N VAL D 418 -5.88 4.88 -17.62
CA VAL D 418 -6.05 3.99 -16.48
C VAL D 418 -6.53 2.62 -16.95
N LEU D 419 -7.45 2.57 -17.91
CA LEU D 419 -7.83 1.28 -18.47
C LEU D 419 -6.64 0.59 -19.14
N LYS D 420 -5.83 1.35 -19.88
CA LYS D 420 -4.69 0.69 -20.49
C LYS D 420 -3.70 0.20 -19.45
N HIS D 421 -3.52 0.95 -18.36
CA HIS D 421 -2.63 0.49 -17.30
C HIS D 421 -3.17 -0.78 -16.66
N LEU D 422 -4.48 -0.86 -16.47
CA LEU D 422 -5.04 -2.09 -15.95
C LEU D 422 -4.78 -3.24 -16.91
N GLN D 423 -5.04 -3.01 -18.21
CA GLN D 423 -4.90 -4.08 -19.17
C GLN D 423 -3.47 -4.60 -19.23
N GLN D 424 -2.49 -3.70 -19.24
CA GLN D 424 -1.11 -4.12 -19.33
C GLN D 424 -0.71 -5.02 -18.17
N ILE D 425 -1.45 -4.97 -17.07
CA ILE D 425 -1.21 -5.88 -15.96
C ILE D 425 -2.01 -7.16 -16.13
N PHE D 426 -3.22 -7.05 -16.66
CA PHE D 426 -4.12 -8.19 -16.58
C PHE D 426 -4.40 -8.88 -17.90
N LEU D 427 -4.05 -8.27 -19.02
CA LEU D 427 -4.17 -8.97 -20.29
C LEU D 427 -2.82 -9.26 -20.93
N GLY D 428 -1.75 -8.69 -20.40
CA GLY D 428 -0.47 -8.80 -21.05
C GLY D 428 -0.31 -7.85 -22.22
N TYR D 429 -1.34 -7.07 -22.52
CA TYR D 429 -1.35 -6.21 -23.69
C TYR D 429 -0.12 -5.33 -23.73
N GLN D 430 0.73 -5.57 -24.73
CA GLN D 430 1.96 -4.80 -24.92
C GLN D 430 2.83 -4.82 -23.67
N SER D 431 2.87 -5.97 -23.00
CA SER D 431 3.68 -6.03 -21.79
C SER D 431 4.40 -7.37 -21.64
N GLY D 432 4.36 -8.23 -22.66
CA GLY D 432 5.08 -9.49 -22.59
C GLY D 432 6.51 -9.34 -22.12
N HIS D 433 7.08 -8.16 -22.37
CA HIS D 433 8.28 -7.71 -21.67
C HIS D 433 8.24 -8.06 -20.18
N ASN D 434 7.20 -7.60 -19.49
CA ASN D 434 7.09 -7.81 -18.06
C ASN D 434 6.99 -9.28 -17.68
N VAL D 435 6.17 -10.03 -18.41
CA VAL D 435 6.00 -11.45 -18.09
C VAL D 435 7.31 -12.20 -18.27
N LEU D 436 8.05 -11.87 -19.33
CA LEU D 436 9.34 -12.50 -19.51
C LEU D 436 10.25 -12.23 -18.32
N LYS D 437 10.35 -10.96 -17.90
CA LYS D 437 11.19 -10.66 -16.75
C LYS D 437 10.77 -11.47 -15.52
N PHE D 438 9.48 -11.44 -15.22
CA PHE D 438 8.96 -12.10 -14.02
C PHE D 438 9.28 -13.59 -14.03
N LEU D 439 8.98 -14.26 -15.14
CA LEU D 439 9.20 -15.70 -15.20
C LEU D 439 10.69 -16.02 -15.15
N THR D 440 11.51 -15.32 -15.94
CA THR D 440 12.92 -15.69 -15.96
C THR D 440 13.53 -15.51 -14.58
N LYS D 441 13.01 -14.57 -13.79
CA LYS D 441 13.54 -14.43 -12.44
C LYS D 441 13.08 -15.56 -11.52
N ASN D 442 11.78 -15.88 -11.53
CA ASN D 442 11.26 -16.72 -10.44
C ASN D 442 10.88 -18.13 -10.85
N MET D 443 11.20 -18.57 -12.07
CA MET D 443 10.77 -19.89 -12.51
C MET D 443 11.45 -20.99 -11.71
N GLY D 444 12.72 -20.80 -11.34
CA GLY D 444 13.43 -21.84 -10.63
C GLY D 444 12.78 -22.26 -9.33
N GLU D 445 11.95 -21.39 -8.75
CA GLU D 445 11.22 -21.68 -7.53
C GLU D 445 9.75 -21.96 -7.79
N LEU D 446 9.17 -21.29 -8.78
CA LEU D 446 7.78 -21.53 -9.12
C LEU D 446 7.58 -22.89 -9.74
N THR D 447 8.65 -23.49 -10.26
CA THR D 447 8.52 -24.83 -10.83
C THR D 447 8.26 -25.87 -9.76
N LYS D 448 8.80 -25.69 -8.57
CA LYS D 448 8.78 -26.75 -7.56
C LYS D 448 7.88 -26.43 -6.38
N HIS D 449 7.53 -25.16 -6.15
CA HIS D 449 6.77 -24.84 -4.95
C HIS D 449 5.37 -25.44 -4.94
N TYR D 450 4.78 -25.64 -6.11
CA TYR D 450 3.37 -25.99 -6.24
C TYR D 450 3.07 -27.45 -5.97
N ARG D 451 3.93 -28.15 -5.24
CA ARG D 451 3.57 -29.48 -4.80
C ARG D 451 2.98 -29.50 -3.39
N ASN D 452 3.52 -28.73 -2.46
CA ASN D 452 3.10 -28.78 -1.06
C ASN D 452 2.93 -27.37 -0.51
N ASP D 453 2.17 -26.55 -1.21
CA ASP D 453 1.99 -25.14 -0.86
C ASP D 453 0.98 -24.93 0.27
N ASN D 454 0.58 -25.98 0.99
CA ASN D 454 -0.30 -25.82 2.15
C ASN D 454 0.38 -25.04 3.29
N ASN D 455 1.67 -25.28 3.52
CA ASN D 455 2.48 -24.57 4.49
C ASN D 455 3.25 -23.52 3.68
N ALA D 456 2.76 -22.28 3.72
CA ALA D 456 3.12 -21.32 2.68
C ALA D 456 4.63 -21.07 2.62
N ASN D 457 5.19 -20.46 3.65
CA ASN D 457 6.64 -20.22 3.75
C ASN D 457 7.17 -19.48 2.52
N TYR D 458 6.28 -18.83 1.78
CA TYR D 458 6.64 -18.12 0.56
C TYR D 458 7.02 -16.68 0.85
N ASP D 459 8.04 -16.53 1.70
CA ASP D 459 8.53 -15.20 2.01
C ASP D 459 9.32 -14.62 0.85
N LYS D 460 10.06 -15.46 0.13
CA LYS D 460 10.99 -14.93 -0.87
C LYS D 460 10.26 -14.24 -2.01
N LEU D 461 9.20 -14.85 -2.53
CA LEU D 461 8.49 -14.24 -3.65
C LEU D 461 7.85 -12.92 -3.25
N LEU D 462 7.18 -12.90 -2.10
CA LEU D 462 6.56 -11.67 -1.62
C LEU D 462 7.60 -10.58 -1.41
N GLN D 463 8.70 -10.92 -0.76
CA GLN D 463 9.74 -9.94 -0.48
C GLN D 463 10.35 -9.42 -1.77
N ASN D 464 10.59 -10.31 -2.74
CA ASN D 464 11.19 -9.92 -4.00
C ASN D 464 10.27 -8.98 -4.77
N PHE D 465 8.98 -9.30 -4.81
CA PHE D 465 8.04 -8.42 -5.48
C PHE D 465 7.99 -7.07 -4.80
N GLU D 466 8.00 -7.06 -3.46
CA GLU D 466 8.01 -5.79 -2.72
C GLU D 466 9.20 -4.95 -3.13
N LEU D 467 10.39 -5.56 -3.19
CA LEU D 467 11.56 -4.83 -3.62
C LEU D 467 11.44 -4.31 -5.05
N GLU D 468 11.01 -5.16 -5.97
CA GLU D 468 11.00 -4.77 -7.38
C GLU D 468 9.98 -3.67 -7.65
N ARG D 469 8.86 -3.69 -6.93
CA ARG D 469 7.83 -2.68 -7.11
C ARG D 469 8.31 -1.28 -6.74
N GLN D 470 9.25 -1.18 -5.80
CA GLN D 470 9.80 0.12 -5.44
C GLN D 470 10.47 0.81 -6.61
N SER D 471 11.00 0.05 -7.57
CA SER D 471 11.73 0.60 -8.69
C SER D 471 10.84 1.27 -9.72
N GLU D 472 9.57 0.90 -9.80
CA GLU D 472 8.72 1.35 -10.89
C GLU D 472 8.29 2.81 -10.73
N ASN D 473 7.69 3.33 -11.77
CA ASN D 473 7.29 4.74 -11.81
C ASN D 473 6.21 4.99 -10.78
N PRO D 474 6.35 6.01 -9.93
CA PRO D 474 5.26 6.35 -9.00
C PRO D 474 4.06 7.00 -9.67
N ASN D 475 4.20 7.55 -10.88
CA ASN D 475 3.10 8.18 -11.58
C ASN D 475 2.18 7.17 -12.26
N ASN D 476 2.30 5.90 -11.94
CA ASN D 476 1.30 4.90 -12.32
C ASN D 476 0.60 4.51 -11.03
N LEU D 477 -0.69 4.84 -10.93
CA LEU D 477 -1.42 4.49 -9.73
C LEU D 477 -1.56 2.98 -9.58
N MET D 478 -1.86 2.29 -10.69
CA MET D 478 -2.26 0.89 -10.61
C MET D 478 -1.14 -0.03 -10.14
N ARG D 479 0.08 0.15 -10.66
CA ARG D 479 1.17 -0.74 -10.26
C ARG D 479 1.38 -0.69 -8.75
N GLN D 480 1.03 0.43 -8.13
CA GLN D 480 1.26 0.58 -6.70
C GLN D 480 0.38 -0.37 -5.88
N LEU D 481 -0.86 -0.56 -6.29
CA LEU D 481 -1.80 -1.43 -5.59
C LEU D 481 -1.69 -2.89 -5.99
N LEU D 482 -0.57 -3.30 -6.60
CA LEU D 482 -0.41 -4.69 -6.98
C LEU D 482 0.02 -5.52 -5.79
N MET D 483 -0.72 -6.58 -5.50
CA MET D 483 -0.44 -7.43 -4.36
C MET D 483 -0.31 -8.88 -4.82
N ILE D 484 0.55 -9.62 -4.16
CA ILE D 484 0.69 -11.04 -4.39
C ILE D 484 -0.12 -11.77 -3.34
N GLN D 485 -1.07 -12.59 -3.79
CA GLN D 485 -1.86 -13.40 -2.89
C GLN D 485 -1.86 -14.83 -3.38
N PHE D 486 -2.09 -15.76 -2.48
CA PHE D 486 -2.22 -17.16 -2.83
C PHE D 486 -3.56 -17.68 -2.36
N ASP D 487 -3.83 -18.94 -2.68
CA ASP D 487 -5.02 -19.64 -2.21
C ASP D 487 -4.75 -21.13 -2.40
N THR D 488 -5.74 -21.97 -2.12
CA THR D 488 -5.56 -23.41 -2.15
C THR D 488 -6.21 -24.10 -3.34
N GLU D 489 -7.47 -23.81 -3.64
CA GLU D 489 -8.18 -24.56 -4.66
C GLU D 489 -7.76 -24.12 -6.06
N THR D 490 -7.48 -25.11 -6.92
CA THR D 490 -6.74 -24.91 -8.16
C THR D 490 -7.59 -24.21 -9.23
N LEU D 491 -6.98 -24.01 -10.39
CA LEU D 491 -7.63 -23.27 -11.47
C LEU D 491 -8.91 -23.91 -11.97
N PRO D 492 -8.95 -25.16 -12.43
CA PRO D 492 -10.25 -25.73 -12.79
C PRO D 492 -11.23 -25.71 -11.64
N GLN D 493 -10.73 -25.86 -10.42
CA GLN D 493 -11.56 -25.75 -9.23
C GLN D 493 -12.10 -24.34 -9.05
N VAL D 494 -11.30 -23.30 -9.27
CA VAL D 494 -11.84 -21.95 -9.10
C VAL D 494 -12.79 -21.60 -10.22
N LEU D 495 -12.65 -22.25 -11.38
CA LEU D 495 -13.67 -22.13 -12.41
C LEU D 495 -14.93 -22.90 -12.05
N SER D 496 -14.81 -23.96 -11.23
CA SER D 496 -15.99 -24.65 -10.75
C SER D 496 -16.84 -23.77 -9.86
N HIS D 497 -16.31 -22.63 -9.41
CA HIS D 497 -17.11 -21.62 -8.73
C HIS D 497 -17.74 -20.66 -9.71
N TYR D 498 -17.48 -20.81 -11.00
CA TYR D 498 -18.03 -19.92 -12.03
C TYR D 498 -19.16 -20.58 -12.79
N LEU D 499 -18.99 -21.82 -13.25
CA LEU D 499 -20.05 -22.58 -13.90
C LEU D 499 -20.30 -23.93 -13.25
N GLN D 500 -19.80 -24.15 -12.03
CA GLN D 500 -20.05 -25.38 -11.29
C GLN D 500 -19.51 -26.60 -12.05
N ALA D 556 -1.19 -29.68 -8.98
CA ALA D 556 -1.27 -28.26 -8.65
C ALA D 556 -0.24 -27.46 -9.43
N ILE D 557 -0.71 -26.80 -10.49
CA ILE D 557 0.12 -26.01 -11.38
C ILE D 557 -0.19 -24.54 -11.12
N TYR D 558 0.80 -23.81 -10.59
CA TYR D 558 0.72 -22.36 -10.51
C TYR D 558 -0.59 -21.84 -9.96
N HIS D 559 -0.86 -22.17 -8.71
CA HIS D 559 -2.02 -21.61 -8.07
C HIS D 559 -1.56 -20.39 -7.29
N LEU D 560 -1.23 -19.33 -8.05
CA LEU D 560 -0.93 -18.02 -7.50
C LEU D 560 -2.04 -17.06 -7.91
N LYS D 561 -1.86 -15.78 -7.59
CA LYS D 561 -2.95 -14.84 -7.80
C LYS D 561 -2.44 -13.41 -7.74
N PHE D 562 -3.10 -12.55 -8.53
CA PHE D 562 -2.94 -11.11 -8.45
C PHE D 562 -4.32 -10.49 -8.28
N ASP D 563 -4.42 -9.49 -7.40
CA ASP D 563 -5.66 -8.76 -7.20
C ASP D 563 -5.33 -7.30 -6.90
N ILE D 564 -6.33 -6.44 -7.09
CA ILE D 564 -6.21 -5.03 -6.74
C ILE D 564 -7.54 -4.54 -6.19
N ASN D 565 -7.48 -3.81 -5.08
CA ASN D 565 -8.65 -3.19 -4.48
C ASN D 565 -8.83 -1.82 -5.14
N ILE D 566 -9.82 -1.72 -6.02
CA ILE D 566 -10.00 -0.54 -6.86
C ILE D 566 -10.22 0.68 -5.97
N PRO D 567 -9.75 1.87 -6.34
CA PRO D 567 -9.80 3.01 -5.42
C PRO D 567 -11.22 3.53 -5.20
N TYR D 568 -11.27 4.73 -4.64
CA TYR D 568 -12.42 5.44 -4.10
C TYR D 568 -13.63 5.31 -5.00
N PRO D 569 -14.86 5.45 -4.47
CA PRO D 569 -16.04 5.18 -5.28
C PRO D 569 -16.18 6.08 -6.49
N LEU D 570 -15.10 6.11 -7.27
CA LEU D 570 -15.15 6.28 -8.71
C LEU D 570 -15.04 4.92 -9.39
N ASN D 571 -14.61 3.90 -8.64
CA ASN D 571 -14.55 2.52 -9.10
C ASN D 571 -15.92 1.98 -9.48
N ILE D 572 -16.98 2.79 -9.36
CA ILE D 572 -18.25 2.44 -10.00
C ILE D 572 -18.04 2.11 -11.46
N ILE D 573 -16.96 2.61 -12.06
CA ILE D 573 -16.68 2.21 -13.44
C ILE D 573 -16.23 0.75 -13.52
N ILE D 574 -15.53 0.28 -12.49
CA ILE D 574 -14.88 -1.03 -12.53
C ILE D 574 -15.41 -1.88 -11.38
N SER D 575 -16.12 -2.95 -11.71
CA SER D 575 -16.82 -3.76 -10.72
C SER D 575 -15.85 -4.65 -9.94
N ARG D 576 -16.42 -5.58 -9.18
CA ARG D 576 -15.59 -6.64 -8.58
C ARG D 576 -15.64 -7.92 -9.41
N THR D 577 -16.77 -8.21 -10.03
CA THR D 577 -16.84 -9.37 -10.92
C THR D 577 -15.82 -9.25 -12.04
N CYS D 578 -15.69 -8.06 -12.60
CA CYS D 578 -14.68 -7.86 -13.64
C CYS D 578 -13.29 -8.15 -13.11
N MET D 579 -12.99 -7.72 -11.90
CA MET D 579 -11.68 -8.05 -11.35
C MET D 579 -11.51 -9.56 -11.19
N ILE D 580 -12.58 -10.26 -10.82
CA ILE D 580 -12.50 -11.72 -10.72
C ILE D 580 -12.10 -12.30 -12.06
N LYS D 581 -12.79 -11.91 -13.13
CA LYS D 581 -12.51 -12.51 -14.42
C LYS D 581 -11.13 -12.11 -14.92
N TYR D 582 -10.70 -10.87 -14.65
CA TYR D 582 -9.35 -10.47 -14.98
C TYR D 582 -8.33 -11.34 -14.28
N GLN D 583 -8.54 -11.62 -13.00
CA GLN D 583 -7.67 -12.52 -12.27
C GLN D 583 -7.57 -13.87 -12.95
N ILE D 584 -8.71 -14.44 -13.31
CA ILE D 584 -8.70 -15.77 -13.92
C ILE D 584 -7.90 -15.74 -15.21
N ILE D 585 -8.12 -14.70 -16.01
CA ILE D 585 -7.44 -14.60 -17.30
C ILE D 585 -5.94 -14.54 -17.10
N LEU D 586 -5.49 -13.69 -16.18
CA LEU D 586 -4.05 -13.58 -15.97
C LEU D 586 -3.47 -14.90 -15.49
N ARG D 587 -4.24 -15.64 -14.68
CA ARG D 587 -3.76 -16.94 -14.23
C ARG D 587 -3.49 -17.86 -15.42
N TYR D 588 -4.43 -17.91 -16.35
CA TYR D 588 -4.25 -18.77 -17.52
C TYR D 588 -3.05 -18.33 -18.35
N GLN D 589 -2.92 -17.01 -18.56
CA GLN D 589 -1.81 -16.53 -19.38
C GLN D 589 -0.49 -16.94 -18.76
N LEU D 590 -0.34 -16.77 -17.44
CA LEU D 590 0.91 -17.16 -16.81
C LEU D 590 1.17 -18.65 -16.91
N VAL D 591 0.12 -19.48 -16.85
CA VAL D 591 0.37 -20.91 -17.06
C VAL D 591 1.04 -21.12 -18.41
N LEU D 592 0.44 -20.56 -19.46
CA LEU D 592 0.97 -20.80 -20.80
C LEU D 592 2.39 -20.26 -20.93
N GLN D 593 2.62 -19.05 -20.42
CA GLN D 593 3.92 -18.44 -20.57
C GLN D 593 4.98 -19.24 -19.84
N TYR D 594 4.63 -19.81 -18.69
CA TYR D 594 5.59 -20.65 -17.99
C TYR D 594 6.00 -21.82 -18.85
N HIS D 595 5.02 -22.49 -19.44
CA HIS D 595 5.38 -23.66 -20.23
C HIS D 595 6.23 -23.28 -21.44
N SER D 596 5.90 -22.16 -22.07
CA SER D 596 6.69 -21.72 -23.21
C SER D 596 8.11 -21.40 -22.78
N ARG D 597 8.28 -20.77 -21.61
CA ARG D 597 9.62 -20.46 -21.14
C ARG D 597 10.41 -21.73 -20.89
N LEU D 598 9.78 -22.76 -20.31
CA LEU D 598 10.48 -24.03 -20.15
C LEU D 598 10.96 -24.57 -21.49
N LEU D 599 10.05 -24.65 -22.45
CA LEU D 599 10.43 -25.19 -23.74
C LEU D 599 11.58 -24.40 -24.35
N ASP D 600 11.56 -23.08 -24.16
CA ASP D 600 12.59 -22.25 -24.75
C ASP D 600 13.94 -22.47 -24.09
N GLU D 601 13.98 -22.56 -22.75
CA GLU D 601 15.22 -22.92 -22.09
C GLU D 601 15.71 -24.27 -22.56
N THR D 602 14.78 -25.21 -22.78
CA THR D 602 15.17 -26.53 -23.25
C THR D 602 15.81 -26.45 -24.64
N TRP D 603 15.20 -25.70 -25.55
CA TRP D 603 15.79 -25.53 -26.87
C TRP D 603 17.18 -24.92 -26.76
N MET D 604 17.33 -23.91 -25.89
CA MET D 604 18.63 -23.30 -25.71
C MET D 604 19.64 -24.31 -25.21
N ASP D 605 19.20 -25.27 -24.40
CA ASP D 605 20.12 -26.26 -23.88
C ASP D 605 20.48 -27.30 -24.93
N LEU D 606 19.52 -27.68 -25.78
CA LEU D 606 19.76 -28.77 -26.71
C LEU D 606 20.75 -28.40 -27.80
N ASN D 607 20.91 -27.12 -28.11
CA ASN D 607 21.73 -26.71 -29.22
C ASN D 607 22.98 -25.95 -28.80
N LYS D 608 23.26 -25.86 -27.52
CA LYS D 608 24.42 -25.09 -27.08
C LYS D 608 25.40 -25.87 -26.24
N THR D 609 24.94 -26.77 -25.39
CA THR D 609 25.85 -27.52 -24.53
C THR D 609 26.59 -28.55 -25.37
N PRO D 610 27.92 -28.53 -25.39
CA PRO D 610 28.66 -29.43 -26.30
C PRO D 610 28.36 -30.89 -26.05
N SER D 611 27.82 -31.25 -24.90
CA SER D 611 27.48 -32.63 -24.62
C SER D 611 26.55 -33.21 -25.67
N TRP D 612 25.69 -32.41 -26.27
CA TRP D 612 24.70 -32.89 -27.20
C TRP D 612 25.18 -32.89 -28.64
N LYS D 613 26.32 -32.29 -28.92
CA LYS D 613 26.80 -32.25 -30.30
C LYS D 613 27.27 -33.63 -30.72
N TYR D 614 27.11 -33.92 -32.01
CA TYR D 614 27.41 -35.21 -32.59
C TYR D 614 28.89 -35.30 -32.94
N ARG D 615 29.60 -36.25 -32.32
CA ARG D 615 31.01 -36.48 -32.61
C ARG D 615 31.26 -37.98 -32.78
N GLY D 616 30.37 -38.64 -33.51
CA GLY D 616 30.60 -40.03 -33.90
C GLY D 616 30.45 -41.04 -32.79
N TYR D 617 29.23 -41.29 -32.31
CA TYR D 617 29.05 -42.15 -31.16
C TYR D 617 28.48 -43.53 -31.51
N SER D 618 27.26 -43.60 -32.05
CA SER D 618 26.59 -44.86 -32.33
C SER D 618 25.30 -44.62 -33.08
N HIS D 619 25.04 -45.36 -34.15
CA HIS D 619 23.85 -45.03 -34.93
C HIS D 619 22.57 -45.34 -34.17
N THR D 620 22.62 -46.30 -33.26
CA THR D 620 21.47 -46.62 -32.42
C THR D 620 21.08 -45.48 -31.47
N VAL D 621 22.05 -44.83 -30.83
CA VAL D 621 21.71 -43.75 -29.89
C VAL D 621 21.04 -42.59 -30.61
N LYS D 622 21.57 -42.16 -31.75
CA LYS D 622 20.88 -41.14 -32.53
C LYS D 622 19.50 -41.60 -32.98
N ARG D 623 19.41 -42.78 -33.59
CA ARG D 623 18.10 -43.24 -34.03
C ARG D 623 17.09 -43.22 -32.88
N ARG D 624 17.54 -43.51 -31.66
CA ARG D 624 16.57 -43.80 -30.61
C ARG D 624 16.64 -42.86 -29.41
N ILE D 625 17.73 -42.15 -29.18
CA ILE D 625 17.82 -41.22 -28.05
C ILE D 625 17.72 -39.77 -28.51
N VAL D 626 18.72 -39.28 -29.25
CA VAL D 626 18.83 -37.84 -29.40
C VAL D 626 17.92 -37.34 -30.50
N ARG D 627 17.89 -38.02 -31.65
CA ARG D 627 17.04 -37.53 -32.71
C ARG D 627 15.57 -37.56 -32.30
N ALA D 628 15.13 -38.65 -31.68
CA ALA D 628 13.73 -38.73 -31.27
C ALA D 628 13.43 -37.68 -30.21
N THR D 629 14.37 -37.45 -29.30
CA THR D 629 14.20 -36.41 -28.30
C THR D 629 13.96 -35.08 -28.99
N ARG D 630 14.80 -34.74 -29.96
CA ARG D 630 14.64 -33.48 -30.66
C ARG D 630 13.30 -33.43 -31.37
N VAL D 631 12.92 -34.52 -32.03
CA VAL D 631 11.67 -34.53 -32.78
C VAL D 631 10.50 -34.23 -31.87
N LEU D 632 10.46 -34.91 -30.73
CA LEU D 632 9.32 -34.75 -29.86
C LEU D 632 9.35 -33.38 -29.19
N HIS D 633 10.54 -32.89 -28.86
CA HIS D 633 10.65 -31.54 -28.29
C HIS D 633 10.09 -30.51 -29.25
N ALA D 634 10.49 -30.59 -30.51
CA ALA D 634 9.99 -29.64 -31.49
C ALA D 634 8.48 -29.77 -31.66
N LYS D 635 7.97 -31.01 -31.65
CA LYS D 635 6.52 -31.19 -31.73
C LYS D 635 5.81 -30.45 -30.60
N MET D 636 6.27 -30.67 -29.36
CA MET D 636 5.65 -30.03 -28.21
C MET D 636 5.70 -28.52 -28.33
N ASN D 637 6.87 -27.99 -28.72
CA ASN D 637 7.01 -26.54 -28.83
C ASN D 637 6.09 -25.97 -29.89
N HIS D 638 6.00 -26.62 -31.04
CA HIS D 638 5.10 -26.16 -32.09
C HIS D 638 3.67 -26.11 -31.58
N PHE D 639 3.24 -27.17 -30.89
CA PHE D 639 1.86 -27.18 -30.40
C PHE D 639 1.62 -26.05 -29.40
N ILE D 640 2.54 -25.88 -28.45
CA ILE D 640 2.34 -24.87 -27.42
C ILE D 640 2.26 -23.48 -28.04
N LYS D 641 3.21 -23.16 -28.92
CA LYS D 641 3.18 -21.86 -29.56
C LYS D 641 1.92 -21.68 -30.39
N THR D 642 1.43 -22.75 -31.02
CA THR D 642 0.21 -22.63 -31.82
C THR D 642 -0.99 -22.31 -30.94
N ILE D 643 -1.06 -22.97 -29.78
CA ILE D 643 -2.14 -22.66 -28.84
C ILE D 643 -2.09 -21.20 -28.45
N MET D 644 -0.91 -20.72 -28.09
CA MET D 644 -0.78 -19.32 -27.72
C MET D 644 -1.19 -18.41 -28.88
N GLU D 645 -0.77 -18.76 -30.10
CA GLU D 645 -1.05 -17.93 -31.25
C GLU D 645 -2.55 -17.78 -31.46
N TYR D 646 -3.26 -18.91 -31.48
CA TYR D 646 -4.71 -18.83 -31.60
C TYR D 646 -5.28 -17.93 -30.52
N PHE D 647 -4.93 -18.22 -29.26
CA PHE D 647 -5.61 -17.54 -28.17
C PHE D 647 -5.39 -16.04 -28.24
N ASN D 648 -4.12 -15.60 -28.24
CA ASN D 648 -3.87 -14.16 -28.19
C ASN D 648 -4.36 -13.46 -29.44
N GLN D 649 -4.26 -14.10 -30.61
CA GLN D 649 -4.56 -13.33 -31.81
C GLN D 649 -6.05 -13.28 -32.11
N ASN D 650 -6.76 -14.40 -31.96
CA ASN D 650 -8.17 -14.42 -32.28
C ASN D 650 -9.07 -14.39 -31.06
N VAL D 651 -8.54 -14.08 -29.87
CA VAL D 651 -9.31 -14.05 -28.64
C VAL D 651 -9.22 -12.68 -27.95
N ILE D 652 -8.03 -12.14 -27.82
CA ILE D 652 -7.81 -11.00 -26.94
C ILE D 652 -7.96 -9.67 -27.68
N ASP D 653 -7.43 -9.55 -28.89
CA ASP D 653 -7.42 -8.24 -29.53
C ASP D 653 -8.81 -7.74 -29.85
N LYS D 654 -9.78 -8.65 -29.99
CA LYS D 654 -11.16 -8.22 -30.25
C LYS D 654 -11.64 -7.25 -29.20
N GLU D 655 -11.49 -7.62 -27.93
CA GLU D 655 -12.02 -6.85 -26.82
C GLU D 655 -11.32 -5.52 -26.66
N VAL D 656 -9.99 -5.51 -26.69
CA VAL D 656 -9.28 -4.25 -26.53
C VAL D 656 -9.58 -3.32 -27.70
N TYR D 657 -9.78 -3.89 -28.90
CA TYR D 657 -10.07 -3.05 -30.04
C TYR D 657 -11.45 -2.42 -29.94
N SER D 658 -12.44 -3.21 -29.51
CA SER D 658 -13.77 -2.62 -29.29
C SER D 658 -13.73 -1.58 -28.19
N LEU D 659 -13.02 -1.85 -27.10
CA LEU D 659 -12.93 -0.90 -26.01
C LEU D 659 -12.27 0.39 -26.45
N GLU D 660 -11.24 0.30 -27.28
CA GLU D 660 -10.61 1.51 -27.79
C GLU D 660 -11.55 2.28 -28.69
N LYS D 661 -12.33 1.57 -29.52
CA LYS D 661 -13.20 2.29 -30.43
C LYS D 661 -14.38 2.94 -29.71
N CYS D 662 -14.82 2.37 -28.57
CA CYS D 662 -15.91 3.02 -27.86
C CYS D 662 -15.47 4.27 -27.11
N TYR D 663 -14.16 4.45 -26.93
CA TYR D 663 -13.64 5.72 -26.41
C TYR D 663 -13.88 6.87 -27.36
N ARG D 664 -14.19 6.61 -28.61
CA ARG D 664 -14.43 7.63 -29.61
C ARG D 664 -15.92 7.91 -29.68
N ASN D 665 -16.29 9.19 -29.61
CA ASN D 665 -17.68 9.63 -29.59
C ASN D 665 -18.44 9.00 -28.42
N PRO D 666 -18.04 9.28 -27.18
CA PRO D 666 -18.71 8.64 -26.04
C PRO D 666 -19.96 9.41 -25.64
N THR D 667 -21.05 8.66 -25.44
CA THR D 667 -22.34 9.27 -25.16
C THR D 667 -22.99 8.78 -23.89
N LEU D 668 -22.81 7.52 -23.51
CA LEU D 668 -23.51 6.96 -22.37
C LEU D 668 -22.54 6.11 -21.56
N ALA D 669 -22.45 6.41 -20.26
CA ALA D 669 -21.55 5.66 -19.39
C ALA D 669 -22.01 4.21 -19.27
N VAL D 670 -23.32 3.98 -19.19
CA VAL D 670 -23.82 2.64 -18.95
C VAL D 670 -23.50 1.73 -20.12
N ALA D 671 -23.55 2.27 -21.34
CA ALA D 671 -23.14 1.47 -22.50
C ALA D 671 -21.65 1.15 -22.43
N ILE D 672 -20.84 2.08 -21.93
CA ILE D 672 -19.41 1.83 -21.78
C ILE D 672 -19.18 0.67 -20.82
N GLN D 673 -19.83 0.72 -19.67
CA GLN D 673 -19.73 -0.36 -18.70
C GLN D 673 -20.20 -1.68 -19.29
N ASN D 674 -21.33 -1.65 -20.01
CA ASN D 674 -21.88 -2.87 -20.58
C ASN D 674 -20.94 -3.46 -21.61
N GLU D 675 -20.35 -2.62 -22.46
CA GLU D 675 -19.42 -3.12 -23.48
C GLU D 675 -18.17 -3.72 -22.85
N LEU D 676 -17.62 -3.05 -21.83
CA LEU D 676 -16.43 -3.59 -21.17
C LEU D 676 -16.72 -4.97 -20.58
N GLU D 677 -17.83 -5.09 -19.85
CA GLU D 677 -18.14 -6.39 -19.28
C GLU D 677 -18.47 -7.41 -20.35
N GLY D 678 -19.08 -6.98 -21.45
CA GLY D 678 -19.39 -7.91 -22.52
C GLY D 678 -18.14 -8.46 -23.16
N GLY D 679 -17.14 -7.61 -23.37
CA GLY D 679 -15.86 -8.09 -23.87
C GLY D 679 -15.23 -9.09 -22.92
N LEU D 680 -15.23 -8.76 -21.62
CA LEU D 680 -14.64 -9.69 -20.66
C LEU D 680 -15.37 -11.03 -20.65
N THR D 681 -16.69 -11.01 -20.61
CA THR D 681 -17.43 -12.26 -20.58
C THR D 681 -17.20 -13.05 -21.86
N ASN D 682 -17.18 -12.37 -23.00
CA ASN D 682 -16.90 -13.06 -24.26
C ASN D 682 -15.53 -13.68 -24.25
N ILE D 683 -14.58 -13.10 -23.51
CA ILE D 683 -13.34 -13.82 -23.27
C ILE D 683 -13.61 -15.08 -22.47
N MET D 684 -14.40 -14.97 -21.41
CA MET D 684 -14.59 -16.12 -20.53
C MET D 684 -15.37 -17.24 -21.18
N THR D 685 -16.31 -16.94 -22.06
CA THR D 685 -17.20 -17.98 -22.58
C THR D 685 -16.48 -19.03 -23.40
N ASN D 686 -15.25 -18.78 -23.84
CA ASN D 686 -14.57 -19.70 -24.72
C ASN D 686 -14.32 -21.03 -24.00
N ARG D 687 -14.67 -22.14 -24.67
CA ARG D 687 -14.48 -23.46 -24.08
C ARG D 687 -13.02 -23.85 -24.00
N CYS D 688 -12.13 -23.07 -24.61
CA CYS D 688 -10.70 -23.31 -24.45
C CYS D 688 -10.25 -23.04 -23.02
N LEU D 689 -11.05 -22.35 -22.22
CA LEU D 689 -10.80 -22.18 -20.80
C LEU D 689 -11.61 -23.15 -19.93
N SER D 690 -12.71 -23.70 -20.45
CA SER D 690 -13.62 -24.44 -19.60
C SER D 690 -13.67 -25.92 -19.96
N ASP D 691 -14.01 -26.21 -21.21
CA ASP D 691 -14.29 -27.58 -21.61
C ASP D 691 -13.03 -28.32 -22.06
N LEU D 692 -12.12 -27.64 -22.73
CA LEU D 692 -10.92 -28.28 -23.21
C LEU D 692 -9.85 -28.39 -22.13
N ILE D 693 -10.02 -27.68 -21.02
CA ILE D 693 -8.93 -27.44 -20.08
C ILE D 693 -8.30 -28.70 -19.50
N PRO D 694 -9.04 -29.76 -19.15
CA PRO D 694 -8.35 -30.95 -18.63
C PRO D 694 -7.38 -31.54 -19.62
N LEU D 695 -7.72 -31.49 -20.91
CA LEU D 695 -6.78 -31.91 -21.94
C LEU D 695 -5.48 -31.14 -21.81
N GLN D 696 -5.59 -29.82 -21.69
CA GLN D 696 -4.40 -28.99 -21.59
C GLN D 696 -3.61 -29.30 -20.34
N LEU D 697 -4.29 -29.61 -19.23
CA LEU D 697 -3.55 -29.94 -18.02
C LEU D 697 -2.81 -31.27 -18.15
N GLN D 698 -3.44 -32.27 -18.78
CA GLN D 698 -2.71 -33.52 -19.01
C GLN D 698 -1.54 -33.29 -19.96
N ILE D 699 -1.76 -32.45 -20.97
CA ILE D 699 -0.68 -31.98 -21.84
C ILE D 699 0.45 -31.43 -21.00
N PHE D 700 0.11 -30.57 -20.05
CA PHE D 700 1.12 -29.86 -19.29
C PHE D 700 1.87 -30.81 -18.38
N ASP D 701 1.18 -31.79 -17.81
CA ASP D 701 1.88 -32.82 -17.05
C ASP D 701 2.91 -33.53 -17.90
N ILE D 702 2.50 -33.95 -19.10
CA ILE D 702 3.42 -34.67 -19.99
C ILE D 702 4.63 -33.80 -20.31
N VAL D 703 4.39 -32.55 -20.70
CA VAL D 703 5.48 -31.70 -21.15
C VAL D 703 6.39 -31.32 -19.98
N TYR D 704 5.81 -31.10 -18.81
CA TYR D 704 6.62 -30.82 -17.63
C TYR D 704 7.56 -31.97 -17.35
N LYS D 705 7.03 -33.19 -17.33
CA LYS D 705 7.87 -34.34 -17.04
C LYS D 705 8.94 -34.51 -18.10
N PHE D 706 8.58 -34.36 -19.37
CA PHE D 706 9.56 -34.52 -20.43
C PHE D 706 10.68 -33.49 -20.31
N CYS D 707 10.33 -32.23 -20.07
CA CYS D 707 11.35 -31.20 -19.99
C CYS D 707 12.27 -31.43 -18.80
N LYS D 708 11.71 -31.85 -17.66
CA LYS D 708 12.56 -32.21 -16.55
C LYS D 708 13.51 -33.34 -16.94
N PHE D 709 12.99 -34.32 -17.66
CA PHE D 709 13.83 -35.44 -18.07
C PHE D 709 14.99 -34.96 -18.94
N ILE D 710 14.72 -34.05 -19.86
CA ILE D 710 15.76 -33.56 -20.75
C ILE D 710 16.80 -32.75 -19.96
N LYS D 711 16.33 -31.93 -19.03
CA LYS D 711 17.24 -31.18 -18.19
C LYS D 711 18.16 -32.12 -17.43
N SER D 712 17.64 -33.28 -17.04
CA SER D 712 18.48 -34.30 -16.42
C SER D 712 19.42 -34.94 -17.44
N MET D 713 18.92 -35.18 -18.66
CA MET D 713 19.73 -35.80 -19.69
C MET D 713 21.00 -35.01 -19.96
N ARG D 714 20.93 -33.69 -19.78
CA ARG D 714 22.09 -32.84 -20.05
C ARG D 714 23.35 -33.36 -19.36
N ALA D 715 23.21 -33.84 -18.12
CA ALA D 715 24.34 -34.45 -17.44
C ALA D 715 24.30 -35.97 -17.50
N LYS D 716 23.13 -36.56 -17.74
CA LYS D 716 23.02 -38.01 -17.81
C LYS D 716 23.80 -38.59 -18.98
N LEU D 717 23.81 -37.88 -20.12
CA LEU D 717 24.47 -38.41 -21.31
C LEU D 717 25.97 -38.56 -21.14
N CYS D 718 26.52 -37.94 -20.10
CA CYS D 718 27.97 -37.86 -19.96
C CYS D 718 28.63 -39.24 -19.82
N GLN D 719 27.91 -40.26 -19.38
CA GLN D 719 28.49 -41.56 -19.10
C GLN D 719 27.99 -42.64 -20.04
N LEU D 720 27.95 -42.37 -21.34
CA LEU D 720 27.46 -43.34 -22.29
C LEU D 720 28.46 -43.65 -23.40
N ASP D 721 29.69 -43.19 -23.29
CA ASP D 721 30.60 -43.22 -24.43
C ASP D 721 31.99 -43.59 -23.94
N PRO D 722 32.83 -44.09 -24.84
CA PRO D 722 34.28 -43.97 -24.62
C PRO D 722 34.76 -42.53 -24.64
N GLY D 751 32.22 -48.23 -16.42
CA GLY D 751 31.93 -46.94 -17.01
C GLY D 751 32.20 -46.90 -18.49
N TYR D 752 33.25 -47.60 -18.91
CA TYR D 752 33.62 -47.69 -20.33
C TYR D 752 32.80 -48.79 -20.99
N GLN D 753 31.49 -48.59 -21.03
CA GLN D 753 30.55 -49.59 -21.56
C GLN D 753 30.75 -50.92 -20.85
N GLU D 754 31.00 -50.82 -19.55
CA GLU D 754 31.56 -51.92 -18.75
C GLU D 754 30.44 -52.69 -18.08
N ASP D 755 29.65 -53.38 -18.90
CA ASP D 755 28.40 -53.98 -18.46
C ASP D 755 27.58 -52.98 -17.66
N ALA D 756 27.60 -51.73 -18.12
CA ALA D 756 26.97 -50.62 -17.44
C ALA D 756 26.31 -49.73 -18.47
N ALA D 757 25.22 -49.08 -18.05
CA ALA D 757 24.52 -48.11 -18.87
C ALA D 757 23.88 -48.72 -20.10
N LEU D 758 24.09 -50.02 -20.31
CA LEU D 758 23.38 -50.72 -21.38
C LEU D 758 21.91 -50.89 -21.07
N GLU D 759 21.58 -51.34 -19.85
CA GLU D 759 20.19 -51.26 -19.42
C GLU D 759 19.77 -49.81 -19.25
N LEU D 760 20.70 -48.90 -18.90
CA LEU D 760 20.35 -47.49 -18.88
C LEU D 760 19.98 -47.00 -20.27
N ILE D 761 20.75 -47.39 -21.29
CA ILE D 761 20.40 -47.01 -22.65
C ILE D 761 19.04 -47.57 -23.02
N GLN D 762 18.80 -48.83 -22.68
CA GLN D 762 17.51 -49.44 -22.99
C GLN D 762 16.38 -48.72 -22.28
N LYS D 763 16.57 -48.38 -21.01
CA LYS D 763 15.53 -47.70 -20.26
C LYS D 763 15.29 -46.30 -20.80
N LEU D 764 16.36 -45.60 -21.19
CA LEU D 764 16.21 -44.29 -21.79
C LEU D 764 15.39 -44.39 -23.07
N ILE D 765 15.70 -45.40 -23.90
CA ILE D 765 14.96 -45.59 -25.14
C ILE D 765 13.50 -45.81 -24.84
N GLU D 766 13.21 -46.67 -23.87
CA GLU D 766 11.82 -46.96 -23.57
C GLU D 766 11.12 -45.73 -23.01
N TYR D 767 11.82 -44.95 -22.19
CA TYR D 767 11.25 -43.74 -21.60
C TYR D 767 10.84 -42.77 -22.70
N ILE D 768 11.76 -42.52 -23.62
CA ILE D 768 11.47 -41.65 -24.75
C ILE D 768 10.31 -42.20 -25.56
N SER D 769 10.33 -43.50 -25.84
CA SER D 769 9.30 -44.09 -26.69
C SER D 769 7.93 -43.98 -26.04
N ASN D 770 7.86 -44.26 -24.74
CA ASN D 770 6.58 -44.22 -24.05
C ASN D 770 6.06 -42.80 -23.94
N ALA D 771 6.94 -41.83 -23.63
CA ALA D 771 6.49 -40.44 -23.58
C ALA D 771 5.98 -40.00 -24.94
N SER D 772 6.70 -40.36 -26.00
CA SER D 772 6.28 -40.00 -27.34
C SER D 772 4.91 -40.59 -27.66
N SER D 773 4.72 -41.88 -27.40
CA SER D 773 3.45 -42.52 -27.72
C SER D 773 2.31 -41.90 -26.93
N ILE D 774 2.56 -41.62 -25.64
CA ILE D 774 1.56 -40.93 -24.83
C ILE D 774 1.16 -39.63 -25.50
N PHE D 775 2.16 -38.87 -25.96
CA PHE D 775 1.85 -37.55 -26.51
C PHE D 775 1.13 -37.68 -27.84
N ARG D 776 1.44 -38.74 -28.61
CA ARG D 776 0.68 -38.99 -29.83
C ARG D 776 -0.79 -39.22 -29.49
N LYS D 777 -1.05 -40.09 -28.50
CA LYS D 777 -2.44 -40.37 -28.15
C LYS D 777 -3.16 -39.12 -27.68
N CYS D 778 -2.49 -38.32 -26.85
CA CYS D 778 -3.13 -37.13 -26.32
C CYS D 778 -3.44 -36.13 -27.43
N LEU D 779 -2.50 -35.91 -28.36
CA LEU D 779 -2.81 -35.03 -29.48
C LEU D 779 -3.93 -35.59 -30.35
N ILE D 780 -3.99 -36.92 -30.51
CA ILE D 780 -5.07 -37.49 -31.32
C ILE D 780 -6.41 -37.25 -30.64
N ASN D 781 -6.46 -37.38 -29.31
CA ASN D 781 -7.72 -37.12 -28.61
C ASN D 781 -8.07 -35.64 -28.67
N PHE D 782 -7.06 -34.76 -28.64
CA PHE D 782 -7.32 -33.34 -28.80
C PHE D 782 -7.91 -33.08 -30.19
N THR D 783 -7.38 -33.78 -31.20
CA THR D 783 -7.98 -33.74 -32.52
C THR D 783 -9.41 -34.21 -32.47
N GLN D 784 -9.66 -35.29 -31.73
CA GLN D 784 -11.01 -35.86 -31.66
C GLN D 784 -12.00 -34.85 -31.10
N GLU D 785 -11.62 -34.14 -30.04
CA GLU D 785 -12.54 -33.17 -29.47
C GLU D 785 -12.64 -31.93 -30.35
N LEU D 786 -11.56 -31.54 -31.01
CA LEU D 786 -11.64 -30.43 -31.95
C LEU D 786 -12.64 -30.73 -33.06
N SER D 787 -12.53 -31.92 -33.65
CA SER D 787 -13.44 -32.29 -34.72
C SER D 787 -14.85 -32.58 -34.24
N THR D 788 -15.01 -32.92 -32.95
CA THR D 788 -16.33 -33.34 -32.46
C THR D 788 -17.35 -32.22 -32.57
N GLU D 789 -17.02 -31.02 -32.06
CA GLU D 789 -17.91 -29.88 -32.22
C GLU D 789 -17.09 -28.68 -32.63
N ALA D 801 -15.06 -17.92 -34.25
CA ALA D 801 -13.95 -18.59 -33.62
C ALA D 801 -13.06 -19.28 -34.65
N ALA D 802 -12.19 -18.49 -35.29
CA ALA D 802 -11.36 -19.01 -36.37
C ALA D 802 -10.29 -19.99 -35.90
N GLY D 803 -10.30 -20.38 -34.62
CA GLY D 803 -9.38 -21.40 -34.16
C GLY D 803 -9.50 -22.71 -34.87
N ILE D 804 -10.65 -22.99 -35.46
CA ILE D 804 -10.82 -24.12 -36.37
C ILE D 804 -10.00 -23.86 -37.62
N GLU D 805 -9.44 -24.92 -38.20
CA GLU D 805 -8.38 -24.87 -39.22
C GLU D 805 -7.31 -23.83 -38.87
N ARG D 806 -7.10 -23.59 -37.60
CA ARG D 806 -5.98 -22.77 -37.12
C ARG D 806 -5.09 -23.51 -36.15
N VAL D 807 -5.69 -24.20 -35.17
CA VAL D 807 -4.93 -24.99 -34.22
C VAL D 807 -4.59 -26.36 -34.78
N LEU D 808 -5.43 -26.89 -35.66
CA LEU D 808 -5.33 -28.29 -36.04
C LEU D 808 -4.26 -28.53 -37.09
N TYR D 809 -3.73 -27.46 -37.70
CA TYR D 809 -2.78 -27.65 -38.79
C TYR D 809 -1.48 -28.31 -38.31
N SER D 810 -1.01 -27.94 -37.12
CA SER D 810 0.29 -28.43 -36.68
C SER D 810 0.24 -29.83 -36.08
N ILE D 811 -0.94 -30.39 -35.86
CA ILE D 811 -1.09 -31.68 -35.19
C ILE D 811 -1.47 -32.78 -36.17
N VAL D 812 -2.41 -32.51 -37.08
CA VAL D 812 -2.98 -33.53 -37.96
C VAL D 812 -1.87 -34.33 -38.62
N PRO D 813 -1.73 -35.61 -38.31
CA PRO D 813 -0.57 -36.36 -38.76
C PRO D 813 -0.58 -36.56 -40.26
N PRO D 814 0.58 -36.42 -40.92
CA PRO D 814 0.76 -36.73 -42.33
C PRO D 814 0.70 -38.24 -42.59
#